data_6ELQ
#
_entry.id   6ELQ
#
_cell.length_a   209.150
_cell.length_b   209.150
_cell.length_c   93.410
_cell.angle_alpha   90.00
_cell.angle_beta   90.00
_cell.angle_gamma   120.00
#
_symmetry.space_group_name_H-M   'P 3 2 1'
#
loop_
_entity.id
_entity.type
_entity.pdbx_description
1 polymer 'Carbon Monoxide Dehydrogenase'
2 non-polymer 'IRON/SULFUR CLUSTER'
3 non-polymer 'FE(4)-NI(1)-S(5) CLUSTER with Oxygen'
4 water water
#
_entity_poly.entity_id   1
_entity_poly.type   'polypeptide(L)'
_entity_poly.pdbx_seq_one_letter_code
;MDKSKLSVDPVIPNLYRKAREEGISTVFDRYEAQQPQCGFGLTGLCCRHCVQGPCRIDPFGEGPQAGICGATAEVITARN
LLRQVTAGAAAHVDHAYDVLEVLEQIAQGTESYSIKDQEKLKQVAFTLGIDTANKTEQEIVEEMCQIIYRDFANSGATPM
TYLKANSPRERLETWEKLGVLPRNPDREIREALHQTTMGMDADPVNLILKTIRLGLVDGFAGLKLATDLQDIIFGTPQPV
VTEANLGVLKEDYVNIIVHGHVPLLSEKIVEWSRKLEDEAKKAGAKGINLAGICCTGNEVLMRQGVPLATNFLAQELAII
TGAVDLMVVDVQCIMPSLAEIAACYHTRLVTTMPIVKIPGAEHVPFTTETADEASQQIVRMAIESYQKRNPAKVYIPREK
AKVVAGFSVEAIVKALAKLNPDDPLKPLIDNIVSGNILGVVATVGCNNVKVKHDWFHIELVKELIKNNVLVVTTGCSAHA
LAKAGLMDPAAAEWAGEGLRAVLTAIGTANDLGGPLPPVLHMGSCVDNSRIGDLVIAVANYLKVSPKDLPIAASAPEYQH
EKALSIGTWAVAMGIMTHLGVVPPVVGSSKVTRILTQDAEALIGGKFYVETDPYKAAAGIIEHIKAKRALLNL
;
_entity_poly.pdbx_strand_id   X,A,B
#
# COMPACT_ATOMS: atom_id res chain seq x y z
N SER A 4 -22.58 -4.54 50.58
CA SER A 4 -22.27 -3.15 50.28
C SER A 4 -20.77 -2.93 50.16
N LYS A 5 -20.00 -3.93 50.57
CA LYS A 5 -18.54 -3.86 50.46
C LYS A 5 -18.05 -4.09 49.04
N LEU A 6 -18.89 -4.64 48.17
CA LEU A 6 -18.48 -4.91 46.80
C LEU A 6 -18.38 -3.64 45.98
N SER A 7 -19.33 -2.71 46.17
CA SER A 7 -19.44 -1.56 45.29
C SER A 7 -20.09 -0.40 46.02
N VAL A 8 -19.94 0.80 45.45
CA VAL A 8 -20.74 1.95 45.85
C VAL A 8 -21.92 2.18 44.92
N ASP A 9 -22.00 1.45 43.82
CA ASP A 9 -23.17 1.47 42.95
C ASP A 9 -24.37 0.90 43.70
N PRO A 10 -25.45 1.67 43.87
CA PRO A 10 -26.53 1.21 44.76
C PRO A 10 -27.27 -0.04 44.30
N VAL A 11 -27.23 -0.37 43.01
CA VAL A 11 -28.01 -1.51 42.53
C VAL A 11 -27.30 -2.84 42.75
N ILE A 12 -25.99 -2.83 43.02
CA ILE A 12 -25.18 -4.04 43.04
C ILE A 12 -25.58 -5.01 44.15
N PRO A 13 -25.68 -4.58 45.42
CA PRO A 13 -25.91 -5.57 46.50
C PRO A 13 -27.12 -6.46 46.28
N ASN A 14 -28.28 -5.88 45.93
CA ASN A 14 -29.48 -6.68 45.74
C ASN A 14 -29.32 -7.64 44.56
N LEU A 15 -28.84 -7.12 43.42
CA LEU A 15 -28.63 -7.99 42.27
C LEU A 15 -27.56 -9.05 42.54
N TYR A 16 -26.56 -8.72 43.35
CA TYR A 16 -25.57 -9.73 43.71
C TYR A 16 -26.18 -10.79 44.61
N ARG A 17 -26.94 -10.38 45.62
CA ARG A 17 -27.61 -11.33 46.50
C ARG A 17 -28.63 -12.16 45.72
N LYS A 18 -29.28 -11.56 44.73
CA LYS A 18 -30.18 -12.32 43.87
C LYS A 18 -29.42 -13.35 43.05
N ALA A 19 -28.19 -13.04 42.65
CA ALA A 19 -27.40 -14.00 41.87
C ALA A 19 -26.90 -15.14 42.74
N ARG A 20 -26.51 -14.84 43.99
CA ARG A 20 -26.04 -15.89 44.88
C ARG A 20 -27.16 -16.86 45.24
N GLU A 21 -28.37 -16.34 45.48
CA GLU A 21 -29.49 -17.21 45.83
C GLU A 21 -29.85 -18.14 44.70
N GLU A 22 -29.55 -17.75 43.46
CA GLU A 22 -29.77 -18.60 42.29
C GLU A 22 -28.55 -19.44 41.93
N GLY A 23 -27.51 -19.40 42.75
CA GLY A 23 -26.31 -20.20 42.50
C GLY A 23 -25.57 -19.79 41.25
N ILE A 24 -25.47 -18.49 40.98
CA ILE A 24 -24.83 -17.97 39.78
C ILE A 24 -23.53 -17.30 40.18
N SER A 25 -22.45 -17.67 39.48
CA SER A 25 -21.12 -17.14 39.79
C SER A 25 -20.95 -15.76 39.18
N THR A 26 -20.49 -14.81 39.98
CA THR A 26 -20.22 -13.45 39.53
C THR A 26 -18.73 -13.18 39.56
N VAL A 27 -18.36 -12.02 39.00
CA VAL A 27 -16.96 -11.62 38.96
C VAL A 27 -16.40 -11.41 40.36
N PHE A 28 -17.27 -11.04 41.32
CA PHE A 28 -16.82 -10.84 42.69
C PHE A 28 -16.55 -12.16 43.40
N ASP A 29 -17.25 -13.22 43.02
CA ASP A 29 -17.02 -14.53 43.61
C ASP A 29 -15.75 -15.17 43.08
N ARG A 30 -15.50 -15.04 41.78
CA ARG A 30 -14.31 -15.63 41.19
C ARG A 30 -13.04 -14.93 41.65
N TYR A 31 -13.14 -13.64 42.02
CA TYR A 31 -11.98 -12.95 42.57
C TYR A 31 -11.68 -13.42 43.98
N GLU A 32 -12.71 -13.47 44.85
CA GLU A 32 -12.50 -13.98 46.20
C GLU A 32 -11.92 -15.38 46.18
N ALA A 33 -12.32 -16.19 45.19
CA ALA A 33 -11.79 -17.54 45.07
C ALA A 33 -10.33 -17.57 44.61
N GLN A 34 -9.82 -16.47 44.04
CA GLN A 34 -8.43 -16.39 43.61
C GLN A 34 -7.51 -15.84 44.69
N GLN A 35 -8.04 -15.10 45.65
CA GLN A 35 -7.20 -14.51 46.69
C GLN A 35 -6.69 -15.59 47.63
N PRO A 36 -5.40 -15.53 48.02
CA PRO A 36 -4.45 -14.50 47.58
C PRO A 36 -3.92 -14.77 46.17
N GLN A 37 -3.78 -13.72 45.37
CA GLN A 37 -3.24 -13.86 44.03
C GLN A 37 -1.72 -14.03 44.09
N CYS A 38 -1.17 -14.57 43.00
CA CYS A 38 0.27 -14.82 42.94
C CYS A 38 1.06 -13.51 42.98
N GLY A 39 1.97 -13.41 43.95
CA GLY A 39 2.76 -12.20 44.10
C GLY A 39 3.77 -11.98 43.00
N PHE A 40 4.23 -13.05 42.35
CA PHE A 40 5.16 -12.88 41.24
C PHE A 40 4.47 -12.30 40.02
N GLY A 41 3.22 -12.68 39.78
CA GLY A 41 2.47 -12.12 38.66
C GLY A 41 2.01 -10.70 38.91
N LEU A 42 1.62 -10.39 40.15
CA LEU A 42 1.16 -9.04 40.46
C LEU A 42 2.28 -8.02 40.26
N THR A 43 3.49 -8.35 40.70
CA THR A 43 4.61 -7.42 40.61
C THR A 43 5.27 -7.42 39.24
N GLY A 44 4.97 -8.41 38.40
CA GLY A 44 5.62 -8.52 37.11
C GLY A 44 6.89 -9.35 37.09
N LEU A 45 7.15 -10.11 38.15
CA LEU A 45 8.34 -10.96 38.24
C LEU A 45 8.01 -12.41 37.96
N CYS A 46 7.39 -12.65 36.81
CA CYS A 46 7.18 -13.99 36.28
C CYS A 46 7.17 -13.90 34.77
N CYS A 47 7.81 -14.87 34.11
CA CYS A 47 7.94 -14.83 32.66
C CYS A 47 7.68 -16.22 32.09
N ARG A 48 6.83 -16.27 31.06
CA ARG A 48 6.52 -17.50 30.35
C ARG A 48 6.69 -17.33 28.85
N HIS A 49 7.53 -16.39 28.43
CA HIS A 49 7.71 -16.09 27.00
C HIS A 49 8.49 -17.16 26.26
N CYS A 50 8.93 -18.21 26.94
CA CYS A 50 9.47 -19.38 26.27
C CYS A 50 9.11 -20.61 27.08
N VAL A 51 9.16 -21.77 26.42
CA VAL A 51 8.76 -23.03 27.06
C VAL A 51 9.80 -23.57 28.03
N GLN A 52 10.90 -22.85 28.25
CA GLN A 52 11.78 -23.20 29.35
C GLN A 52 11.20 -22.76 30.69
N GLY A 53 10.35 -21.74 30.69
CA GLY A 53 9.76 -21.23 31.90
C GLY A 53 8.66 -22.13 32.44
N PRO A 54 7.89 -21.62 33.43
CA PRO A 54 7.96 -20.25 33.95
C PRO A 54 9.21 -19.95 34.78
N CYS A 55 9.67 -18.71 34.71
CA CYS A 55 10.77 -18.21 35.53
C CYS A 55 10.25 -17.08 36.39
N ARG A 56 10.64 -17.07 37.66
CA ARG A 56 10.24 -16.01 38.58
C ARG A 56 11.47 -15.48 39.29
N ILE A 57 11.35 -14.26 39.81
CA ILE A 57 12.44 -13.54 40.45
C ILE A 57 12.01 -13.13 41.84
N ASP A 58 12.84 -13.45 42.83
CA ASP A 58 12.60 -13.05 44.21
C ASP A 58 13.00 -11.60 44.40
N PRO A 59 12.04 -10.70 44.65
CA PRO A 59 12.37 -9.27 44.80
C PRO A 59 13.19 -8.97 46.06
N PHE A 60 13.28 -9.92 47.00
CA PHE A 60 13.87 -9.65 48.30
C PHE A 60 15.26 -10.25 48.46
N GLY A 61 15.83 -10.80 47.39
CA GLY A 61 17.24 -11.14 47.36
C GLY A 61 17.63 -12.52 47.80
N GLU A 62 16.67 -13.44 47.99
CA GLU A 62 16.98 -14.79 48.43
C GLU A 62 16.85 -15.83 47.32
N GLY A 63 15.82 -15.73 46.48
CA GLY A 63 15.64 -16.67 45.40
C GLY A 63 16.38 -16.23 44.15
N PRO A 64 15.97 -16.76 43.00
CA PRO A 64 16.67 -16.44 41.75
C PRO A 64 16.51 -14.99 41.36
N GLN A 65 17.61 -14.39 40.91
CA GLN A 65 17.62 -13.01 40.46
C GLN A 65 17.65 -12.88 38.94
N ALA A 66 17.43 -13.98 38.23
CA ALA A 66 17.34 -13.95 36.78
C ALA A 66 16.58 -15.18 36.30
N GLY A 67 16.01 -15.06 35.10
CA GLY A 67 15.37 -16.18 34.46
C GLY A 67 16.40 -17.15 33.92
N ILE A 68 15.89 -18.25 33.34
CA ILE A 68 16.76 -19.30 32.81
C ILE A 68 17.62 -18.75 31.68
N CYS A 69 17.06 -17.87 30.86
CA CYS A 69 17.82 -17.25 29.77
C CYS A 69 18.76 -16.17 30.27
N GLY A 70 18.58 -15.69 31.51
CA GLY A 70 19.37 -14.62 32.07
C GLY A 70 18.66 -13.30 32.20
N ALA A 71 17.36 -13.25 31.87
CA ALA A 71 16.61 -12.00 31.98
C ALA A 71 16.42 -11.62 33.45
N THR A 72 16.76 -10.37 33.77
CA THR A 72 16.63 -9.86 35.13
C THR A 72 15.25 -9.21 35.30
N ALA A 73 15.03 -8.56 36.45
CA ALA A 73 13.74 -7.95 36.71
C ALA A 73 13.47 -6.80 35.74
N GLU A 74 14.50 -6.01 35.42
CA GLU A 74 14.32 -4.89 34.50
C GLU A 74 13.94 -5.35 33.11
N VAL A 75 14.39 -6.54 32.71
CA VAL A 75 14.04 -7.06 31.39
C VAL A 75 12.66 -7.70 31.41
N ILE A 76 12.42 -8.58 32.40
CA ILE A 76 11.16 -9.33 32.45
C ILE A 76 9.99 -8.38 32.54
N THR A 77 10.06 -7.38 33.42
CA THR A 77 8.96 -6.45 33.59
C THR A 77 8.76 -5.58 32.36
N ALA A 78 9.84 -5.02 31.82
CA ALA A 78 9.71 -4.13 30.67
C ALA A 78 9.28 -4.88 29.42
N ARG A 79 9.79 -6.10 29.24
CA ARG A 79 9.38 -6.91 28.10
C ARG A 79 7.89 -7.23 28.17
N ASN A 80 7.40 -7.57 29.37
CA ASN A 80 5.98 -7.86 29.52
C ASN A 80 5.13 -6.62 29.27
N LEU A 81 5.57 -5.46 29.74
CA LEU A 81 4.82 -4.23 29.51
C LEU A 81 4.69 -3.94 28.02
N LEU A 82 5.76 -4.19 27.25
CA LEU A 82 5.71 -3.92 25.82
C LEU A 82 4.75 -4.86 25.11
N ARG A 83 4.75 -6.14 25.49
CA ARG A 83 3.85 -7.09 24.84
C ARG A 83 2.39 -6.78 25.13
N GLN A 84 2.07 -6.37 26.37
CA GLN A 84 0.70 -6.05 26.71
C GLN A 84 0.26 -4.71 26.15
N VAL A 85 1.17 -3.73 26.06
CA VAL A 85 0.83 -2.48 25.41
C VAL A 85 0.63 -2.71 23.92
N THR A 86 1.45 -3.57 23.31
CA THR A 86 1.27 -3.93 21.91
C THR A 86 -0.11 -4.58 21.70
N ALA A 87 -0.55 -5.40 22.65
CA ALA A 87 -1.83 -6.08 22.51
C ALA A 87 -3.00 -5.11 22.64
N GLY A 88 -2.91 -4.17 23.59
CA GLY A 88 -3.94 -3.15 23.69
C GLY A 88 -4.00 -2.27 22.46
N ALA A 89 -2.85 -1.99 21.86
CA ALA A 89 -2.83 -1.21 20.62
C ALA A 89 -3.45 -1.99 19.48
N ALA A 90 -3.16 -3.29 19.39
CA ALA A 90 -3.76 -4.11 18.34
C ALA A 90 -5.28 -4.12 18.44
N ALA A 91 -5.82 -4.04 19.66
CA ALA A 91 -7.27 -4.02 19.82
C ALA A 91 -7.88 -2.77 19.22
N HIS A 92 -7.33 -1.60 19.57
CA HIS A 92 -7.85 -0.35 19.03
C HIS A 92 -7.63 -0.25 17.53
N VAL A 93 -6.42 -0.60 17.06
CA VAL A 93 -6.13 -0.56 15.63
C VAL A 93 -7.12 -1.44 14.86
N ASP A 94 -7.29 -2.68 15.30
CA ASP A 94 -8.24 -3.58 14.63
C ASP A 94 -9.65 -3.03 14.71
N HIS A 95 -9.97 -2.30 15.79
CA HIS A 95 -11.25 -1.60 15.88
C HIS A 95 -11.33 -0.50 14.83
N ALA A 96 -10.34 0.40 14.80
CA ALA A 96 -10.36 1.49 13.83
C ALA A 96 -10.33 0.96 12.40
N TYR A 97 -9.53 -0.08 12.16
CA TYR A 97 -9.45 -0.68 10.83
C TYR A 97 -10.80 -1.19 10.38
N ASP A 98 -11.61 -1.70 11.32
CA ASP A 98 -12.96 -2.15 10.99
C ASP A 98 -13.80 -1.01 10.44
N VAL A 99 -13.74 0.16 11.10
CA VAL A 99 -14.47 1.32 10.63
C VAL A 99 -13.90 1.83 9.32
N LEU A 100 -12.60 1.64 9.11
CA LEU A 100 -11.98 2.04 7.84
C LEU A 100 -12.55 1.23 6.68
N GLU A 101 -12.80 -0.06 6.89
CA GLU A 101 -13.38 -0.89 5.84
C GLU A 101 -14.75 -0.35 5.41
N VAL A 102 -15.56 0.06 6.39
CA VAL A 102 -16.88 0.60 6.08
C VAL A 102 -16.75 1.93 5.34
N LEU A 103 -15.75 2.73 5.69
CA LEU A 103 -15.53 3.99 4.97
C LEU A 103 -15.18 3.73 3.51
N GLU A 104 -14.34 2.72 3.25
CA GLU A 104 -14.04 2.33 1.88
C GLU A 104 -15.28 1.75 1.21
N GLN A 105 -16.08 0.98 1.95
CA GLN A 105 -17.31 0.44 1.39
C GLN A 105 -18.32 1.54 1.08
N ILE A 106 -18.29 2.64 1.84
CA ILE A 106 -19.09 3.81 1.48
C ILE A 106 -18.54 4.46 0.21
N ALA A 107 -17.21 4.50 0.08
CA ALA A 107 -16.62 5.04 -1.14
C ALA A 107 -17.00 4.20 -2.35
N GLN A 108 -17.21 2.91 -2.17
CA GLN A 108 -17.60 2.01 -3.25
C GLN A 108 -19.11 1.95 -3.45
N GLY A 109 -19.87 2.73 -2.70
CA GLY A 109 -21.27 2.92 -2.97
C GLY A 109 -22.25 2.06 -2.20
N THR A 110 -21.91 1.64 -0.98
CA THR A 110 -22.82 0.81 -0.21
C THR A 110 -24.04 1.59 0.24
N GLU A 111 -25.14 0.87 0.49
CA GLU A 111 -26.36 1.47 1.00
C GLU A 111 -26.56 1.24 2.49
N SER A 112 -25.69 0.45 3.13
CA SER A 112 -25.86 0.16 4.55
C SER A 112 -25.40 1.32 5.42
N TYR A 113 -24.44 2.12 4.95
CA TYR A 113 -23.94 3.25 5.70
C TYR A 113 -23.74 4.42 4.74
N SER A 114 -23.52 5.60 5.31
CA SER A 114 -23.36 6.81 4.51
C SER A 114 -22.57 7.82 5.33
N ILE A 115 -22.29 8.97 4.69
CA ILE A 115 -21.63 10.09 5.35
C ILE A 115 -22.72 10.92 6.04
N LYS A 116 -22.88 10.73 7.35
CA LYS A 116 -23.90 11.47 8.08
C LYS A 116 -23.41 12.84 8.53
N ASP A 117 -22.10 13.09 8.56
CA ASP A 117 -21.55 14.37 9.00
C ASP A 117 -20.51 14.82 7.96
N GLN A 118 -20.98 15.55 6.95
CA GLN A 118 -20.06 16.09 5.95
C GLN A 118 -19.19 17.19 6.51
N GLU A 119 -19.63 17.86 7.58
CA GLU A 119 -18.79 18.84 8.24
C GLU A 119 -17.54 18.20 8.83
N LYS A 120 -17.71 17.07 9.51
CA LYS A 120 -16.57 16.32 10.02
C LYS A 120 -15.69 15.80 8.89
N LEU A 121 -16.32 15.36 7.80
CA LEU A 121 -15.57 14.86 6.64
C LEU A 121 -14.65 15.94 6.08
N LYS A 122 -15.20 17.13 5.82
CA LYS A 122 -14.39 18.23 5.32
C LYS A 122 -13.29 18.60 6.30
N GLN A 123 -13.56 18.52 7.60
CA GLN A 123 -12.58 18.92 8.60
C GLN A 123 -11.45 17.90 8.71
N VAL A 124 -11.80 16.61 8.73
CA VAL A 124 -10.78 15.56 8.76
C VAL A 124 -9.97 15.58 7.46
N ALA A 125 -10.66 15.70 6.31
CA ALA A 125 -9.97 15.76 5.03
C ALA A 125 -9.01 16.95 4.98
N PHE A 126 -9.41 18.09 5.54
CA PHE A 126 -8.51 19.23 5.59
C PHE A 126 -7.31 18.93 6.50
N THR A 127 -7.54 18.19 7.58
CA THR A 127 -6.43 17.83 8.47
C THR A 127 -5.44 16.92 7.77
N LEU A 128 -5.92 16.04 6.89
CA LEU A 128 -5.07 15.12 6.15
C LEU A 128 -4.41 15.74 4.93
N GLY A 129 -4.71 17.00 4.62
CA GLY A 129 -4.12 17.67 3.47
C GLY A 129 -4.88 17.50 2.18
N ILE A 130 -6.13 17.06 2.23
CA ILE A 130 -6.94 16.91 1.03
C ILE A 130 -7.54 18.24 0.64
N ASP A 131 -7.38 18.63 -0.63
CA ASP A 131 -8.03 19.82 -1.16
C ASP A 131 -9.44 19.43 -1.59
N THR A 132 -10.44 19.88 -0.83
CA THR A 132 -11.82 19.48 -1.06
C THR A 132 -12.55 20.34 -2.09
N ALA A 133 -11.88 21.34 -2.67
CA ALA A 133 -12.52 22.16 -3.68
C ALA A 133 -12.66 21.37 -4.98
N ASN A 134 -13.80 21.54 -5.65
CA ASN A 134 -14.10 20.91 -6.93
C ASN A 134 -14.13 19.38 -6.83
N LYS A 135 -14.45 18.85 -5.65
CA LYS A 135 -14.48 17.41 -5.44
C LYS A 135 -15.83 17.00 -4.89
N THR A 136 -16.39 15.92 -5.45
CA THR A 136 -17.59 15.32 -4.91
C THR A 136 -17.29 14.64 -3.57
N GLU A 137 -18.36 14.40 -2.81
CA GLU A 137 -18.20 13.69 -1.54
C GLU A 137 -17.54 12.34 -1.75
N GLN A 138 -17.95 11.61 -2.78
CA GLN A 138 -17.39 10.28 -3.03
C GLN A 138 -15.91 10.35 -3.39
N GLU A 139 -15.47 11.45 -4.01
CA GLU A 139 -14.05 11.63 -4.28
C GLU A 139 -13.26 12.01 -3.04
N ILE A 140 -13.91 12.69 -2.08
CA ILE A 140 -13.23 13.03 -0.84
C ILE A 140 -13.08 11.81 0.06
N VAL A 141 -14.12 10.98 0.14
CA VAL A 141 -14.03 9.74 0.89
C VAL A 141 -13.04 8.78 0.23
N GLU A 142 -13.06 8.72 -1.10
CA GLU A 142 -12.11 7.89 -1.84
C GLU A 142 -10.68 8.26 -1.50
N GLU A 143 -10.36 9.55 -1.55
CA GLU A 143 -8.99 10.00 -1.29
C GLU A 143 -8.63 9.82 0.19
N MET A 144 -9.60 9.94 1.09
CA MET A 144 -9.30 9.76 2.51
C MET A 144 -8.92 8.31 2.81
N CYS A 145 -9.63 7.35 2.22
CA CYS A 145 -9.30 5.95 2.43
C CYS A 145 -7.91 5.62 1.89
N GLN A 146 -7.53 6.22 0.76
CA GLN A 146 -6.22 5.95 0.16
C GLN A 146 -5.10 6.42 1.09
N ILE A 147 -5.25 7.58 1.70
CA ILE A 147 -4.23 8.09 2.61
C ILE A 147 -4.10 7.21 3.84
N ILE A 148 -5.23 6.77 4.39
CA ILE A 148 -5.19 5.98 5.63
C ILE A 148 -4.63 4.58 5.35
N TYR A 149 -5.04 3.96 4.24
CA TYR A 149 -4.51 2.64 3.91
C TYR A 149 -3.01 2.68 3.64
N ARG A 150 -2.50 3.81 3.14
CA ARG A 150 -1.06 3.93 2.95
C ARG A 150 -0.30 3.89 4.27
N ASP A 151 -0.95 4.25 5.38
CA ASP A 151 -0.32 4.08 6.68
C ASP A 151 -0.18 2.59 7.03
N PHE A 152 -1.19 1.79 6.68
CA PHE A 152 -1.13 0.35 6.92
C PHE A 152 -0.29 -0.39 5.90
N ALA A 153 0.19 0.29 4.86
CA ALA A 153 1.05 -0.31 3.86
C ALA A 153 2.44 0.31 3.81
N ASN A 154 2.69 1.32 4.63
CA ASN A 154 3.98 2.03 4.61
C ASN A 154 5.12 1.09 4.98
N SER A 155 6.13 1.01 4.12
CA SER A 155 7.30 0.18 4.36
C SER A 155 8.55 0.98 4.68
N GLY A 156 8.49 2.31 4.61
CA GLY A 156 9.65 3.14 4.85
C GLY A 156 9.69 3.72 6.25
N ALA A 157 10.65 4.61 6.46
CA ALA A 157 10.85 5.28 7.74
C ALA A 157 9.88 6.43 7.96
N THR A 158 9.01 6.72 7.00
CA THR A 158 8.12 7.86 7.11
C THR A 158 7.11 7.64 8.23
N PRO A 159 6.95 8.59 9.15
CA PRO A 159 5.91 8.46 10.18
C PRO A 159 4.54 8.36 9.54
N MET A 160 3.67 7.54 10.15
CA MET A 160 2.33 7.37 9.62
C MET A 160 1.61 8.71 9.57
N THR A 161 0.83 8.91 8.50
CA THR A 161 0.21 10.20 8.25
C THR A 161 -0.79 10.56 9.35
N TYR A 162 -1.56 9.58 9.82
CA TYR A 162 -2.59 9.89 10.81
C TYR A 162 -2.00 10.33 12.14
N LEU A 163 -0.70 10.10 12.36
CA LEU A 163 -0.03 10.70 13.51
C LEU A 163 0.47 12.11 13.19
N LYS A 164 1.08 12.29 12.01
CA LYS A 164 1.68 13.58 11.67
C LYS A 164 0.62 14.67 11.54
N ALA A 165 -0.53 14.34 10.96
CA ALA A 165 -1.56 15.34 10.72
C ALA A 165 -2.30 15.74 11.99
N ASN A 166 -2.27 14.90 13.03
CA ASN A 166 -3.06 15.13 14.22
C ASN A 166 -2.21 15.43 15.45
N SER A 167 -0.91 15.64 15.28
CA SER A 167 -0.07 15.88 16.43
C SER A 167 0.57 17.26 16.36
N PRO A 168 0.67 17.97 17.49
CA PRO A 168 1.35 19.26 17.49
C PRO A 168 2.84 19.10 17.20
N ARG A 169 3.45 20.23 16.78
CA ARG A 169 4.83 20.19 16.31
C ARG A 169 5.79 19.79 17.42
N GLU A 170 5.64 20.38 18.61
CA GLU A 170 6.55 20.08 19.71
C GLU A 170 6.53 18.60 20.05
N ARG A 171 5.37 17.95 19.95
CA ARG A 171 5.31 16.51 20.19
C ARG A 171 6.06 15.73 19.11
N LEU A 172 5.94 16.18 17.86
CA LEU A 172 6.62 15.49 16.77
C LEU A 172 8.13 15.60 16.91
N GLU A 173 8.62 16.73 17.40
CA GLU A 173 10.07 16.90 17.58
C GLU A 173 10.57 16.08 18.76
N THR A 174 9.82 16.05 19.86
CA THR A 174 10.21 15.23 21.01
C THR A 174 10.21 13.75 20.64
N TRP A 175 9.15 13.28 19.97
CA TRP A 175 9.09 11.88 19.56
C TRP A 175 10.17 11.55 18.54
N GLU A 176 10.54 12.52 17.70
CA GLU A 176 11.59 12.28 16.72
C GLU A 176 12.95 12.11 17.40
N LYS A 177 13.28 12.99 18.35
CA LYS A 177 14.58 12.91 19.00
C LYS A 177 14.67 11.72 19.95
N LEU A 178 13.53 11.17 20.39
CA LEU A 178 13.54 9.91 21.12
C LEU A 178 13.51 8.70 20.20
N GLY A 179 13.18 8.90 18.93
CA GLY A 179 13.11 7.79 17.99
C GLY A 179 11.92 6.88 18.22
N VAL A 180 10.78 7.43 18.66
CA VAL A 180 9.61 6.63 18.98
C VAL A 180 8.47 6.88 18.00
N LEU A 181 8.75 7.49 16.86
CA LEU A 181 7.70 7.75 15.88
C LEU A 181 7.29 6.44 15.20
N PRO A 182 6.00 6.12 15.15
CA PRO A 182 5.57 4.93 14.43
C PRO A 182 5.45 5.19 12.93
N ARG A 183 5.76 4.16 12.15
CA ARG A 183 5.75 4.24 10.69
C ARG A 183 4.50 3.65 10.06
N ASN A 184 4.02 2.55 10.62
CA ASN A 184 2.95 1.74 10.07
C ASN A 184 2.41 0.89 11.22
N PRO A 185 1.14 1.11 11.63
CA PRO A 185 0.66 0.45 12.85
C PRO A 185 0.78 -1.05 12.84
N ASP A 186 0.37 -1.72 11.75
CA ASP A 186 0.49 -3.16 11.68
C ASP A 186 1.96 -3.60 11.74
N ARG A 187 2.85 -2.83 11.10
CA ARG A 187 4.26 -3.20 11.11
C ARG A 187 4.86 -3.01 12.51
N GLU A 188 4.46 -1.95 13.22
CA GLU A 188 4.97 -1.74 14.57
C GLU A 188 4.49 -2.82 15.52
N ILE A 189 3.24 -3.25 15.36
CA ILE A 189 2.72 -4.34 16.18
C ILE A 189 3.51 -5.62 15.95
N ARG A 190 3.84 -5.90 14.69
CA ARG A 190 4.58 -7.11 14.38
C ARG A 190 6.04 -7.00 14.85
N GLU A 191 6.64 -5.82 14.70
CA GLU A 191 8.03 -5.65 15.13
C GLU A 191 8.16 -5.71 16.64
N ALA A 192 7.23 -5.09 17.37
CA ALA A 192 7.32 -5.07 18.82
C ALA A 192 7.00 -6.43 19.42
N LEU A 193 6.01 -7.13 18.85
CA LEU A 193 5.72 -8.48 19.31
C LEU A 193 6.91 -9.40 19.08
N HIS A 194 7.59 -9.23 17.94
CA HIS A 194 8.86 -9.90 17.72
C HIS A 194 9.88 -9.50 18.78
N GLN A 195 9.92 -8.22 19.15
CA GLN A 195 10.89 -7.71 20.11
C GLN A 195 10.66 -8.23 21.53
N THR A 196 9.51 -8.85 21.81
CA THR A 196 9.25 -9.40 23.14
C THR A 196 9.45 -10.91 23.21
N THR A 197 9.81 -11.55 22.09
CA THR A 197 10.10 -12.97 22.13
C THR A 197 11.42 -13.22 22.85
N MET A 198 11.70 -14.50 23.11
CA MET A 198 12.86 -14.86 23.91
C MET A 198 14.15 -14.47 23.21
N GLY A 199 15.11 -13.99 24.00
CA GLY A 199 16.44 -13.70 23.48
C GLY A 199 16.51 -12.49 22.57
N MET A 200 15.74 -11.45 22.87
CA MET A 200 15.67 -10.24 22.06
C MET A 200 16.19 -9.07 22.88
N ASP A 201 15.45 -7.96 22.98
CA ASP A 201 15.93 -6.75 23.61
C ASP A 201 16.10 -6.97 25.11
N ALA A 202 17.29 -6.66 25.63
CA ALA A 202 17.57 -6.73 27.06
C ALA A 202 17.81 -5.34 27.65
N ASP A 203 17.56 -4.28 26.88
CA ASP A 203 17.71 -2.92 27.35
C ASP A 203 16.37 -2.41 27.86
N PRO A 204 16.21 -2.19 29.16
CA PRO A 204 14.91 -1.72 29.66
C PRO A 204 14.50 -0.37 29.11
N VAL A 205 15.44 0.54 28.87
CA VAL A 205 15.09 1.83 28.29
C VAL A 205 14.66 1.65 26.85
N ASN A 206 15.40 0.84 26.08
CA ASN A 206 15.03 0.62 24.68
C ASN A 206 13.67 -0.05 24.56
N LEU A 207 13.32 -0.92 25.50
CA LEU A 207 12.00 -1.54 25.50
C LEU A 207 10.91 -0.51 25.81
N ILE A 208 11.13 0.30 26.85
CA ILE A 208 10.17 1.33 27.22
C ILE A 208 10.03 2.36 26.10
N LEU A 209 11.12 2.65 25.38
CA LEU A 209 11.03 3.54 24.23
C LEU A 209 10.19 2.92 23.12
N LYS A 210 10.17 1.59 23.01
CA LYS A 210 9.28 0.94 22.06
C LYS A 210 7.85 0.87 22.59
N THR A 211 7.70 0.72 23.92
CA THR A 211 6.37 0.76 24.51
C THR A 211 5.68 2.09 24.21
N ILE A 212 6.45 3.19 24.25
CA ILE A 212 5.89 4.50 23.93
C ILE A 212 5.41 4.54 22.50
N ARG A 213 6.18 3.97 21.57
CA ARG A 213 5.79 3.99 20.16
C ARG A 213 4.48 3.26 19.93
N LEU A 214 4.25 2.16 20.65
CA LEU A 214 2.99 1.45 20.49
C LEU A 214 1.84 2.20 21.18
N GLY A 215 2.15 2.97 22.22
CA GLY A 215 1.17 3.91 22.73
C GLY A 215 0.78 4.94 21.68
N LEU A 216 1.76 5.37 20.87
CA LEU A 216 1.46 6.29 19.77
C LEU A 216 0.65 5.60 18.69
N VAL A 217 0.99 4.34 18.38
CA VAL A 217 0.17 3.54 17.47
C VAL A 217 -1.26 3.47 17.98
N ASP A 218 -1.42 3.26 19.29
CA ASP A 218 -2.76 3.11 19.87
C ASP A 218 -3.52 4.42 19.81
N GLY A 219 -2.84 5.55 20.02
CA GLY A 219 -3.54 6.82 20.12
C GLY A 219 -3.93 7.42 18.79
N PHE A 220 -3.17 7.14 17.72
CA PHE A 220 -3.44 7.79 16.45
C PHE A 220 -3.88 6.83 15.34
N ALA A 221 -3.43 5.58 15.36
CA ALA A 221 -3.99 4.58 14.47
C ALA A 221 -5.15 3.82 15.10
N GLY A 222 -5.44 4.07 16.38
CA GLY A 222 -6.53 3.42 17.05
C GLY A 222 -7.59 4.38 17.56
N LEU A 223 -7.24 5.18 18.58
CA LEU A 223 -8.21 6.09 19.17
C LEU A 223 -8.60 7.20 18.19
N LYS A 224 -7.61 7.89 17.63
CA LYS A 224 -7.89 9.05 16.78
C LYS A 224 -8.59 8.62 15.49
N LEU A 225 -8.09 7.55 14.86
CA LEU A 225 -8.69 7.10 13.61
C LEU A 225 -10.15 6.68 13.80
N ALA A 226 -10.42 5.93 14.86
CA ALA A 226 -11.77 5.43 15.09
C ALA A 226 -12.75 6.58 15.34
N THR A 227 -12.40 7.50 16.23
CA THR A 227 -13.30 8.59 16.56
C THR A 227 -13.57 9.48 15.35
N ASP A 228 -12.54 9.75 14.55
CA ASP A 228 -12.73 10.55 13.34
C ASP A 228 -13.71 9.88 12.39
N LEU A 229 -13.48 8.60 12.08
CA LEU A 229 -14.33 7.92 11.11
C LEU A 229 -15.71 7.63 11.67
N GLN A 230 -15.81 7.43 12.99
CA GLN A 230 -17.13 7.16 13.57
C GLN A 230 -18.01 8.41 13.59
N ASP A 231 -17.41 9.58 13.79
CA ASP A 231 -18.19 10.82 13.68
C ASP A 231 -18.64 11.06 12.25
N ILE A 232 -17.76 10.80 11.28
CA ILE A 232 -18.10 11.02 9.87
C ILE A 232 -19.27 10.12 9.47
N ILE A 233 -19.24 8.86 9.88
CA ILE A 233 -20.20 7.88 9.41
C ILE A 233 -21.52 7.97 10.18
N PHE A 234 -21.48 8.29 11.47
CA PHE A 234 -22.67 8.28 12.30
C PHE A 234 -23.05 9.63 12.87
N GLY A 235 -22.23 10.66 12.72
CA GLY A 235 -22.58 11.98 13.21
C GLY A 235 -21.76 12.37 14.43
N THR A 236 -21.36 13.63 14.48
CA THR A 236 -20.66 14.16 15.64
C THR A 236 -21.61 14.27 16.82
N PRO A 237 -21.26 13.72 17.98
CA PRO A 237 -22.16 13.82 19.14
C PRO A 237 -22.36 15.27 19.57
N GLN A 238 -23.61 15.60 19.89
CA GLN A 238 -23.98 16.87 20.47
C GLN A 238 -24.72 16.62 21.79
N PRO A 239 -24.83 17.63 22.66
CA PRO A 239 -25.42 17.40 23.98
C PRO A 239 -26.76 16.66 23.91
N VAL A 240 -26.92 15.67 24.78
CA VAL A 240 -28.14 14.90 24.89
C VAL A 240 -28.44 14.68 26.37
N VAL A 241 -29.72 14.45 26.66
CA VAL A 241 -30.21 14.16 28.00
C VAL A 241 -30.80 12.76 27.99
N THR A 242 -30.38 11.92 28.94
CA THR A 242 -30.93 10.58 29.11
C THR A 242 -30.56 10.11 30.52
N GLU A 243 -30.67 8.82 30.76
CA GLU A 243 -30.47 8.27 32.10
C GLU A 243 -29.42 7.17 32.08
N ALA A 244 -29.03 6.72 33.27
CA ALA A 244 -28.00 5.70 33.43
C ALA A 244 -28.40 4.74 34.53
N ASN A 245 -27.59 3.69 34.68
CA ASN A 245 -27.77 2.59 35.62
C ASN A 245 -28.91 1.67 35.21
N LEU A 246 -29.00 0.50 35.83
CA LEU A 246 -29.92 -0.55 35.39
C LEU A 246 -31.39 -0.23 35.66
N GLY A 247 -31.69 0.91 36.27
CA GLY A 247 -33.08 1.32 36.41
C GLY A 247 -33.73 1.73 35.10
N VAL A 248 -32.95 1.96 34.04
CA VAL A 248 -33.49 2.35 32.75
C VAL A 248 -34.11 1.19 32.01
N LEU A 249 -34.00 -0.03 32.53
CA LEU A 249 -34.72 -1.16 31.95
C LEU A 249 -36.20 -1.08 32.31
N LYS A 250 -37.06 -1.51 31.40
CA LYS A 250 -38.51 -1.44 31.55
C LYS A 250 -39.10 -2.82 31.37
N GLU A 251 -39.95 -3.23 32.31
CA GLU A 251 -40.58 -4.54 32.21
C GLU A 251 -41.63 -4.59 31.10
N ASP A 252 -42.31 -3.47 30.83
CA ASP A 252 -43.33 -3.46 29.78
C ASP A 252 -42.71 -3.58 28.40
N TYR A 253 -41.50 -3.06 28.21
CA TYR A 253 -40.86 -3.01 26.91
C TYR A 253 -40.04 -4.27 26.66
N VAL A 254 -39.69 -4.48 25.39
CA VAL A 254 -38.65 -5.44 25.03
C VAL A 254 -37.31 -4.78 25.31
N ASN A 255 -36.48 -5.43 26.13
CA ASN A 255 -35.21 -4.87 26.56
C ASN A 255 -34.08 -5.52 25.77
N ILE A 256 -33.43 -4.74 24.92
CA ILE A 256 -32.22 -5.15 24.22
C ILE A 256 -31.06 -4.34 24.76
N ILE A 257 -30.01 -5.03 25.22
CA ILE A 257 -28.79 -4.40 25.69
C ILE A 257 -27.69 -4.64 24.67
N VAL A 258 -27.03 -3.56 24.27
CA VAL A 258 -25.87 -3.63 23.39
C VAL A 258 -24.62 -3.59 24.26
N HIS A 259 -23.66 -4.47 23.95
CA HIS A 259 -22.46 -4.62 24.74
C HIS A 259 -21.29 -4.86 23.80
N GLY A 260 -20.14 -4.26 24.13
CA GLY A 260 -18.99 -4.34 23.26
C GLY A 260 -18.36 -2.99 22.99
N HIS A 261 -17.97 -2.72 21.73
CA HIS A 261 -17.20 -1.50 21.48
C HIS A 261 -17.44 -0.85 20.13
N VAL A 262 -17.76 -1.63 19.09
CA VAL A 262 -17.80 -1.13 17.72
C VAL A 262 -19.22 -0.69 17.41
N PRO A 263 -19.48 0.60 17.20
CA PRO A 263 -20.85 1.05 16.91
C PRO A 263 -21.36 0.65 15.53
N LEU A 264 -20.54 0.02 14.70
CA LEU A 264 -21.03 -0.52 13.43
C LEU A 264 -22.17 -1.49 13.64
N LEU A 265 -22.19 -2.19 14.78
CA LEU A 265 -23.27 -3.10 15.11
C LEU A 265 -24.38 -2.40 15.89
N SER A 266 -24.03 -1.61 16.90
CA SER A 266 -25.05 -1.06 17.78
C SER A 266 -25.85 0.06 17.12
N GLU A 267 -25.25 0.81 16.19
CA GLU A 267 -26.01 1.82 15.46
C GLU A 267 -27.09 1.17 14.61
N LYS A 268 -26.79 0.01 14.02
CA LYS A 268 -27.79 -0.70 13.23
C LYS A 268 -28.87 -1.32 14.12
N ILE A 269 -28.51 -1.76 15.32
CA ILE A 269 -29.52 -2.28 16.23
C ILE A 269 -30.47 -1.17 16.68
N VAL A 270 -29.92 0.02 16.96
CA VAL A 270 -30.77 1.16 17.32
C VAL A 270 -31.67 1.54 16.15
N GLU A 271 -31.13 1.53 14.93
CA GLU A 271 -31.94 1.88 13.76
C GLU A 271 -33.11 0.92 13.59
N TRP A 272 -32.84 -0.38 13.68
CA TRP A 272 -33.88 -1.37 13.41
C TRP A 272 -34.74 -1.69 14.64
N SER A 273 -34.30 -1.29 15.84
CA SER A 273 -35.21 -1.33 16.98
C SER A 273 -36.32 -0.31 16.83
N ARG A 274 -36.02 0.83 16.19
CA ARG A 274 -37.04 1.85 15.97
C ARG A 274 -38.00 1.45 14.87
N LYS A 275 -37.51 0.77 13.84
CA LYS A 275 -38.34 0.46 12.68
C LYS A 275 -39.19 -0.79 12.90
N LEU A 276 -38.77 -1.69 13.78
CA LEU A 276 -39.51 -2.92 14.06
C LEU A 276 -40.27 -2.82 15.38
N GLU A 277 -40.54 -1.60 15.87
CA GLU A 277 -41.24 -1.45 17.14
C GLU A 277 -42.70 -1.89 17.05
N ASP A 278 -43.30 -1.83 15.86
CA ASP A 278 -44.67 -2.32 15.71
C ASP A 278 -44.75 -3.82 15.96
N GLU A 279 -43.73 -4.58 15.56
CA GLU A 279 -43.72 -6.01 15.84
C GLU A 279 -43.61 -6.29 17.33
N ALA A 280 -42.93 -5.41 18.08
CA ALA A 280 -42.86 -5.58 19.53
C ALA A 280 -44.22 -5.33 20.16
N LYS A 281 -44.97 -4.34 19.66
CA LYS A 281 -46.31 -4.09 20.18
C LYS A 281 -47.25 -5.24 19.84
N LYS A 282 -47.12 -5.81 18.64
CA LYS A 282 -47.95 -6.96 18.27
C LYS A 282 -47.67 -8.17 19.12
N ALA A 283 -46.50 -8.23 19.77
CA ALA A 283 -46.17 -9.31 20.69
C ALA A 283 -46.65 -9.05 22.11
N GLY A 284 -47.13 -7.85 22.40
CA GLY A 284 -47.63 -7.53 23.72
C GLY A 284 -46.65 -6.75 24.57
N ALA A 285 -46.10 -5.68 24.02
CA ALA A 285 -45.13 -4.86 24.72
C ALA A 285 -45.29 -3.42 24.26
N LYS A 286 -44.95 -2.48 25.16
CA LYS A 286 -45.11 -1.07 24.83
C LYS A 286 -44.15 -0.60 23.75
N GLY A 287 -43.02 -1.28 23.59
CA GLY A 287 -42.04 -0.88 22.61
C GLY A 287 -40.74 -1.65 22.82
N ILE A 288 -39.67 -1.12 22.24
CA ILE A 288 -38.34 -1.71 22.35
C ILE A 288 -37.47 -0.75 23.14
N ASN A 289 -37.08 -1.15 24.35
CA ASN A 289 -36.18 -0.35 25.18
C ASN A 289 -34.75 -0.79 24.93
N LEU A 290 -33.87 0.18 24.69
CA LEU A 290 -32.47 -0.09 24.41
C LEU A 290 -31.59 0.47 25.52
N ALA A 291 -30.58 -0.32 25.90
CA ALA A 291 -29.60 0.10 26.90
C ALA A 291 -28.23 -0.38 26.48
N GLY A 292 -27.21 0.31 26.96
CA GLY A 292 -25.84 0.05 26.54
C GLY A 292 -24.93 -0.25 27.71
N ILE A 293 -24.07 -1.25 27.52
CA ILE A 293 -23.01 -1.59 28.47
C ILE A 293 -21.68 -1.32 27.78
N CYS A 294 -20.73 -0.81 28.55
CA CYS A 294 -19.35 -0.58 28.10
C CYS A 294 -19.34 0.48 27.00
N CYS A 295 -18.32 0.45 26.14
CA CYS A 295 -18.02 1.57 25.23
C CYS A 295 -19.01 1.68 24.08
N THR A 296 -19.50 0.57 23.53
CA THR A 296 -20.54 0.67 22.52
C THR A 296 -21.82 1.26 23.11
N GLY A 297 -22.05 1.02 24.41
CA GLY A 297 -23.12 1.73 25.09
C GLY A 297 -22.86 3.22 25.18
N ASN A 298 -21.59 3.61 25.35
CA ASN A 298 -21.25 5.02 25.33
C ASN A 298 -21.40 5.61 23.94
N GLU A 299 -21.21 4.81 22.88
CA GLU A 299 -21.31 5.33 21.53
C GLU A 299 -22.75 5.72 21.21
N VAL A 300 -23.70 4.80 21.38
CA VAL A 300 -25.10 5.11 21.14
C VAL A 300 -25.69 6.00 22.21
N LEU A 301 -24.98 6.23 23.31
CA LEU A 301 -25.36 7.29 24.25
C LEU A 301 -25.02 8.65 23.67
N MET A 302 -23.81 8.79 23.12
CA MET A 302 -23.36 10.09 22.63
C MET A 302 -24.09 10.51 21.35
N ARG A 303 -24.55 9.55 20.54
CA ARG A 303 -25.18 9.89 19.27
C ARG A 303 -26.67 9.65 19.22
N GLN A 304 -27.19 8.66 19.95
CA GLN A 304 -28.61 8.33 19.88
C GLN A 304 -29.35 8.52 21.19
N GLY A 305 -28.68 8.98 22.25
CA GLY A 305 -29.34 9.17 23.53
C GLY A 305 -29.75 7.90 24.23
N VAL A 306 -29.26 6.74 23.77
CA VAL A 306 -29.61 5.48 24.43
C VAL A 306 -29.08 5.47 25.85
N PRO A 307 -29.91 5.20 26.86
CA PRO A 307 -29.41 5.21 28.24
C PRO A 307 -28.35 4.13 28.48
N LEU A 308 -27.47 4.40 29.44
CA LEU A 308 -26.42 3.47 29.80
C LEU A 308 -26.95 2.45 30.80
N ALA A 309 -26.74 1.16 30.51
CA ALA A 309 -27.14 0.12 31.45
C ALA A 309 -26.16 0.06 32.63
N THR A 310 -24.92 -0.35 32.39
CA THR A 310 -23.92 -0.42 33.44
C THR A 310 -22.54 -0.54 32.81
N ASN A 311 -21.51 -0.50 33.66
CA ASN A 311 -20.13 -0.56 33.20
C ASN A 311 -19.62 -2.01 33.27
N PHE A 312 -18.30 -2.17 33.23
CA PHE A 312 -17.69 -3.46 32.95
C PHE A 312 -17.93 -4.47 34.06
N LEU A 313 -17.72 -4.08 35.31
CA LEU A 313 -17.77 -5.06 36.40
C LEU A 313 -19.16 -5.58 36.67
N ALA A 314 -20.21 -4.87 36.25
CA ALA A 314 -21.58 -5.25 36.56
C ALA A 314 -22.34 -5.75 35.33
N GLN A 315 -21.63 -6.17 34.28
CA GLN A 315 -22.31 -6.63 33.08
C GLN A 315 -23.10 -7.91 33.33
N GLU A 316 -22.64 -8.75 34.27
CA GLU A 316 -23.36 -9.97 34.60
C GLU A 316 -24.66 -9.68 35.32
N LEU A 317 -24.64 -8.70 36.23
CA LEU A 317 -25.82 -8.38 37.02
C LEU A 317 -26.94 -7.82 36.16
N ALA A 318 -26.64 -7.34 34.95
CA ALA A 318 -27.68 -6.88 34.05
C ALA A 318 -28.67 -8.00 33.73
N ILE A 319 -28.16 -9.21 33.49
CA ILE A 319 -29.05 -10.33 33.21
C ILE A 319 -29.76 -10.77 34.48
N ILE A 320 -29.14 -10.55 35.64
CA ILE A 320 -29.76 -10.93 36.91
C ILE A 320 -31.03 -10.14 37.17
N THR A 321 -31.17 -8.97 36.55
CA THR A 321 -32.44 -8.23 36.62
C THR A 321 -33.59 -9.03 36.03
N GLY A 322 -33.30 -10.07 35.24
CA GLY A 322 -34.32 -10.90 34.66
C GLY A 322 -35.13 -10.28 33.54
N ALA A 323 -34.87 -9.01 33.20
CA ALA A 323 -35.63 -8.31 32.19
C ALA A 323 -34.88 -8.14 30.88
N VAL A 324 -33.61 -8.55 30.81
CA VAL A 324 -32.85 -8.48 29.57
C VAL A 324 -33.35 -9.57 28.65
N ASP A 325 -34.02 -9.18 27.56
CA ASP A 325 -34.53 -10.16 26.62
C ASP A 325 -33.46 -10.62 25.64
N LEU A 326 -32.53 -9.74 25.28
CA LEU A 326 -31.45 -10.09 24.39
C LEU A 326 -30.27 -9.17 24.66
N MET A 327 -29.06 -9.74 24.58
CA MET A 327 -27.82 -8.99 24.69
C MET A 327 -26.97 -9.32 23.48
N VAL A 328 -26.75 -8.35 22.60
CA VAL A 328 -25.96 -8.52 21.39
C VAL A 328 -24.56 -7.95 21.64
N VAL A 329 -23.55 -8.58 21.04
CA VAL A 329 -22.18 -8.38 21.46
C VAL A 329 -21.25 -8.49 20.24
N ASP A 330 -20.18 -7.69 20.23
CA ASP A 330 -19.19 -7.80 19.16
C ASP A 330 -17.82 -8.21 19.69
N VAL A 331 -17.03 -7.26 20.22
CA VAL A 331 -15.66 -7.56 20.64
C VAL A 331 -15.30 -6.81 21.91
N GLN A 332 -14.35 -7.37 22.65
CA GLN A 332 -13.63 -6.74 23.77
C GLN A 332 -14.44 -6.65 25.06
N CYS A 333 -13.81 -7.02 26.17
CA CYS A 333 -14.32 -6.81 27.53
C CYS A 333 -15.62 -7.56 27.79
N ILE A 334 -15.92 -8.57 26.98
CA ILE A 334 -17.11 -9.39 27.16
C ILE A 334 -16.74 -10.56 28.06
N MET A 335 -17.26 -10.55 29.29
CA MET A 335 -17.03 -11.65 30.20
C MET A 335 -17.62 -12.93 29.63
N PRO A 336 -16.82 -13.97 29.40
CA PRO A 336 -17.38 -15.24 28.89
C PRO A 336 -18.39 -15.87 29.83
N SER A 337 -18.44 -15.44 31.10
CA SER A 337 -19.41 -15.98 32.04
C SER A 337 -20.85 -15.64 31.65
N LEU A 338 -21.05 -14.65 30.78
CA LEU A 338 -22.41 -14.27 30.38
C LEU A 338 -23.17 -15.43 29.74
N ALA A 339 -22.45 -16.35 29.09
CA ALA A 339 -23.13 -17.51 28.51
C ALA A 339 -23.73 -18.40 29.58
N GLU A 340 -22.98 -18.65 30.66
CA GLU A 340 -23.53 -19.40 31.78
C GLU A 340 -24.69 -18.66 32.43
N ILE A 341 -24.58 -17.34 32.53
CA ILE A 341 -25.62 -16.56 33.22
C ILE A 341 -26.88 -16.48 32.37
N ALA A 342 -26.72 -16.23 31.07
CA ALA A 342 -27.87 -16.21 30.18
C ALA A 342 -28.50 -17.58 30.03
N ALA A 343 -27.76 -18.65 30.30
CA ALA A 343 -28.34 -19.99 30.22
C ALA A 343 -29.37 -20.21 31.31
N CYS A 344 -29.20 -19.58 32.47
CA CYS A 344 -30.17 -19.68 33.55
C CYS A 344 -31.44 -18.87 33.31
N TYR A 345 -31.48 -18.08 32.24
CA TYR A 345 -32.62 -17.24 31.94
C TYR A 345 -33.08 -17.50 30.51
N HIS A 346 -34.24 -16.91 30.19
CA HIS A 346 -34.70 -16.85 28.81
C HIS A 346 -33.81 -15.97 27.95
N THR A 347 -32.98 -15.12 28.58
CA THR A 347 -32.14 -14.18 27.87
C THR A 347 -31.30 -14.88 26.81
N ARG A 348 -31.24 -14.28 25.63
CA ARG A 348 -30.45 -14.79 24.52
C ARG A 348 -29.20 -13.93 24.36
N LEU A 349 -28.03 -14.59 24.39
CA LEU A 349 -26.76 -13.93 24.16
C LEU A 349 -26.35 -14.13 22.71
N VAL A 350 -26.06 -13.03 22.02
CA VAL A 350 -25.79 -13.05 20.58
C VAL A 350 -24.40 -12.48 20.34
N THR A 351 -23.56 -13.26 19.66
CA THR A 351 -22.26 -12.82 19.18
C THR A 351 -22.32 -12.58 17.68
N THR A 352 -21.53 -11.61 17.21
CA THR A 352 -21.60 -11.17 15.82
C THR A 352 -20.27 -11.19 15.06
N MET A 353 -19.12 -11.29 15.74
CA MET A 353 -17.86 -11.11 15.02
C MET A 353 -17.12 -12.45 14.89
N PRO A 354 -16.42 -12.66 13.76
CA PRO A 354 -15.74 -13.95 13.56
C PRO A 354 -14.61 -14.22 14.54
N ILE A 355 -14.01 -13.19 15.14
CA ILE A 355 -12.92 -13.42 16.09
C ILE A 355 -13.41 -13.48 17.54
N VAL A 356 -14.72 -13.43 17.79
CA VAL A 356 -15.26 -13.56 19.13
C VAL A 356 -16.49 -14.45 19.12
N LYS A 357 -16.34 -15.69 19.59
CA LYS A 357 -17.45 -16.60 19.78
C LYS A 357 -17.46 -17.09 21.23
N ILE A 358 -18.65 -17.36 21.73
CA ILE A 358 -18.83 -17.82 23.11
C ILE A 358 -19.74 -19.05 23.10
N PRO A 359 -19.23 -20.24 23.39
CA PRO A 359 -20.11 -21.42 23.49
C PRO A 359 -21.26 -21.16 24.44
N GLY A 360 -22.48 -21.43 23.96
CA GLY A 360 -23.68 -21.08 24.69
C GLY A 360 -24.31 -19.78 24.24
N ALA A 361 -23.72 -19.09 23.27
CA ALA A 361 -24.28 -17.87 22.70
C ALA A 361 -24.59 -18.09 21.24
N GLU A 362 -25.77 -17.64 20.81
CA GLU A 362 -26.15 -17.74 19.41
C GLU A 362 -25.28 -16.79 18.58
N HIS A 363 -24.68 -17.31 17.51
CA HIS A 363 -23.84 -16.52 16.64
C HIS A 363 -24.65 -16.09 15.41
N VAL A 364 -24.75 -14.78 15.21
CA VAL A 364 -25.43 -14.23 14.05
C VAL A 364 -24.39 -13.42 13.27
N PRO A 365 -23.91 -13.92 12.13
CA PRO A 365 -22.88 -13.19 11.38
C PRO A 365 -23.37 -11.81 10.95
N PHE A 366 -22.56 -10.81 11.25
CA PHE A 366 -22.88 -9.41 10.98
C PHE A 366 -21.81 -8.84 10.06
N THR A 367 -22.17 -8.54 8.82
CA THR A 367 -21.28 -7.92 7.87
C THR A 367 -21.94 -6.67 7.30
N THR A 368 -21.13 -5.80 6.69
CA THR A 368 -21.67 -4.59 6.09
C THR A 368 -22.68 -4.91 5.01
N GLU A 369 -22.42 -5.96 4.22
CA GLU A 369 -23.38 -6.41 3.22
C GLU A 369 -24.72 -6.76 3.86
N THR A 370 -24.69 -7.51 4.97
CA THR A 370 -25.88 -8.06 5.58
C THR A 370 -26.28 -7.34 6.87
N ALA A 371 -25.86 -6.09 7.03
CA ALA A 371 -26.09 -5.38 8.30
C ALA A 371 -27.56 -5.19 8.60
N ASP A 372 -28.36 -4.85 7.59
CA ASP A 372 -29.77 -4.61 7.82
C ASP A 372 -30.51 -5.91 8.17
N GLU A 373 -30.32 -6.95 7.36
CA GLU A 373 -31.05 -8.19 7.61
C GLU A 373 -30.56 -8.88 8.88
N ALA A 374 -29.27 -8.77 9.21
CA ALA A 374 -28.79 -9.33 10.46
C ALA A 374 -29.32 -8.54 11.65
N SER A 375 -29.40 -7.22 11.52
CA SER A 375 -29.99 -6.40 12.59
C SER A 375 -31.45 -6.78 12.81
N GLN A 376 -32.22 -6.92 11.73
CA GLN A 376 -33.63 -7.28 11.87
C GLN A 376 -33.80 -8.63 12.56
N GLN A 377 -33.00 -9.62 12.16
CA GLN A 377 -33.09 -10.94 12.79
C GLN A 377 -32.79 -10.85 14.29
N ILE A 378 -31.85 -10.00 14.68
CA ILE A 378 -31.43 -9.94 16.08
C ILE A 378 -32.55 -9.40 16.96
N VAL A 379 -33.18 -8.29 16.57
CA VAL A 379 -34.26 -7.78 17.40
C VAL A 379 -35.49 -8.66 17.27
N ARG A 380 -35.70 -9.31 16.11
CA ARG A 380 -36.79 -10.28 16.01
C ARG A 380 -36.55 -11.47 16.92
N MET A 381 -35.29 -11.86 17.12
CA MET A 381 -34.98 -12.84 18.15
C MET A 381 -35.32 -12.31 19.54
N ALA A 382 -35.12 -11.01 19.75
CA ALA A 382 -35.44 -10.41 21.05
C ALA A 382 -36.95 -10.30 21.26
N ILE A 383 -37.71 -10.10 20.18
CA ILE A 383 -39.16 -10.08 20.29
C ILE A 383 -39.68 -11.47 20.62
N GLU A 384 -39.10 -12.51 20.00
CA GLU A 384 -39.40 -13.87 20.40
C GLU A 384 -39.02 -14.10 21.86
N SER A 385 -37.84 -13.64 22.27
CA SER A 385 -37.35 -13.88 23.62
C SER A 385 -38.17 -13.15 24.67
N TYR A 386 -38.76 -12.02 24.31
CA TYR A 386 -39.55 -11.26 25.28
C TYR A 386 -40.77 -12.05 25.74
N GLN A 387 -41.35 -12.88 24.88
CA GLN A 387 -42.57 -13.60 25.20
C GLN A 387 -42.32 -14.83 26.07
N LYS A 388 -41.07 -15.26 26.23
CA LYS A 388 -40.74 -16.35 27.13
C LYS A 388 -40.21 -15.86 28.47
N ARG A 389 -40.30 -14.56 28.73
CA ARG A 389 -39.76 -14.00 29.96
C ARG A 389 -40.57 -14.49 31.16
N ASN A 390 -39.85 -14.86 32.23
CA ASN A 390 -40.48 -15.30 33.47
C ASN A 390 -40.62 -14.08 34.38
N PRO A 391 -41.84 -13.56 34.61
CA PRO A 391 -41.98 -12.39 35.48
C PRO A 391 -41.66 -12.67 36.94
N ALA A 392 -41.65 -13.93 37.36
CA ALA A 392 -41.31 -14.25 38.75
C ALA A 392 -39.82 -14.05 39.05
N LYS A 393 -38.99 -13.88 38.03
CA LYS A 393 -37.55 -13.76 38.22
C LYS A 393 -37.00 -12.38 37.86
N VAL A 394 -37.86 -11.42 37.53
CA VAL A 394 -37.37 -10.10 37.18
C VAL A 394 -37.30 -9.23 38.43
N TYR A 395 -36.21 -8.46 38.53
CA TYR A 395 -36.06 -7.45 39.59
C TYR A 395 -35.34 -6.27 38.95
N ILE A 396 -36.09 -5.22 38.64
CA ILE A 396 -35.54 -4.01 38.04
C ILE A 396 -35.35 -2.98 39.14
N PRO A 397 -34.11 -2.64 39.50
CA PRO A 397 -33.89 -1.67 40.58
C PRO A 397 -34.48 -0.31 40.22
N ARG A 398 -34.85 0.44 41.25
CA ARG A 398 -35.41 1.78 41.05
C ARG A 398 -34.34 2.82 40.77
N GLU A 399 -33.08 2.53 41.07
CA GLU A 399 -32.03 3.53 40.96
C GLU A 399 -31.68 3.79 39.50
N LYS A 400 -31.74 5.06 39.11
CA LYS A 400 -31.26 5.53 37.83
C LYS A 400 -30.99 7.02 37.98
N ALA A 401 -29.98 7.50 37.26
CA ALA A 401 -29.56 8.89 37.37
C ALA A 401 -29.77 9.61 36.04
N LYS A 402 -30.04 10.91 36.13
CA LYS A 402 -30.09 11.75 34.94
C LYS A 402 -28.66 12.07 34.49
N VAL A 403 -28.42 11.97 33.18
CA VAL A 403 -27.12 12.27 32.61
C VAL A 403 -27.30 13.23 31.44
N VAL A 404 -26.39 14.19 31.33
CA VAL A 404 -26.28 15.07 30.17
C VAL A 404 -24.91 14.81 29.55
N ALA A 405 -24.90 14.20 28.37
CA ALA A 405 -23.66 13.75 27.74
C ALA A 405 -23.61 14.31 26.32
N GLY A 406 -22.74 13.75 25.50
CA GLY A 406 -22.57 14.22 24.13
C GLY A 406 -21.53 15.30 23.95
N PHE A 407 -20.63 15.48 24.92
CA PHE A 407 -19.66 16.57 24.89
C PHE A 407 -18.44 16.16 24.06
N SER A 408 -18.65 16.09 22.75
CA SER A 408 -17.51 16.09 21.84
C SER A 408 -16.85 17.46 21.84
N VAL A 409 -15.64 17.52 21.30
CA VAL A 409 -14.95 18.81 21.20
C VAL A 409 -15.79 19.78 20.38
N GLU A 410 -16.46 19.29 19.33
CA GLU A 410 -17.35 20.12 18.55
C GLU A 410 -18.49 20.66 19.41
N ALA A 411 -19.03 19.82 20.30
CA ALA A 411 -20.13 20.26 21.16
C ALA A 411 -19.63 21.22 22.24
N ILE A 412 -18.42 21.01 22.75
CA ILE A 412 -17.89 21.90 23.77
C ILE A 412 -17.66 23.29 23.19
N VAL A 413 -17.14 23.36 21.96
CA VAL A 413 -16.89 24.64 21.31
C VAL A 413 -18.20 25.37 21.04
N LYS A 414 -19.23 24.64 20.61
CA LYS A 414 -20.52 25.26 20.33
C LYS A 414 -21.14 25.84 21.61
N ALA A 415 -21.00 25.13 22.73
CA ALA A 415 -21.52 25.65 23.99
C ALA A 415 -20.73 26.86 24.46
N LEU A 416 -19.41 26.86 24.24
CA LEU A 416 -18.59 28.01 24.58
C LEU A 416 -18.78 29.17 23.60
N ALA A 417 -19.25 28.89 22.38
CA ALA A 417 -19.48 29.94 21.40
C ALA A 417 -20.66 30.82 21.77
N LYS A 418 -21.55 30.35 22.65
CA LYS A 418 -22.63 31.19 23.15
C LYS A 418 -22.08 32.34 23.98
N LEU A 419 -20.97 32.12 24.70
CA LEU A 419 -20.36 33.19 25.48
C LEU A 419 -19.42 34.03 24.62
N ASN A 420 -18.71 33.39 23.69
CA ASN A 420 -17.75 34.08 22.83
C ASN A 420 -17.78 33.38 21.47
N PRO A 421 -18.43 33.99 20.47
CA PRO A 421 -18.52 33.31 19.17
C PRO A 421 -17.20 33.27 18.41
N ASP A 422 -16.43 34.37 18.43
CA ASP A 422 -15.20 34.43 17.65
C ASP A 422 -14.08 33.61 18.27
N ASP A 423 -13.99 33.59 19.60
CA ASP A 423 -12.92 32.90 20.32
C ASP A 423 -13.57 31.99 21.35
N PRO A 424 -14.10 30.84 20.93
CA PRO A 424 -14.87 30.01 21.86
C PRO A 424 -14.08 29.51 23.05
N LEU A 425 -12.80 29.20 22.88
CA LEU A 425 -12.01 28.69 24.00
C LEU A 425 -11.68 29.77 25.02
N LYS A 426 -11.77 31.05 24.65
CA LYS A 426 -11.33 32.11 25.55
C LYS A 426 -12.06 32.12 26.88
N PRO A 427 -13.39 31.96 26.96
CA PRO A 427 -14.02 31.89 28.29
C PRO A 427 -13.49 30.74 29.14
N LEU A 428 -13.21 29.59 28.52
CA LEU A 428 -12.66 28.47 29.28
C LEU A 428 -11.22 28.76 29.73
N ILE A 429 -10.41 29.35 28.85
CA ILE A 429 -9.01 29.59 29.18
C ILE A 429 -8.89 30.71 30.22
N ASP A 430 -9.65 31.79 30.04
CA ASP A 430 -9.58 32.91 30.99
C ASP A 430 -9.93 32.45 32.40
N ASN A 431 -10.86 31.52 32.54
CA ASN A 431 -11.24 31.03 33.86
C ASN A 431 -10.22 30.06 34.41
N ILE A 432 -9.48 29.35 33.54
CA ILE A 432 -8.35 28.57 34.01
C ILE A 432 -7.24 29.48 34.51
N VAL A 433 -7.00 30.59 33.80
CA VAL A 433 -5.96 31.54 34.21
C VAL A 433 -6.36 32.22 35.51
N SER A 434 -7.61 32.68 35.60
CA SER A 434 -8.05 33.41 36.79
C SER A 434 -7.98 32.53 38.04
N GLY A 435 -8.27 31.24 37.90
CA GLY A 435 -8.32 30.33 39.03
C GLY A 435 -9.69 29.75 39.30
N ASN A 436 -10.73 30.22 38.61
CA ASN A 436 -12.05 29.61 38.75
C ASN A 436 -12.00 28.13 38.38
N ILE A 437 -11.16 27.76 37.43
CA ILE A 437 -10.88 26.37 37.09
C ILE A 437 -9.40 26.14 37.39
N LEU A 438 -9.12 25.39 38.46
CA LEU A 438 -7.74 25.08 38.80
C LEU A 438 -7.05 24.34 37.66
N GLY A 439 -7.64 23.24 37.23
CA GLY A 439 -7.19 22.52 36.05
C GLY A 439 -8.32 21.62 35.57
N VAL A 440 -8.01 20.80 34.58
CA VAL A 440 -8.96 19.79 34.10
C VAL A 440 -8.27 18.44 34.13
N VAL A 441 -9.02 17.42 34.52
CA VAL A 441 -8.50 16.07 34.70
C VAL A 441 -9.38 15.11 33.90
N ALA A 442 -8.74 14.17 33.20
CA ALA A 442 -9.45 13.13 32.46
C ALA A 442 -9.42 11.85 33.26
N THR A 443 -10.58 11.39 33.71
CA THR A 443 -10.72 10.11 34.38
C THR A 443 -11.22 9.10 33.35
N VAL A 444 -10.42 8.08 33.08
CA VAL A 444 -10.69 7.11 32.04
C VAL A 444 -10.53 5.71 32.63
N GLY A 445 -10.74 4.71 31.79
CA GLY A 445 -10.44 3.34 32.16
C GLY A 445 -11.68 2.55 32.52
N CYS A 446 -11.42 1.33 33.00
CA CYS A 446 -12.43 0.31 33.19
C CYS A 446 -12.76 0.16 34.68
N ASN A 447 -13.34 -0.98 35.04
CA ASN A 447 -13.47 -1.42 36.43
C ASN A 447 -12.48 -2.54 36.70
N ASN A 448 -12.04 -2.63 37.94
CA ASN A 448 -11.11 -3.69 38.34
C ASN A 448 -11.55 -4.22 39.70
N VAL A 449 -11.78 -5.53 39.78
CA VAL A 449 -12.30 -6.14 41.00
C VAL A 449 -11.37 -5.91 42.19
N LYS A 450 -10.11 -5.55 41.95
CA LYS A 450 -9.21 -5.19 43.03
C LYS A 450 -9.61 -3.89 43.71
N VAL A 451 -10.43 -3.07 43.05
CA VAL A 451 -10.91 -1.81 43.61
C VAL A 451 -12.42 -1.92 43.78
N LYS A 452 -12.92 -1.40 44.90
CA LYS A 452 -14.36 -1.34 45.14
C LYS A 452 -15.05 -0.68 43.94
N HIS A 453 -15.99 -1.40 43.35
CA HIS A 453 -16.56 -1.03 42.05
C HIS A 453 -17.08 0.41 42.07
N ASP A 454 -16.52 1.23 41.19
CA ASP A 454 -16.89 2.64 40.99
C ASP A 454 -16.45 3.52 42.14
N TRP A 455 -15.94 2.94 43.22
CA TRP A 455 -15.60 3.72 44.41
C TRP A 455 -14.48 4.71 44.13
N PHE A 456 -13.43 4.27 43.42
CA PHE A 456 -12.31 5.16 43.13
C PHE A 456 -12.72 6.25 42.15
N HIS A 457 -13.40 5.87 41.05
CA HIS A 457 -13.92 6.84 40.10
C HIS A 457 -14.61 7.99 40.81
N ILE A 458 -15.59 7.66 41.64
CA ILE A 458 -16.47 8.67 42.22
C ILE A 458 -15.72 9.48 43.27
N GLU A 459 -14.96 8.81 44.15
CA GLU A 459 -14.29 9.52 45.22
C GLU A 459 -13.22 10.46 44.69
N LEU A 460 -12.52 10.05 43.63
CA LEU A 460 -11.50 10.91 43.03
C LEU A 460 -12.14 12.16 42.43
N VAL A 461 -13.23 11.99 41.67
CA VAL A 461 -13.83 13.12 40.96
C VAL A 461 -14.46 14.10 41.94
N LYS A 462 -15.11 13.60 42.98
CA LYS A 462 -15.71 14.49 43.97
C LYS A 462 -14.66 15.36 44.64
N GLU A 463 -13.49 14.80 44.93
CA GLU A 463 -12.42 15.60 45.51
C GLU A 463 -11.84 16.59 44.50
N LEU A 464 -11.86 16.23 43.21
CA LEU A 464 -11.32 17.11 42.18
C LEU A 464 -12.25 18.30 41.94
N ILE A 465 -13.51 18.04 41.63
CA ILE A 465 -14.43 19.13 41.32
C ILE A 465 -14.61 20.05 42.53
N LYS A 466 -14.50 19.51 43.74
CA LYS A 466 -14.55 20.35 44.93
C LYS A 466 -13.44 21.40 44.91
N ASN A 467 -12.28 21.06 44.36
CA ASN A 467 -11.17 21.99 44.23
C ASN A 467 -11.17 22.72 42.89
N ASN A 468 -12.34 22.94 42.30
CA ASN A 468 -12.49 23.68 41.05
C ASN A 468 -11.77 23.01 39.87
N VAL A 469 -11.66 21.68 39.91
CA VAL A 469 -10.97 20.93 38.86
C VAL A 469 -12.04 20.33 37.94
N LEU A 470 -12.12 20.85 36.72
CA LEU A 470 -13.04 20.30 35.73
C LEU A 470 -12.65 18.87 35.40
N VAL A 471 -13.66 18.02 35.16
CA VAL A 471 -13.43 16.61 34.89
C VAL A 471 -14.10 16.24 33.57
N VAL A 472 -13.32 15.68 32.65
CA VAL A 472 -13.84 15.02 31.47
C VAL A 472 -13.59 13.53 31.62
N THR A 473 -14.43 12.71 30.99
CA THR A 473 -14.35 11.28 31.24
C THR A 473 -14.85 10.51 30.03
N THR A 474 -14.39 9.26 29.95
CA THR A 474 -14.76 8.33 28.88
C THR A 474 -14.86 6.92 29.48
N GLY A 475 -15.28 5.98 28.65
CA GLY A 475 -15.24 4.57 28.99
C GLY A 475 -16.08 4.22 30.19
N CYS A 476 -15.61 3.22 30.95
CA CYS A 476 -16.34 2.77 32.13
C CYS A 476 -16.19 3.73 33.29
N SER A 477 -15.13 4.53 33.33
CA SER A 477 -15.09 5.64 34.28
C SER A 477 -16.25 6.59 34.08
N ALA A 478 -16.68 6.77 32.82
CA ALA A 478 -17.83 7.63 32.55
C ALA A 478 -19.13 7.00 33.02
N HIS A 479 -19.26 5.68 32.84
CA HIS A 479 -20.42 4.98 33.36
C HIS A 479 -20.55 5.16 34.88
N ALA A 480 -19.43 5.06 35.59
CA ALA A 480 -19.45 5.22 37.05
C ALA A 480 -19.93 6.61 37.44
N LEU A 481 -19.37 7.65 36.83
CA LEU A 481 -19.79 9.01 37.13
C LEU A 481 -21.20 9.30 36.65
N ALA A 482 -21.67 8.58 35.64
CA ALA A 482 -23.04 8.76 35.16
C ALA A 482 -24.04 8.20 36.17
N LYS A 483 -23.83 6.96 36.61
CA LYS A 483 -24.73 6.35 37.59
C LYS A 483 -24.68 7.05 38.94
N ALA A 484 -23.60 7.78 39.24
CA ALA A 484 -23.48 8.51 40.49
C ALA A 484 -24.18 9.85 40.46
N GLY A 485 -24.80 10.22 39.34
CA GLY A 485 -25.46 11.49 39.22
C GLY A 485 -24.54 12.68 39.04
N LEU A 486 -23.28 12.44 38.67
CA LEU A 486 -22.32 13.52 38.48
C LEU A 486 -22.40 14.16 37.11
N MET A 487 -23.13 13.56 36.17
CA MET A 487 -23.46 14.22 34.91
C MET A 487 -24.84 14.88 34.95
N ASP A 488 -25.51 14.80 36.09
CA ASP A 488 -26.71 15.59 36.32
C ASP A 488 -26.31 17.05 36.54
N PRO A 489 -26.98 18.01 35.91
CA PRO A 489 -26.66 19.43 36.17
C PRO A 489 -26.76 19.80 37.64
N ALA A 490 -27.55 19.08 38.44
CA ALA A 490 -27.66 19.37 39.86
C ALA A 490 -26.36 19.10 40.61
N ALA A 491 -25.47 18.28 40.04
CA ALA A 491 -24.21 17.96 40.71
C ALA A 491 -23.24 19.14 40.77
N ALA A 492 -23.53 20.22 40.05
CA ALA A 492 -22.68 21.40 40.12
C ALA A 492 -22.62 21.97 41.53
N GLU A 493 -23.61 21.65 42.38
CA GLU A 493 -23.54 22.05 43.78
C GLU A 493 -22.35 21.41 44.47
N TRP A 494 -21.91 20.24 44.01
CA TRP A 494 -20.77 19.55 44.59
C TRP A 494 -19.43 20.09 44.11
N ALA A 495 -19.42 20.93 43.09
CA ALA A 495 -18.19 21.55 42.60
C ALA A 495 -17.88 22.82 43.39
N GLY A 496 -16.62 23.22 43.35
CA GLY A 496 -16.23 24.45 43.99
C GLY A 496 -16.94 25.65 43.41
N GLU A 497 -16.92 26.76 44.16
CA GLU A 497 -17.66 27.94 43.73
C GLU A 497 -17.07 28.55 42.47
N GLY A 498 -15.74 28.54 42.34
CA GLY A 498 -15.13 28.99 41.11
C GLY A 498 -15.58 28.18 39.91
N LEU A 499 -15.57 26.85 40.05
CA LEU A 499 -16.02 25.98 38.96
C LEU A 499 -17.53 26.05 38.77
N ARG A 500 -18.29 26.08 39.88
CA ARG A 500 -19.74 26.14 39.76
C ARG A 500 -20.19 27.38 39.02
N ALA A 501 -19.50 28.51 39.23
CA ALA A 501 -19.85 29.74 38.50
C ALA A 501 -19.62 29.57 37.01
N VAL A 502 -18.49 28.96 36.62
CA VAL A 502 -18.20 28.77 35.20
C VAL A 502 -19.20 27.82 34.56
N LEU A 503 -19.52 26.71 35.25
CA LEU A 503 -20.52 25.79 34.73
C LEU A 503 -21.87 26.48 34.57
N THR A 504 -22.25 27.31 35.55
CA THR A 504 -23.52 28.02 35.47
C THR A 504 -23.53 29.03 34.33
N ALA A 505 -22.41 29.75 34.15
CA ALA A 505 -22.34 30.75 33.09
C ALA A 505 -22.52 30.11 31.73
N ILE A 506 -21.94 28.93 31.52
CA ILE A 506 -22.09 28.23 30.25
C ILE A 506 -23.51 27.69 30.09
N GLY A 507 -24.12 27.28 31.20
CA GLY A 507 -25.46 26.69 31.10
C GLY A 507 -26.54 27.72 30.81
N THR A 508 -26.48 28.86 31.49
CA THR A 508 -27.51 29.88 31.27
C THR A 508 -27.34 30.57 29.91
N ALA A 509 -26.12 30.58 29.37
CA ALA A 509 -25.88 31.16 28.06
C ALA A 509 -26.37 30.26 26.93
N ASN A 510 -26.66 28.99 27.21
CA ASN A 510 -27.20 28.06 26.23
C ASN A 510 -28.69 27.83 26.45
N ASP A 511 -29.33 28.61 27.32
CA ASP A 511 -30.77 28.49 27.60
C ASP A 511 -31.13 27.07 28.06
N LEU A 512 -30.25 26.47 28.84
CA LEU A 512 -30.50 25.16 29.43
C LEU A 512 -31.13 25.25 30.82
N GLY A 513 -31.32 26.45 31.34
CA GLY A 513 -31.93 26.63 32.64
C GLY A 513 -30.95 26.52 33.79
N GLY A 514 -30.32 25.36 33.92
CA GLY A 514 -29.37 25.12 34.97
C GLY A 514 -27.94 25.17 34.48
N PRO A 515 -26.99 24.77 35.32
CA PRO A 515 -25.59 24.78 34.94
C PRO A 515 -25.18 23.51 34.20
N LEU A 516 -24.04 23.59 33.54
CA LEU A 516 -23.43 22.41 32.96
C LEU A 516 -22.97 21.48 34.09
N PRO A 517 -23.06 20.17 33.90
CA PRO A 517 -22.62 19.26 34.96
C PRO A 517 -21.13 19.39 35.18
N PRO A 518 -20.64 19.09 36.39
CA PRO A 518 -19.20 19.19 36.65
C PRO A 518 -18.39 18.11 35.93
N VAL A 519 -19.03 17.06 35.44
CA VAL A 519 -18.36 15.99 34.71
C VAL A 519 -18.85 16.02 33.27
N LEU A 520 -17.93 16.14 32.33
CA LEU A 520 -18.25 16.18 30.91
C LEU A 520 -17.95 14.82 30.30
N HIS A 521 -19.00 14.19 29.75
CA HIS A 521 -18.88 12.89 29.12
C HIS A 521 -18.44 13.08 27.67
N MET A 522 -17.24 12.63 27.34
CA MET A 522 -16.68 12.88 26.02
C MET A 522 -16.66 11.63 25.14
N GLY A 523 -17.31 10.53 25.58
CA GLY A 523 -17.56 9.40 24.72
C GLY A 523 -16.93 8.12 25.24
N SER A 524 -16.53 7.26 24.30
CA SER A 524 -16.04 5.92 24.58
C SER A 524 -14.52 5.92 24.77
N CYS A 525 -13.94 4.72 24.90
CA CYS A 525 -12.49 4.61 25.08
C CYS A 525 -11.74 5.21 23.90
N VAL A 526 -12.19 4.91 22.67
CA VAL A 526 -11.56 5.53 21.50
C VAL A 526 -11.74 7.03 21.52
N ASP A 527 -12.84 7.52 22.12
CA ASP A 527 -13.06 8.96 22.23
C ASP A 527 -12.10 9.63 23.20
N ASN A 528 -11.16 8.89 23.80
CA ASN A 528 -10.04 9.53 24.49
C ASN A 528 -9.25 10.42 23.55
N SER A 529 -9.34 10.17 22.25
CA SER A 529 -8.72 11.06 21.27
C SER A 529 -9.35 12.45 21.31
N ARG A 530 -10.66 12.53 21.58
CA ARG A 530 -11.29 13.83 21.77
C ARG A 530 -10.62 14.59 22.91
N ILE A 531 -10.38 13.90 24.04
CA ILE A 531 -9.67 14.53 25.14
C ILE A 531 -8.30 14.99 24.68
N GLY A 532 -7.59 14.14 23.93
CA GLY A 532 -6.32 14.56 23.36
C GLY A 532 -6.45 15.76 22.45
N ASP A 533 -7.44 15.73 21.55
CA ASP A 533 -7.68 16.87 20.67
C ASP A 533 -7.99 18.14 21.46
N LEU A 534 -8.66 18.00 22.60
CA LEU A 534 -8.99 19.17 23.41
C LEU A 534 -7.75 19.79 24.03
N VAL A 535 -6.93 18.99 24.72
CA VAL A 535 -5.77 19.57 25.39
C VAL A 535 -4.76 20.09 24.37
N ILE A 536 -4.75 19.53 23.16
CA ILE A 536 -3.92 20.11 22.10
C ILE A 536 -4.44 21.50 21.73
N ALA A 537 -5.77 21.65 21.63
CA ALA A 537 -6.34 22.94 21.30
C ALA A 537 -6.12 23.96 22.41
N VAL A 538 -6.17 23.51 23.66
CA VAL A 538 -5.92 24.42 24.78
C VAL A 538 -4.46 24.87 24.78
N ALA A 539 -3.54 23.91 24.59
CA ALA A 539 -2.12 24.25 24.58
C ALA A 539 -1.78 25.21 23.44
N ASN A 540 -2.28 24.93 22.24
CA ASN A 540 -2.03 25.82 21.12
C ASN A 540 -2.60 27.22 21.37
N TYR A 541 -3.74 27.29 22.06
CA TYR A 541 -4.32 28.59 22.40
C TYR A 541 -3.36 29.37 23.31
N LEU A 542 -2.82 28.71 24.33
CA LEU A 542 -1.91 29.34 25.27
C LEU A 542 -0.47 29.41 24.78
N LYS A 543 -0.21 29.00 23.54
CA LYS A 543 1.14 29.04 22.95
C LYS A 543 2.12 28.16 23.70
N VAL A 544 1.64 27.07 24.29
CA VAL A 544 2.47 26.15 25.04
C VAL A 544 2.23 24.73 24.52
N SER A 545 2.87 23.76 25.18
CA SER A 545 2.80 22.32 24.95
C SER A 545 1.86 21.67 25.95
N PRO A 546 1.20 20.57 25.57
CA PRO A 546 0.35 19.87 26.55
C PRO A 546 1.09 19.45 27.80
N LYS A 547 2.41 19.26 27.73
CA LYS A 547 3.19 18.93 28.91
C LYS A 547 3.29 20.09 29.89
N ASP A 548 2.88 21.30 29.49
CA ASP A 548 2.88 22.46 30.36
C ASP A 548 1.50 22.78 30.92
N LEU A 549 0.44 22.11 30.45
CA LEU A 549 -0.90 22.47 30.87
C LEU A 549 -1.20 21.98 32.28
N PRO A 550 -1.99 22.74 33.05
CA PRO A 550 -2.40 22.27 34.37
C PRO A 550 -3.44 21.16 34.26
N ILE A 551 -3.01 20.00 33.78
CA ILE A 551 -3.92 18.88 33.51
C ILE A 551 -3.28 17.61 34.05
N ALA A 552 -4.09 16.56 34.07
CA ALA A 552 -3.65 15.22 34.44
C ALA A 552 -4.68 14.22 33.96
N ALA A 553 -4.25 12.99 33.77
CA ALA A 553 -5.14 11.89 33.42
C ALA A 553 -5.10 10.86 34.53
N SER A 554 -6.15 10.05 34.60
CA SER A 554 -6.24 9.05 35.66
C SER A 554 -7.02 7.84 35.15
N ALA A 555 -6.53 6.65 35.49
CA ALA A 555 -7.23 5.39 35.25
C ALA A 555 -7.43 4.73 36.61
N PRO A 556 -8.48 5.11 37.33
CA PRO A 556 -8.61 4.65 38.72
C PRO A 556 -8.77 3.13 38.85
N GLU A 557 -9.48 2.49 37.94
CA GLU A 557 -9.83 1.09 38.06
C GLU A 557 -9.57 0.34 36.77
N TYR A 558 -8.45 0.63 36.10
CA TYR A 558 -8.17 0.02 34.80
C TYR A 558 -7.94 -1.48 34.95
N GLN A 559 -8.22 -2.21 33.87
CA GLN A 559 -8.00 -3.66 33.87
C GLN A 559 -7.49 -4.16 32.52
N HIS A 560 -8.02 -3.62 31.43
CA HIS A 560 -7.73 -4.17 30.10
C HIS A 560 -6.39 -3.65 29.59
N GLU A 561 -5.76 -4.47 28.73
CA GLU A 561 -4.53 -4.05 28.07
C GLU A 561 -4.72 -2.80 27.23
N LYS A 562 -5.95 -2.51 26.81
CA LYS A 562 -6.21 -1.26 26.11
C LYS A 562 -5.96 -0.06 27.00
N ALA A 563 -6.15 -0.21 28.32
CA ALA A 563 -5.90 0.90 29.23
C ALA A 563 -4.41 1.16 29.39
N LEU A 564 -3.59 0.11 29.38
CA LEU A 564 -2.14 0.29 29.42
C LEU A 564 -1.66 1.07 28.20
N SER A 565 -2.17 0.72 27.01
CA SER A 565 -1.82 1.46 25.80
C SER A 565 -2.25 2.92 25.91
N ILE A 566 -3.50 3.15 26.31
CA ILE A 566 -4.00 4.52 26.43
C ILE A 566 -3.18 5.31 27.45
N GLY A 567 -2.92 4.70 28.61
CA GLY A 567 -2.06 5.35 29.58
C GLY A 567 -0.71 5.72 29.02
N THR A 568 -0.11 4.80 28.25
CA THR A 568 1.17 5.10 27.61
C THR A 568 1.02 6.22 26.59
N TRP A 569 -0.09 6.24 25.85
CA TRP A 569 -0.33 7.32 24.90
C TRP A 569 -0.39 8.66 25.61
N ALA A 570 -1.13 8.73 26.72
CA ALA A 570 -1.22 9.98 27.46
C ALA A 570 0.12 10.39 28.03
N VAL A 571 0.92 9.41 28.48
CA VAL A 571 2.29 9.69 28.91
C VAL A 571 3.10 10.24 27.74
N ALA A 572 2.96 9.63 26.56
CA ALA A 572 3.68 10.11 25.38
C ALA A 572 3.19 11.48 24.94
N MET A 573 1.93 11.81 25.21
CA MET A 573 1.38 13.13 24.92
C MET A 573 1.88 14.21 25.88
N GLY A 574 2.68 13.85 26.87
CA GLY A 574 3.19 14.82 27.83
C GLY A 574 2.34 15.01 29.06
N ILE A 575 1.41 14.09 29.35
CA ILE A 575 0.46 14.23 30.43
C ILE A 575 0.80 13.22 31.52
N MET A 576 0.92 13.69 32.76
CA MET A 576 1.04 12.78 33.89
C MET A 576 -0.23 11.93 33.99
N THR A 577 -0.03 10.61 34.05
CA THR A 577 -1.12 9.65 34.03
C THR A 577 -1.13 8.90 35.35
N HIS A 578 -2.23 9.02 36.10
CA HIS A 578 -2.37 8.32 37.37
C HIS A 578 -2.97 6.93 37.15
N LEU A 579 -2.48 5.96 37.91
CA LEU A 579 -2.92 4.58 37.83
C LEU A 579 -3.42 4.15 39.20
N GLY A 580 -4.73 3.89 39.32
CA GLY A 580 -5.29 3.46 40.57
C GLY A 580 -4.99 2.02 40.95
N VAL A 581 -4.65 1.19 39.96
CA VAL A 581 -4.29 -0.21 40.19
C VAL A 581 -2.79 -0.37 39.94
N VAL A 582 -2.15 -1.19 40.77
CA VAL A 582 -0.71 -1.41 40.70
C VAL A 582 -0.36 -2.17 39.42
N PRO A 583 0.45 -1.59 38.53
CA PRO A 583 0.80 -2.29 37.30
C PRO A 583 1.80 -3.40 37.58
N PRO A 584 1.85 -4.44 36.72
CA PRO A 584 2.77 -5.56 36.93
C PRO A 584 4.20 -5.22 36.55
N VAL A 585 4.78 -4.24 37.24
CA VAL A 585 6.05 -3.66 36.83
C VAL A 585 6.82 -3.24 38.08
N VAL A 586 6.12 -3.22 39.23
CA VAL A 586 6.72 -2.77 40.48
C VAL A 586 7.80 -3.72 41.01
N GLY A 587 7.92 -4.92 40.45
CA GLY A 587 8.99 -5.81 40.85
C GLY A 587 10.37 -5.31 40.47
N SER A 588 10.47 -4.44 39.48
CA SER A 588 11.72 -3.86 39.04
C SER A 588 11.82 -2.43 39.59
N SER A 589 12.89 -2.16 40.34
CA SER A 589 13.12 -0.79 40.81
C SER A 589 13.45 0.14 39.66
N LYS A 590 14.25 -0.32 38.69
CA LYS A 590 14.66 0.55 37.59
C LYS A 590 13.47 0.90 36.71
N VAL A 591 12.70 -0.10 36.28
CA VAL A 591 11.59 0.15 35.36
C VAL A 591 10.55 1.04 36.00
N THR A 592 10.22 0.79 37.27
CA THR A 592 9.26 1.62 37.97
C THR A 592 9.77 3.06 38.09
N ARG A 593 11.07 3.23 38.32
CA ARG A 593 11.64 4.57 38.41
C ARG A 593 11.66 5.26 37.05
N ILE A 594 11.81 4.50 35.97
CA ILE A 594 11.79 5.10 34.64
C ILE A 594 10.38 5.55 34.29
N LEU A 595 9.39 4.68 34.52
CA LEU A 595 8.02 4.99 34.14
C LEU A 595 7.40 6.09 35.00
N THR A 596 7.92 6.34 36.20
CA THR A 596 7.30 7.29 37.11
C THR A 596 8.15 8.53 37.37
N GLN A 597 9.43 8.52 36.98
CA GLN A 597 10.28 9.67 37.24
C GLN A 597 11.10 10.05 36.02
N ASP A 598 11.83 9.08 35.46
CA ASP A 598 12.71 9.39 34.33
C ASP A 598 11.91 9.80 33.09
N ALA A 599 10.70 9.29 32.93
CA ALA A 599 9.89 9.63 31.77
C ALA A 599 9.54 11.12 31.71
N GLU A 600 9.56 11.80 32.86
CA GLU A 600 9.16 13.20 32.89
C GLU A 600 10.15 14.08 32.13
N ALA A 601 11.46 13.85 32.34
CA ALA A 601 12.46 14.60 31.61
C ALA A 601 12.58 14.12 30.17
N LEU A 602 12.28 12.84 29.91
CA LEU A 602 12.37 12.32 28.56
C LEU A 602 11.30 12.90 27.66
N ILE A 603 10.03 12.78 28.08
CA ILE A 603 8.90 12.99 27.18
C ILE A 603 7.83 13.90 27.78
N GLY A 604 8.00 14.36 29.02
CA GLY A 604 7.06 15.29 29.61
C GLY A 604 6.10 14.63 30.59
N GLY A 605 5.55 13.48 30.21
CA GLY A 605 4.61 12.77 31.05
C GLY A 605 5.28 11.69 31.90
N LYS A 606 4.48 11.09 32.77
CA LYS A 606 4.95 10.04 33.65
C LYS A 606 3.74 9.34 34.24
N PHE A 607 3.95 8.12 34.75
CA PHE A 607 2.91 7.39 35.45
C PHE A 607 2.96 7.71 36.94
N TYR A 608 1.80 7.79 37.56
CA TYR A 608 1.66 8.06 38.98
C TYR A 608 0.81 6.97 39.61
N VAL A 609 1.44 6.07 40.36
CA VAL A 609 0.77 4.93 40.96
C VAL A 609 0.31 5.31 42.36
N GLU A 610 -1.00 5.25 42.60
CA GLU A 610 -1.54 5.54 43.92
C GLU A 610 -2.87 4.83 44.08
N THR A 611 -2.95 3.92 45.06
CA THR A 611 -4.14 3.12 45.28
C THR A 611 -5.18 3.79 46.17
N ASP A 612 -4.83 4.91 46.80
CA ASP A 612 -5.80 5.61 47.63
C ASP A 612 -6.40 6.77 46.86
N PRO A 613 -7.73 6.86 46.75
CA PRO A 613 -8.34 7.96 45.98
C PRO A 613 -8.06 9.33 46.56
N TYR A 614 -7.95 9.44 47.87
CA TYR A 614 -7.71 10.74 48.49
C TYR A 614 -6.24 11.15 48.39
N LYS A 615 -5.33 10.19 48.52
CA LYS A 615 -3.93 10.48 48.24
C LYS A 615 -3.73 10.82 46.77
N ALA A 616 -4.43 10.10 45.88
CA ALA A 616 -4.32 10.38 44.45
C ALA A 616 -4.82 11.78 44.11
N ALA A 617 -5.99 12.14 44.66
CA ALA A 617 -6.56 13.45 44.37
C ALA A 617 -5.65 14.57 44.85
N ALA A 618 -5.09 14.44 46.06
CA ALA A 618 -4.17 15.45 46.56
C ALA A 618 -2.92 15.56 45.69
N GLY A 619 -2.41 14.42 45.22
CA GLY A 619 -1.23 14.45 44.37
C GLY A 619 -1.51 15.03 43.00
N ILE A 620 -2.67 14.71 42.43
CA ILE A 620 -3.05 15.26 41.14
C ILE A 620 -3.21 16.78 41.24
N ILE A 621 -3.80 17.25 42.34
CA ILE A 621 -3.98 18.69 42.51
C ILE A 621 -2.64 19.39 42.69
N GLU A 622 -1.69 18.74 43.35
CA GLU A 622 -0.38 19.36 43.53
C GLU A 622 0.39 19.39 42.22
N HIS A 623 0.23 18.37 41.38
CA HIS A 623 0.84 18.41 40.06
C HIS A 623 0.26 19.53 39.21
N ILE A 624 -1.06 19.74 39.30
CA ILE A 624 -1.70 20.82 38.54
C ILE A 624 -1.20 22.17 39.01
N LYS A 625 -1.17 22.38 40.33
CA LYS A 625 -0.65 23.64 40.86
C LYS A 625 0.80 23.87 40.46
N ALA A 626 1.59 22.79 40.36
CA ALA A 626 2.97 22.93 39.92
C ALA A 626 3.03 23.44 38.49
N LYS A 627 2.20 22.87 37.60
CA LYS A 627 2.13 23.38 36.23
C LYS A 627 1.63 24.82 36.20
N ARG A 628 0.71 25.17 37.10
CA ARG A 628 0.25 26.55 37.17
C ARG A 628 1.36 27.50 37.61
N ALA A 629 2.17 27.07 38.57
CA ALA A 629 3.27 27.93 39.04
C ALA A 629 4.31 28.14 37.95
N LEU A 630 4.56 27.14 37.10
CA LEU A 630 5.50 27.31 36.01
C LEU A 630 4.94 28.15 34.88
N LEU A 631 3.62 28.27 34.77
CA LEU A 631 2.99 29.14 33.80
C LEU A 631 2.85 30.57 34.30
N ASN A 632 3.37 30.87 35.49
CA ASN A 632 3.28 32.19 36.10
C ASN A 632 1.84 32.61 36.37
N LEU A 633 0.97 31.63 36.61
CA LEU A 633 -0.42 31.91 36.95
C LEU A 633 -0.56 32.22 38.43
N SER B 4 27.94 -34.92 32.11
CA SER B 4 27.39 -36.22 32.46
C SER B 4 25.88 -36.16 32.51
N LYS B 5 25.36 -35.61 33.61
CA LYS B 5 23.92 -35.43 33.76
C LYS B 5 23.40 -34.29 32.90
N LEU B 6 24.25 -33.30 32.62
CA LEU B 6 23.80 -32.09 31.93
C LEU B 6 23.59 -32.33 30.44
N SER B 7 24.58 -32.91 29.77
CA SER B 7 24.60 -32.92 28.32
C SER B 7 25.24 -34.20 27.80
N VAL B 8 24.89 -34.55 26.57
CA VAL B 8 25.61 -35.57 25.82
C VAL B 8 26.66 -34.96 24.89
N ASP B 9 26.63 -33.64 24.69
CA ASP B 9 27.71 -32.94 24.01
C ASP B 9 28.99 -33.10 24.83
N PRO B 10 30.04 -33.71 24.27
CA PRO B 10 31.22 -34.05 25.09
C PRO B 10 31.98 -32.86 25.65
N VAL B 11 31.75 -31.64 25.15
CA VAL B 11 32.54 -30.49 25.58
C VAL B 11 31.91 -29.73 26.74
N ILE B 12 30.68 -30.05 27.13
CA ILE B 12 29.94 -29.28 28.12
C ILE B 12 30.49 -29.45 29.54
N PRO B 13 30.70 -30.67 30.04
CA PRO B 13 31.09 -30.80 31.47
C PRO B 13 32.34 -30.03 31.84
N ASN B 14 33.41 -30.13 31.04
CA ASN B 14 34.63 -29.40 31.35
C ASN B 14 34.43 -27.90 31.19
N LEU B 15 33.66 -27.49 30.18
CA LEU B 15 33.38 -26.06 30.03
C LEU B 15 32.42 -25.56 31.11
N TYR B 16 31.51 -26.41 31.58
CA TYR B 16 30.66 -26.01 32.69
C TYR B 16 31.48 -25.88 33.97
N ARG B 17 32.33 -26.87 34.27
CA ARG B 17 33.14 -26.78 35.49
C ARG B 17 34.11 -25.61 35.41
N LYS B 18 34.59 -25.27 34.21
CA LYS B 18 35.44 -24.10 34.06
C LYS B 18 34.67 -22.82 34.39
N ALA B 19 33.42 -22.73 33.92
CA ALA B 19 32.60 -21.58 34.26
C ALA B 19 32.27 -21.57 35.76
N ARG B 20 31.95 -22.73 36.32
CA ARG B 20 31.66 -22.84 37.74
C ARG B 20 32.87 -22.43 38.57
N GLU B 21 34.07 -22.84 38.14
CA GLU B 21 35.29 -22.44 38.86
C GLU B 21 35.44 -20.93 38.90
N GLU B 22 35.17 -20.26 37.78
CA GLU B 22 35.32 -18.82 37.69
C GLU B 22 34.16 -18.05 38.33
N GLY B 23 33.15 -18.75 38.85
CA GLY B 23 32.03 -18.07 39.47
C GLY B 23 31.04 -17.48 38.50
N ILE B 24 30.88 -18.09 37.33
CA ILE B 24 29.96 -17.61 36.29
C ILE B 24 28.75 -18.53 36.27
N SER B 25 27.57 -17.97 36.50
CA SER B 25 26.35 -18.74 36.44
C SER B 25 25.96 -18.99 34.99
N THR B 26 25.54 -20.21 34.70
CA THR B 26 25.15 -20.62 33.36
C THR B 26 23.65 -20.91 33.31
N VAL B 27 23.20 -21.32 32.12
CA VAL B 27 21.78 -21.64 31.94
C VAL B 27 21.38 -22.83 32.80
N PHE B 28 22.30 -23.79 33.00
CA PHE B 28 22.01 -24.93 33.85
C PHE B 28 21.89 -24.51 35.31
N ASP B 29 22.71 -23.54 35.73
CA ASP B 29 22.63 -23.05 37.10
C ASP B 29 21.29 -22.37 37.36
N ARG B 30 20.89 -21.46 36.47
CA ARG B 30 19.67 -20.70 36.69
C ARG B 30 18.43 -21.58 36.60
N TYR B 31 18.48 -22.65 35.81
CA TYR B 31 17.37 -23.60 35.79
C TYR B 31 17.24 -24.32 37.13
N GLU B 32 18.37 -24.65 37.75
CA GLU B 32 18.34 -25.32 39.05
C GLU B 32 17.74 -24.41 40.11
N ALA B 33 18.06 -23.12 40.07
CA ALA B 33 17.52 -22.17 41.04
C ALA B 33 16.02 -21.96 40.87
N GLN B 34 15.47 -22.24 39.69
CA GLN B 34 14.04 -22.08 39.46
C GLN B 34 13.23 -23.29 39.91
N GLN B 35 13.86 -24.44 40.06
CA GLN B 35 13.13 -25.63 40.46
C GLN B 35 12.73 -25.54 41.94
N PRO B 36 11.50 -25.94 42.29
CA PRO B 36 10.48 -26.39 41.34
C PRO B 36 9.75 -25.23 40.67
N GLN B 37 9.37 -25.40 39.41
CA GLN B 37 8.71 -24.34 38.66
C GLN B 37 7.19 -24.39 38.89
N CYS B 38 6.56 -23.23 38.76
CA CYS B 38 5.14 -23.11 39.05
C CYS B 38 4.32 -24.07 38.21
N GLY B 39 3.48 -24.88 38.88
CA GLY B 39 2.67 -25.84 38.18
C GLY B 39 1.58 -25.22 37.32
N PHE B 40 1.10 -24.03 37.72
CA PHE B 40 0.06 -23.37 36.93
C PHE B 40 0.59 -22.96 35.56
N GLY B 41 1.78 -22.33 35.53
CA GLY B 41 2.34 -21.92 34.26
C GLY B 41 2.77 -23.09 33.39
N LEU B 42 3.34 -24.13 34.01
CA LEU B 42 3.76 -25.32 33.26
C LEU B 42 2.58 -25.94 32.52
N THR B 43 1.42 -26.02 33.17
CA THR B 43 0.24 -26.61 32.55
C THR B 43 -0.54 -25.61 31.71
N GLY B 44 -0.15 -24.34 31.71
CA GLY B 44 -0.86 -23.33 30.96
C GLY B 44 -2.11 -22.80 31.65
N LEU B 45 -2.32 -23.13 32.90
CA LEU B 45 -3.50 -22.67 33.64
C LEU B 45 -3.19 -21.44 34.47
N CYS B 46 -2.62 -20.43 33.81
CA CYS B 46 -2.37 -19.14 34.43
C CYS B 46 -2.53 -18.06 33.38
N CYS B 47 -3.33 -17.04 33.68
CA CYS B 47 -3.58 -15.96 32.75
C CYS B 47 -3.24 -14.62 33.37
N ARG B 48 -2.62 -13.76 32.56
CA ARG B 48 -2.30 -12.39 32.94
C ARG B 48 -2.66 -11.42 31.81
N HIS B 49 -3.60 -11.79 30.94
CA HIS B 49 -3.98 -10.96 29.81
C HIS B 49 -4.71 -9.68 30.21
N CYS B 50 -4.99 -9.50 31.50
CA CYS B 50 -5.48 -8.23 32.01
C CYS B 50 -4.93 -8.04 33.42
N VAL B 51 -5.08 -6.83 33.94
CA VAL B 51 -4.48 -6.46 35.21
C VAL B 51 -5.46 -6.78 36.35
N GLN B 52 -6.51 -7.55 36.05
CA GLN B 52 -7.28 -8.17 37.12
C GLN B 52 -6.62 -9.44 37.62
N GLY B 53 -5.74 -10.04 36.82
CA GLY B 53 -5.04 -11.24 37.21
C GLY B 53 -3.91 -10.97 38.19
N PRO B 54 -3.03 -11.96 38.39
CA PRO B 54 -3.04 -13.22 37.64
C PRO B 54 -4.10 -14.19 38.12
N CYS B 55 -4.75 -14.86 37.18
CA CYS B 55 -5.75 -15.87 37.47
C CYS B 55 -5.17 -17.23 37.17
N ARG B 56 -5.30 -18.16 38.12
CA ARG B 56 -4.78 -19.51 37.95
C ARG B 56 -5.88 -20.52 38.27
N ILE B 57 -5.79 -21.68 37.62
CA ILE B 57 -6.77 -22.75 37.74
C ILE B 57 -6.05 -24.00 38.22
N ASP B 58 -6.61 -24.67 39.21
CA ASP B 58 -6.02 -25.91 39.70
C ASP B 58 -6.07 -26.97 38.61
N PRO B 59 -4.93 -27.53 38.20
CA PRO B 59 -4.95 -28.58 37.16
C PRO B 59 -5.75 -29.79 37.56
N PHE B 60 -5.85 -30.10 38.86
CA PHE B 60 -6.68 -31.19 39.33
C PHE B 60 -8.13 -30.81 39.50
N GLY B 61 -8.49 -29.55 39.28
CA GLY B 61 -9.88 -29.15 39.22
C GLY B 61 -10.59 -28.95 40.54
N GLU B 62 -9.90 -28.42 41.55
CA GLU B 62 -10.47 -28.32 42.89
C GLU B 62 -11.05 -26.93 43.18
N GLY B 63 -10.22 -25.89 43.14
CA GLY B 63 -10.66 -24.57 43.51
C GLY B 63 -11.50 -23.92 42.43
N PRO B 64 -11.18 -22.68 42.09
CA PRO B 64 -11.85 -22.02 40.95
C PRO B 64 -11.46 -22.70 39.65
N GLN B 65 -12.46 -22.93 38.80
CA GLN B 65 -12.25 -23.48 37.47
C GLN B 65 -12.52 -22.46 36.36
N ALA B 66 -12.73 -21.19 36.73
CA ALA B 66 -12.89 -20.13 35.76
C ALA B 66 -12.11 -18.92 36.24
N GLY B 67 -11.53 -18.17 35.30
CA GLY B 67 -10.81 -16.96 35.65
C GLY B 67 -11.74 -15.89 36.20
N ILE B 68 -11.17 -14.76 36.63
CA ILE B 68 -11.99 -13.68 37.17
C ILE B 68 -13.00 -13.19 36.14
N CYS B 69 -12.57 -13.06 34.88
CA CYS B 69 -13.50 -12.72 33.82
C CYS B 69 -14.46 -13.85 33.48
N GLY B 70 -14.21 -15.06 33.98
CA GLY B 70 -15.02 -16.22 33.67
C GLY B 70 -14.38 -17.18 32.69
N ALA B 71 -13.17 -16.90 32.22
CA ALA B 71 -12.51 -17.78 31.26
C ALA B 71 -12.14 -19.10 31.92
N THR B 72 -12.49 -20.21 31.28
CA THR B 72 -12.21 -21.54 31.78
C THR B 72 -10.82 -21.98 31.33
N ALA B 73 -10.43 -23.18 31.75
CA ALA B 73 -9.12 -23.71 31.38
C ALA B 73 -8.99 -23.86 29.87
N GLU B 74 -10.08 -24.20 29.18
CA GLU B 74 -10.04 -24.33 27.73
C GLU B 74 -9.77 -22.99 27.06
N VAL B 75 -10.35 -21.92 27.60
CA VAL B 75 -10.14 -20.60 27.00
C VAL B 75 -8.75 -20.09 27.33
N ILE B 76 -8.28 -20.31 28.56
CA ILE B 76 -6.99 -19.76 28.98
C ILE B 76 -5.85 -20.38 28.19
N THR B 77 -5.86 -21.70 28.05
CA THR B 77 -4.76 -22.37 27.34
C THR B 77 -4.79 -22.05 25.85
N ALA B 78 -5.96 -22.09 25.22
CA ALA B 78 -6.03 -21.84 23.79
C ALA B 78 -5.73 -20.38 23.47
N ARG B 79 -6.22 -19.46 24.29
CA ARG B 79 -5.91 -18.04 24.06
C ARG B 79 -4.43 -17.75 24.24
N ASN B 80 -3.80 -18.38 25.24
CA ASN B 80 -2.36 -18.25 25.40
C ASN B 80 -1.60 -18.86 24.23
N LEU B 81 -2.07 -20.02 23.74
CA LEU B 81 -1.38 -20.67 22.62
C LEU B 81 -1.45 -19.81 21.36
N LEU B 82 -2.58 -19.14 21.14
CA LEU B 82 -2.70 -18.28 19.96
C LEU B 82 -1.77 -17.08 20.07
N ARG B 83 -1.68 -16.47 21.26
CA ARG B 83 -0.81 -15.30 21.41
C ARG B 83 0.65 -15.66 21.23
N GLN B 84 1.06 -16.83 21.74
CA GLN B 84 2.46 -17.22 21.63
C GLN B 84 2.80 -17.71 20.22
N VAL B 85 1.88 -18.38 19.54
CA VAL B 85 2.10 -18.72 18.14
C VAL B 85 2.13 -17.47 17.28
N THR B 86 1.24 -16.51 17.58
CA THR B 86 1.27 -15.22 16.90
C THR B 86 2.57 -14.49 17.15
N ALA B 87 3.12 -14.61 18.37
CA ALA B 87 4.41 -14.00 18.67
C ALA B 87 5.53 -14.64 17.87
N GLY B 88 5.52 -15.97 17.77
CA GLY B 88 6.53 -16.65 16.97
C GLY B 88 6.39 -16.37 15.49
N ALA B 89 5.15 -16.14 15.02
CA ALA B 89 4.95 -15.80 13.62
C ALA B 89 5.48 -14.40 13.31
N ALA B 90 5.39 -13.48 14.26
CA ALA B 90 5.93 -12.14 14.04
C ALA B 90 7.45 -12.14 14.02
N ALA B 91 8.09 -13.11 14.67
CA ALA B 91 9.55 -13.18 14.62
C ALA B 91 10.04 -13.59 13.24
N HIS B 92 9.42 -14.60 12.64
CA HIS B 92 9.85 -15.04 11.31
C HIS B 92 9.42 -14.04 10.24
N VAL B 93 8.24 -13.46 10.38
CA VAL B 93 7.76 -12.49 9.40
C VAL B 93 8.65 -11.24 9.40
N ASP B 94 9.01 -10.76 10.59
CA ASP B 94 9.92 -9.62 10.67
C ASP B 94 11.29 -9.97 10.10
N HIS B 95 11.73 -11.21 10.31
CA HIS B 95 12.95 -11.70 9.66
C HIS B 95 12.82 -11.61 8.15
N ALA B 96 11.81 -12.28 7.59
CA ALA B 96 11.62 -12.28 6.14
C ALA B 96 11.34 -10.88 5.60
N TYR B 97 10.84 -9.98 6.44
CA TYR B 97 10.58 -8.61 6.00
C TYR B 97 11.87 -7.80 5.89
N ASP B 98 12.87 -8.11 6.71
CA ASP B 98 14.16 -7.44 6.59
C ASP B 98 14.87 -7.83 5.31
N VAL B 99 14.77 -9.10 4.92
CA VAL B 99 15.38 -9.55 3.66
C VAL B 99 14.63 -8.96 2.48
N LEU B 100 13.32 -8.72 2.62
CA LEU B 100 12.56 -8.11 1.55
C LEU B 100 12.99 -6.68 1.30
N GLU B 101 13.28 -5.93 2.38
CA GLU B 101 13.77 -4.57 2.22
C GLU B 101 15.10 -4.55 1.47
N VAL B 102 15.96 -5.53 1.71
CA VAL B 102 17.25 -5.58 1.02
C VAL B 102 17.04 -5.87 -0.47
N LEU B 103 16.16 -6.83 -0.79
CA LEU B 103 15.85 -7.11 -2.18
C LEU B 103 15.33 -5.87 -2.89
N GLU B 104 14.50 -5.08 -2.21
CA GLU B 104 13.99 -3.84 -2.80
C GLU B 104 15.11 -2.85 -3.04
N GLN B 105 16.11 -2.80 -2.15
CA GLN B 105 17.23 -1.89 -2.35
C GLN B 105 18.10 -2.33 -3.52
N ILE B 106 18.18 -3.64 -3.79
CA ILE B 106 18.90 -4.11 -4.97
C ILE B 106 18.19 -3.65 -6.23
N ALA B 107 16.85 -3.65 -6.22
CA ALA B 107 16.09 -3.13 -7.35
C ALA B 107 16.32 -1.63 -7.53
N GLN B 108 16.65 -0.93 -6.45
CA GLN B 108 16.95 0.50 -6.51
C GLN B 108 18.45 0.77 -6.67
N GLY B 109 19.26 -0.26 -6.82
CA GLY B 109 20.63 -0.09 -7.25
C GLY B 109 21.67 0.03 -6.16
N THR B 110 21.47 -0.63 -5.02
CA THR B 110 22.48 -0.57 -3.96
C THR B 110 23.70 -1.41 -4.34
N GLU B 111 24.84 -1.04 -3.78
CA GLU B 111 26.09 -1.76 -4.01
C GLU B 111 26.47 -2.65 -2.84
N SER B 112 25.63 -2.75 -1.80
CA SER B 112 25.94 -3.62 -0.68
C SER B 112 25.64 -5.08 -1.00
N TYR B 113 24.49 -5.34 -1.62
CA TYR B 113 24.07 -6.69 -1.97
C TYR B 113 23.71 -6.73 -3.45
N SER B 114 23.47 -7.95 -3.94
CA SER B 114 23.11 -8.17 -5.34
C SER B 114 22.48 -9.55 -5.45
N ILE B 115 22.02 -9.89 -6.65
CA ILE B 115 21.52 -11.24 -6.92
C ILE B 115 22.72 -12.12 -7.22
N LYS B 116 23.02 -13.06 -6.33
CA LYS B 116 24.11 -13.99 -6.53
C LYS B 116 23.67 -15.32 -7.10
N ASP B 117 22.36 -15.60 -7.10
CA ASP B 117 21.80 -16.84 -7.64
C ASP B 117 20.65 -16.43 -8.56
N GLN B 118 20.97 -16.10 -9.81
CA GLN B 118 19.96 -15.65 -10.75
C GLN B 118 19.00 -16.76 -11.16
N GLU B 119 19.44 -18.02 -11.08
CA GLU B 119 18.56 -19.13 -11.43
C GLU B 119 17.46 -19.30 -10.39
N LYS B 120 17.80 -19.17 -9.11
CA LYS B 120 16.78 -19.16 -8.07
C LYS B 120 15.81 -18.00 -8.26
N LEU B 121 16.35 -16.82 -8.57
CA LEU B 121 15.51 -15.66 -8.85
C LEU B 121 14.51 -15.94 -9.97
N LYS B 122 14.98 -16.57 -11.06
CA LYS B 122 14.09 -16.85 -12.17
C LYS B 122 13.10 -17.97 -11.85
N GLN B 123 13.50 -18.92 -11.01
CA GLN B 123 12.57 -19.99 -10.64
C GLN B 123 11.48 -19.47 -9.71
N VAL B 124 11.84 -18.58 -8.78
CA VAL B 124 10.83 -18.00 -7.88
C VAL B 124 9.91 -17.06 -8.65
N ALA B 125 10.47 -16.27 -9.58
CA ALA B 125 9.65 -15.37 -10.38
C ALA B 125 8.60 -16.14 -11.16
N PHE B 126 8.97 -17.29 -11.72
CA PHE B 126 7.98 -18.12 -12.41
C PHE B 126 6.89 -18.59 -11.46
N THR B 127 7.25 -18.92 -10.22
CA THR B 127 6.27 -19.37 -9.25
C THR B 127 5.29 -18.26 -8.88
N LEU B 128 5.78 -17.02 -8.82
CA LEU B 128 4.93 -15.87 -8.50
C LEU B 128 4.11 -15.39 -9.69
N GLY B 129 4.19 -16.06 -10.84
CA GLY B 129 3.46 -15.63 -12.01
C GLY B 129 4.15 -14.60 -12.87
N ILE B 130 5.45 -14.39 -12.69
CA ILE B 130 6.21 -13.43 -13.46
C ILE B 130 6.78 -14.12 -14.70
N ASP B 131 6.58 -13.51 -15.86
CA ASP B 131 7.14 -14.03 -17.11
C ASP B 131 8.61 -13.68 -17.15
N THR B 132 9.47 -14.69 -16.98
CA THR B 132 10.90 -14.44 -16.78
C THR B 132 11.55 -13.91 -18.06
N ALA B 133 11.22 -14.47 -19.21
CA ALA B 133 11.99 -14.24 -20.43
C ALA B 133 11.91 -12.78 -20.87
N ASN B 134 12.95 -12.35 -21.59
CA ASN B 134 13.07 -11.07 -22.29
C ASN B 134 12.87 -9.85 -21.39
N LYS B 135 13.02 -9.99 -20.07
CA LYS B 135 13.09 -8.82 -19.21
C LYS B 135 14.33 -8.91 -18.33
N THR B 136 14.80 -7.75 -17.90
CA THR B 136 16.08 -7.63 -17.21
C THR B 136 15.97 -8.12 -15.76
N GLU B 137 17.14 -8.27 -15.12
CA GLU B 137 17.17 -8.69 -13.73
C GLU B 137 16.55 -7.64 -12.82
N GLN B 138 16.87 -6.36 -13.04
CA GLN B 138 16.28 -5.30 -12.24
C GLN B 138 14.77 -5.25 -12.42
N GLU B 139 14.28 -5.59 -13.61
CA GLU B 139 12.83 -5.65 -13.83
C GLU B 139 12.20 -6.75 -13.01
N ILE B 140 12.84 -7.92 -12.94
CA ILE B 140 12.25 -9.04 -12.21
C ILE B 140 12.24 -8.77 -10.72
N VAL B 141 13.31 -8.17 -10.20
CA VAL B 141 13.37 -7.86 -8.77
C VAL B 141 12.30 -6.84 -8.40
N GLU B 142 12.16 -5.80 -9.21
CA GLU B 142 11.15 -4.78 -8.94
C GLU B 142 9.74 -5.37 -9.03
N GLU B 143 9.51 -6.24 -10.02
CA GLU B 143 8.22 -6.89 -10.14
C GLU B 143 7.98 -7.88 -9.01
N MET B 144 9.04 -8.51 -8.50
CA MET B 144 8.89 -9.45 -7.40
C MET B 144 8.59 -8.73 -6.09
N CYS B 145 9.23 -7.58 -5.88
CA CYS B 145 9.04 -6.85 -4.62
C CYS B 145 7.63 -6.31 -4.49
N GLN B 146 7.05 -5.82 -5.59
CA GLN B 146 5.69 -5.28 -5.54
C GLN B 146 4.66 -6.36 -5.23
N ILE B 147 4.90 -7.59 -5.69
CA ILE B 147 3.97 -8.68 -5.39
C ILE B 147 4.03 -9.03 -3.90
N ILE B 148 5.21 -8.95 -3.30
CA ILE B 148 5.36 -9.34 -1.91
C ILE B 148 4.84 -8.24 -0.99
N TYR B 149 5.20 -6.98 -1.25
CA TYR B 149 4.68 -5.87 -0.44
C TYR B 149 3.17 -5.78 -0.53
N ARG B 150 2.56 -6.27 -1.61
CA ARG B 150 1.11 -6.31 -1.69
C ARG B 150 0.53 -7.23 -0.62
N ASP B 151 1.20 -8.34 -0.33
CA ASP B 151 0.74 -9.22 0.73
C ASP B 151 0.72 -8.52 2.08
N PHE B 152 1.75 -7.71 2.36
CA PHE B 152 1.79 -6.89 3.56
C PHE B 152 0.88 -5.67 3.49
N ALA B 153 0.16 -5.50 2.37
CA ALA B 153 -0.75 -4.37 2.20
C ALA B 153 -2.16 -4.78 1.82
N ASN B 154 -2.44 -6.09 1.75
CA ASN B 154 -3.74 -6.57 1.30
C ASN B 154 -4.81 -6.24 2.34
N SER B 155 -5.82 -5.48 1.92
CA SER B 155 -6.95 -5.14 2.79
C SER B 155 -8.20 -5.96 2.48
N GLY B 156 -8.12 -6.89 1.52
CA GLY B 156 -9.26 -7.67 1.12
C GLY B 156 -9.23 -9.09 1.66
N ALA B 157 -10.21 -9.88 1.22
CA ALA B 157 -10.35 -11.26 1.66
C ALA B 157 -9.57 -12.23 0.78
N THR B 158 -8.70 -11.75 -0.09
CA THR B 158 -7.93 -12.62 -0.96
C THR B 158 -6.72 -13.19 -0.20
N PRO B 159 -6.46 -14.49 -0.30
CA PRO B 159 -5.34 -15.07 0.44
C PRO B 159 -4.00 -14.51 -0.02
N MET B 160 -3.00 -14.68 0.85
CA MET B 160 -1.63 -14.27 0.54
C MET B 160 -1.17 -14.87 -0.78
N THR B 161 -0.59 -14.02 -1.63
CA THR B 161 0.01 -14.53 -2.87
C THR B 161 1.14 -15.50 -2.56
N TYR B 162 1.92 -15.23 -1.52
CA TYR B 162 3.04 -16.11 -1.19
C TYR B 162 2.59 -17.44 -0.60
N LEU B 163 1.39 -17.49 -0.02
CA LEU B 163 0.85 -18.78 0.42
C LEU B 163 0.29 -19.57 -0.76
N LYS B 164 -0.44 -18.88 -1.65
CA LYS B 164 -1.15 -19.57 -2.73
C LYS B 164 -0.18 -20.08 -3.78
N ALA B 165 0.90 -19.35 -4.06
CA ALA B 165 1.82 -19.75 -5.11
C ALA B 165 2.70 -20.93 -4.69
N ASN B 166 2.76 -21.25 -3.40
CA ASN B 166 3.65 -22.28 -2.89
C ASN B 166 2.90 -23.37 -2.12
N SER B 167 1.62 -23.57 -2.45
CA SER B 167 0.81 -24.56 -1.75
C SER B 167 0.16 -25.50 -2.75
N PRO B 168 0.11 -26.80 -2.44
CA PRO B 168 -0.65 -27.73 -3.28
C PRO B 168 -2.15 -27.42 -3.19
N ARG B 169 -2.87 -27.85 -4.22
CA ARG B 169 -4.28 -27.49 -4.32
C ARG B 169 -5.11 -28.12 -3.20
N GLU B 170 -4.75 -29.33 -2.76
CA GLU B 170 -5.50 -29.96 -1.68
C GLU B 170 -5.39 -29.16 -0.39
N ARG B 171 -4.19 -28.66 -0.08
CA ARG B 171 -4.02 -27.82 1.10
C ARG B 171 -4.81 -26.51 0.97
N LEU B 172 -4.78 -25.91 -0.23
CA LEU B 172 -5.56 -24.70 -0.47
C LEU B 172 -7.06 -24.96 -0.31
N GLU B 173 -7.52 -26.13 -0.77
CA GLU B 173 -8.94 -26.46 -0.61
C GLU B 173 -9.26 -26.80 0.84
N THR B 174 -8.38 -27.54 1.51
CA THR B 174 -8.62 -27.89 2.91
C THR B 174 -8.65 -26.64 3.78
N TRP B 175 -7.71 -25.71 3.56
CA TRP B 175 -7.65 -24.51 4.38
C TRP B 175 -8.82 -23.57 4.09
N GLU B 176 -9.32 -23.56 2.85
CA GLU B 176 -10.45 -22.70 2.52
C GLU B 176 -11.70 -23.13 3.28
N LYS B 177 -11.94 -24.45 3.38
CA LYS B 177 -13.09 -24.93 4.12
C LYS B 177 -12.98 -24.64 5.61
N LEU B 178 -11.77 -24.67 6.15
CA LEU B 178 -11.55 -24.37 7.56
C LEU B 178 -11.53 -22.88 7.85
N GLY B 179 -11.52 -22.02 6.83
CA GLY B 179 -11.47 -20.60 7.04
C GLY B 179 -10.18 -20.13 7.71
N VAL B 180 -9.06 -20.76 7.38
CA VAL B 180 -7.78 -20.46 8.00
C VAL B 180 -6.79 -19.85 7.01
N LEU B 181 -7.25 -19.43 5.84
CA LEU B 181 -6.36 -18.86 4.85
C LEU B 181 -5.94 -17.45 5.26
N PRO B 182 -4.65 -17.17 5.38
CA PRO B 182 -4.21 -15.81 5.72
C PRO B 182 -4.27 -14.87 4.54
N ARG B 183 -4.59 -13.61 4.82
CA ARG B 183 -4.72 -12.57 3.82
C ARG B 183 -3.54 -11.60 3.80
N ASN B 184 -3.00 -11.30 4.96
CA ASN B 184 -1.98 -10.28 5.17
C ASN B 184 -1.25 -10.64 6.45
N PRO B 185 0.04 -10.96 6.37
CA PRO B 185 0.75 -11.38 7.60
C PRO B 185 0.70 -10.34 8.70
N ASP B 186 0.92 -9.07 8.35
CA ASP B 186 0.85 -8.01 9.37
C ASP B 186 -0.55 -7.89 9.96
N ARG B 187 -1.58 -8.02 9.12
CA ARG B 187 -2.94 -7.88 9.62
C ARG B 187 -3.35 -9.07 10.48
N GLU B 188 -2.93 -10.29 10.10
CA GLU B 188 -3.31 -11.45 10.88
C GLU B 188 -2.67 -11.44 12.26
N ILE B 189 -1.47 -10.87 12.37
CA ILE B 189 -0.84 -10.73 13.68
C ILE B 189 -1.62 -9.74 14.55
N ARG B 190 -2.00 -8.60 13.97
CA ARG B 190 -2.78 -7.61 14.70
C ARG B 190 -4.12 -8.19 15.12
N GLU B 191 -4.82 -8.84 14.19
CA GLU B 191 -6.15 -9.36 14.47
C GLU B 191 -6.10 -10.50 15.48
N ALA B 192 -5.08 -11.36 15.39
CA ALA B 192 -4.97 -12.47 16.32
C ALA B 192 -4.55 -11.98 17.71
N LEU B 193 -3.57 -11.08 17.77
CA LEU B 193 -3.19 -10.48 19.05
C LEU B 193 -4.37 -9.76 19.68
N HIS B 194 -5.19 -9.11 18.85
CA HIS B 194 -6.45 -8.53 19.34
C HIS B 194 -7.38 -9.60 19.89
N GLN B 195 -7.44 -10.74 19.21
CA GLN B 195 -8.31 -11.86 19.57
C GLN B 195 -7.86 -12.56 20.86
N THR B 196 -6.69 -12.23 21.40
CA THR B 196 -6.22 -12.83 22.64
C THR B 196 -6.30 -11.89 23.82
N THR B 197 -6.69 -10.63 23.61
CA THR B 197 -6.89 -9.74 24.74
C THR B 197 -8.14 -10.16 25.52
N MET B 198 -8.32 -9.55 26.69
CA MET B 198 -9.39 -9.97 27.59
C MET B 198 -10.76 -9.75 26.95
N GLY B 199 -11.69 -10.63 27.29
CA GLY B 199 -13.08 -10.48 26.84
C GLY B 199 -13.30 -10.69 25.37
N MET B 200 -12.50 -11.52 24.73
CA MET B 200 -12.55 -11.73 23.28
C MET B 200 -13.08 -13.15 23.03
N ASP B 201 -12.41 -13.96 22.22
CA ASP B 201 -12.95 -15.25 21.84
C ASP B 201 -12.94 -16.22 23.02
N ALA B 202 -14.09 -16.84 23.29
CA ALA B 202 -14.21 -17.87 24.31
C ALA B 202 -14.42 -19.25 23.71
N ASP B 203 -14.24 -19.39 22.39
CA ASP B 203 -14.40 -20.68 21.72
C ASP B 203 -13.03 -21.31 21.52
N PRO B 204 -12.72 -22.42 22.21
CA PRO B 204 -11.38 -23.01 22.04
C PRO B 204 -11.12 -23.50 20.63
N VAL B 205 -12.13 -24.05 19.96
CA VAL B 205 -11.95 -24.49 18.58
C VAL B 205 -11.72 -23.29 17.67
N ASN B 206 -12.48 -22.22 17.86
CA ASN B 206 -12.27 -21.02 17.05
C ASN B 206 -10.92 -20.39 17.31
N LEU B 207 -10.41 -20.48 18.54
CA LEU B 207 -9.08 -19.96 18.85
C LEU B 207 -7.98 -20.79 18.20
N ILE B 208 -8.16 -22.12 18.18
CA ILE B 208 -7.14 -22.97 17.58
C ILE B 208 -7.18 -22.84 16.06
N LEU B 209 -8.36 -22.64 15.48
CA LEU B 209 -8.44 -22.40 14.04
C LEU B 209 -7.67 -21.15 13.64
N LYS B 210 -7.65 -20.13 14.49
CA LYS B 210 -6.83 -18.96 14.21
C LYS B 210 -5.35 -19.22 14.50
N THR B 211 -5.06 -20.14 15.42
CA THR B 211 -3.68 -20.56 15.62
C THR B 211 -3.13 -21.23 14.36
N ILE B 212 -3.95 -22.07 13.72
CA ILE B 212 -3.56 -22.69 12.46
C ILE B 212 -3.27 -21.63 11.41
N ARG B 213 -4.12 -20.60 11.33
CA ARG B 213 -3.89 -19.52 10.37
C ARG B 213 -2.57 -18.82 10.61
N LEU B 214 -2.26 -18.52 11.87
CA LEU B 214 -1.00 -17.85 12.17
C LEU B 214 0.20 -18.75 11.95
N GLY B 215 0.02 -20.06 12.04
CA GLY B 215 1.05 -20.97 11.57
C GLY B 215 1.28 -20.84 10.07
N LEU B 216 0.18 -20.68 9.31
CA LEU B 216 0.32 -20.47 7.87
C LEU B 216 0.94 -19.12 7.56
N VAL B 217 0.70 -18.12 8.41
CA VAL B 217 1.43 -16.87 8.30
C VAL B 217 2.93 -17.11 8.51
N ASP B 218 3.27 -17.91 9.53
CA ASP B 218 4.66 -18.09 9.90
C ASP B 218 5.42 -18.86 8.82
N GLY B 219 4.79 -19.85 8.19
CA GLY B 219 5.46 -20.70 7.25
C GLY B 219 5.67 -20.08 5.87
N PHE B 220 4.69 -19.34 5.39
CA PHE B 220 4.74 -18.79 4.03
C PHE B 220 5.15 -17.33 3.99
N ALA B 221 4.79 -16.54 4.99
CA ALA B 221 5.25 -15.16 5.06
C ALA B 221 6.52 -15.01 5.89
N GLY B 222 6.95 -16.07 6.57
CA GLY B 222 8.17 -16.02 7.34
C GLY B 222 9.22 -16.99 6.83
N LEU B 223 8.96 -18.30 6.97
CA LEU B 223 9.93 -19.32 6.60
C LEU B 223 10.17 -19.32 5.10
N LYS B 224 9.11 -19.50 4.30
CA LYS B 224 9.27 -19.65 2.86
C LYS B 224 9.78 -18.36 2.22
N LEU B 225 9.28 -17.21 2.67
CA LEU B 225 9.72 -15.95 2.09
C LEU B 225 11.19 -15.68 2.40
N ALA B 226 11.64 -16.00 3.62
CA ALA B 226 13.03 -15.76 3.98
C ALA B 226 13.97 -16.66 3.18
N THR B 227 13.63 -17.94 3.08
CA THR B 227 14.51 -18.88 2.39
C THR B 227 14.62 -18.55 0.90
N ASP B 228 13.50 -18.13 0.28
CA ASP B 228 13.53 -17.75 -1.12
C ASP B 228 14.47 -16.57 -1.35
N LEU B 229 14.21 -15.45 -0.69
CA LEU B 229 14.97 -14.24 -0.94
C LEU B 229 16.41 -14.33 -0.44
N GLN B 230 16.70 -15.23 0.52
CA GLN B 230 18.08 -15.39 0.96
C GLN B 230 18.89 -16.24 0.00
N ASP B 231 18.26 -17.25 -0.62
CA ASP B 231 18.92 -17.97 -1.70
C ASP B 231 19.18 -17.05 -2.89
N ILE B 232 18.23 -16.17 -3.20
CA ILE B 232 18.40 -15.27 -4.34
C ILE B 232 19.56 -14.31 -4.08
N ILE B 233 19.65 -13.78 -2.87
CA ILE B 233 20.68 -12.77 -2.59
C ILE B 233 22.05 -13.41 -2.35
N PHE B 234 22.09 -14.59 -1.73
CA PHE B 234 23.36 -15.16 -1.29
C PHE B 234 23.68 -16.52 -1.91
N GLY B 235 22.80 -17.08 -2.73
CA GLY B 235 23.10 -18.34 -3.39
C GLY B 235 22.44 -19.55 -2.76
N THR B 236 21.85 -20.40 -3.59
CA THR B 236 21.27 -21.64 -3.11
C THR B 236 22.35 -22.51 -2.50
N PRO B 237 22.14 -23.08 -1.31
CA PRO B 237 23.15 -23.94 -0.71
C PRO B 237 23.37 -25.20 -1.53
N GLN B 238 24.62 -25.63 -1.59
CA GLN B 238 25.01 -26.86 -2.26
C GLN B 238 25.99 -27.60 -1.35
N PRO B 239 26.16 -28.91 -1.55
CA PRO B 239 26.94 -29.71 -0.60
C PRO B 239 28.31 -29.11 -0.29
N VAL B 240 28.64 -29.07 0.99
CA VAL B 240 29.93 -28.60 1.49
C VAL B 240 30.43 -29.56 2.55
N VAL B 241 31.71 -29.45 2.86
CA VAL B 241 32.37 -30.21 3.92
C VAL B 241 32.95 -29.22 4.91
N THR B 242 32.75 -29.49 6.20
CA THR B 242 33.20 -28.58 7.25
C THR B 242 33.20 -29.35 8.57
N GLU B 243 33.23 -28.62 9.68
CA GLU B 243 33.29 -29.22 11.00
C GLU B 243 32.23 -28.62 11.91
N ALA B 244 32.08 -29.20 13.10
CA ALA B 244 31.12 -28.73 14.09
C ALA B 244 31.73 -28.88 15.48
N ASN B 245 31.00 -28.38 16.47
CA ASN B 245 31.38 -28.36 17.88
C ASN B 245 32.52 -27.38 18.15
N LEU B 246 32.79 -27.09 19.42
CA LEU B 246 33.66 -25.98 19.79
C LEU B 246 35.15 -26.26 19.57
N GLY B 247 35.51 -27.44 19.07
CA GLY B 247 36.88 -27.66 18.67
C GLY B 247 37.33 -26.88 17.45
N VAL B 248 36.38 -26.24 16.75
CA VAL B 248 36.71 -25.43 15.58
C VAL B 248 37.27 -24.07 15.94
N LEU B 249 37.33 -23.74 17.22
CA LEU B 249 38.03 -22.54 17.67
C LEU B 249 39.53 -22.80 17.71
N LYS B 250 40.31 -21.90 17.13
CA LYS B 250 41.76 -22.03 17.06
C LYS B 250 42.43 -20.96 17.89
N GLU B 251 43.38 -21.35 18.74
CA GLU B 251 44.04 -20.39 19.63
C GLU B 251 44.93 -19.42 18.86
N ASP B 252 45.52 -19.84 17.74
CA ASP B 252 46.40 -18.98 16.98
C ASP B 252 45.66 -17.96 16.12
N TYR B 253 44.35 -18.11 15.97
CA TYR B 253 43.56 -17.24 15.10
C TYR B 253 42.78 -16.22 15.92
N VAL B 254 42.27 -15.22 15.22
CA VAL B 254 41.22 -14.35 15.76
C VAL B 254 39.90 -15.08 15.55
N ASN B 255 39.23 -15.42 16.66
CA ASN B 255 38.01 -16.20 16.62
C ASN B 255 36.82 -15.26 16.74
N ILE B 256 36.06 -15.12 15.65
CA ILE B 256 34.84 -14.32 15.61
C ILE B 256 33.66 -15.27 15.48
N ILE B 257 32.74 -15.21 16.43
CA ILE B 257 31.54 -16.04 16.42
C ILE B 257 30.36 -15.19 15.98
N VAL B 258 29.63 -15.66 14.97
CA VAL B 258 28.37 -15.06 14.57
C VAL B 258 27.24 -15.78 15.30
N HIS B 259 26.32 -15.01 15.86
CA HIS B 259 25.24 -15.57 16.66
C HIS B 259 23.95 -14.81 16.34
N GLY B 260 22.87 -15.56 16.19
CA GLY B 260 21.60 -14.98 15.82
C GLY B 260 20.90 -15.71 14.70
N HIS B 261 20.29 -14.98 13.76
CA HIS B 261 19.42 -15.61 12.77
C HIS B 261 19.46 -15.01 11.38
N VAL B 262 19.78 -13.73 11.20
CA VAL B 262 19.63 -13.05 9.93
C VAL B 262 21.00 -13.07 9.24
N PRO B 263 21.14 -13.75 8.09
CA PRO B 263 22.46 -13.81 7.43
C PRO B 263 22.89 -12.51 6.79
N LEU B 264 22.03 -11.48 6.76
CA LEU B 264 22.43 -10.19 6.21
C LEU B 264 23.65 -9.62 6.95
N LEU B 265 23.84 -10.00 8.20
CA LEU B 265 25.00 -9.59 8.98
C LEU B 265 26.14 -10.61 8.88
N SER B 266 25.84 -11.89 9.10
CA SER B 266 26.90 -12.90 9.13
C SER B 266 27.55 -13.08 7.77
N GLU B 267 26.79 -12.93 6.68
CA GLU B 267 27.39 -12.97 5.35
C GLU B 267 28.39 -11.82 5.16
N LYS B 268 28.02 -10.62 5.60
CA LYS B 268 28.93 -9.49 5.49
C LYS B 268 30.15 -9.66 6.38
N ILE B 269 29.98 -10.26 7.56
CA ILE B 269 31.13 -10.53 8.42
C ILE B 269 32.06 -11.54 7.76
N VAL B 270 31.50 -12.61 7.18
CA VAL B 270 32.30 -13.60 6.46
C VAL B 270 33.05 -12.93 5.31
N GLU B 271 32.37 -12.05 4.57
CA GLU B 271 32.99 -11.36 3.44
C GLU B 271 34.15 -10.48 3.91
N TRP B 272 33.94 -9.71 4.98
CA TRP B 272 34.95 -8.76 5.41
C TRP B 272 35.92 -9.34 6.44
N SER B 273 35.69 -10.55 6.95
CA SER B 273 36.74 -11.21 7.72
C SER B 273 37.84 -11.74 6.81
N ARG B 274 37.49 -12.14 5.58
CA ARG B 274 38.50 -12.60 4.64
C ARG B 274 39.29 -11.43 4.06
N LYS B 275 38.61 -10.35 3.70
CA LYS B 275 39.28 -9.21 3.09
C LYS B 275 40.22 -8.52 4.07
N LEU B 276 39.96 -8.61 5.37
CA LEU B 276 40.80 -8.02 6.40
C LEU B 276 41.71 -9.04 7.06
N GLU B 277 42.03 -10.13 6.36
CA GLU B 277 42.84 -11.20 6.94
C GLU B 277 44.26 -10.71 7.24
N ASP B 278 44.81 -9.85 6.37
CA ASP B 278 46.18 -9.40 6.56
C ASP B 278 46.34 -8.56 7.83
N GLU B 279 45.32 -7.78 8.20
CA GLU B 279 45.40 -6.99 9.41
C GLU B 279 45.45 -7.87 10.66
N ALA B 280 44.89 -9.07 10.58
CA ALA B 280 45.01 -10.02 11.69
C ALA B 280 46.42 -10.59 11.75
N LYS B 281 47.00 -10.95 10.61
CA LYS B 281 48.36 -11.44 10.59
C LYS B 281 49.34 -10.37 11.06
N LYS B 282 49.15 -9.13 10.60
CA LYS B 282 49.97 -8.03 11.11
C LYS B 282 49.83 -7.88 12.62
N ALA B 283 48.68 -8.25 13.17
CA ALA B 283 48.45 -8.18 14.61
C ALA B 283 49.07 -9.34 15.37
N GLY B 284 49.82 -10.21 14.71
CA GLY B 284 50.41 -11.35 15.37
C GLY B 284 49.52 -12.57 15.48
N ALA B 285 48.68 -12.81 14.48
CA ALA B 285 47.76 -13.94 14.48
C ALA B 285 47.91 -14.71 13.17
N LYS B 286 47.52 -15.99 13.21
CA LYS B 286 47.57 -16.79 12.00
C LYS B 286 46.52 -16.34 10.99
N GLY B 287 45.38 -15.85 11.47
CA GLY B 287 44.33 -15.38 10.58
C GLY B 287 43.07 -15.06 11.36
N ILE B 288 41.93 -15.19 10.68
CA ILE B 288 40.62 -14.95 11.27
C ILE B 288 39.79 -16.22 11.12
N ASN B 289 39.50 -16.87 12.25
CA ASN B 289 38.70 -18.09 12.28
C ASN B 289 37.27 -17.73 12.61
N LEU B 290 36.33 -18.15 11.76
CA LEU B 290 34.92 -17.87 11.94
C LEU B 290 34.18 -19.15 12.32
N ALA B 291 33.26 -19.01 13.28
CA ALA B 291 32.39 -20.10 13.69
C ALA B 291 30.99 -19.54 13.94
N GLY B 292 29.99 -20.39 13.75
CA GLY B 292 28.62 -19.94 13.87
C GLY B 292 27.82 -20.60 14.97
N ILE B 293 27.11 -19.79 15.75
CA ILE B 293 26.20 -20.28 16.78
C ILE B 293 24.77 -20.06 16.31
N CYS B 294 23.92 -21.06 16.55
CA CYS B 294 22.49 -21.01 16.23
C CYS B 294 22.24 -20.88 14.73
N CYS B 295 21.08 -20.33 14.36
CA CYS B 295 20.62 -20.41 12.98
C CYS B 295 21.49 -19.58 12.03
N THR B 296 21.99 -18.43 12.49
CA THR B 296 22.85 -17.64 11.60
C THR B 296 24.14 -18.37 11.30
N GLY B 297 24.59 -19.24 12.22
CA GLY B 297 25.70 -20.13 11.91
C GLY B 297 25.31 -21.15 10.87
N ASN B 298 24.09 -21.69 10.96
CA ASN B 298 23.59 -22.58 9.92
C ASN B 298 23.53 -21.89 8.57
N GLU B 299 23.26 -20.58 8.55
CA GLU B 299 23.16 -19.86 7.29
C GLU B 299 24.51 -19.79 6.59
N VAL B 300 25.53 -19.29 7.28
CA VAL B 300 26.87 -19.25 6.71
C VAL B 300 27.47 -20.65 6.59
N LEU B 301 26.89 -21.63 7.28
CA LEU B 301 27.28 -23.02 7.07
C LEU B 301 26.87 -23.50 5.69
N MET B 302 25.58 -23.34 5.36
CA MET B 302 25.05 -23.90 4.11
C MET B 302 25.63 -23.20 2.89
N ARG B 303 26.08 -21.95 3.03
CA ARG B 303 26.51 -21.16 1.88
C ARG B 303 27.99 -20.86 1.86
N GLN B 304 28.67 -20.86 3.01
CA GLN B 304 30.08 -20.53 3.06
C GLN B 304 30.94 -21.59 3.74
N GLY B 305 30.35 -22.73 4.14
CA GLY B 305 31.11 -23.78 4.78
C GLY B 305 31.68 -23.41 6.14
N VAL B 306 31.13 -22.39 6.79
CA VAL B 306 31.66 -21.97 8.10
C VAL B 306 31.27 -22.99 9.16
N PRO B 307 32.20 -23.45 10.00
CA PRO B 307 31.86 -24.48 10.97
C PRO B 307 30.92 -23.98 12.05
N LEU B 308 30.12 -24.91 12.58
CA LEU B 308 29.16 -24.60 13.64
C LEU B 308 29.85 -24.70 14.99
N ALA B 309 29.82 -23.62 15.77
CA ALA B 309 30.45 -23.64 17.09
C ALA B 309 29.64 -24.46 18.07
N THR B 310 28.39 -24.08 18.32
CA THR B 310 27.50 -24.82 19.19
C THR B 310 26.06 -24.38 18.91
N ASN B 311 25.13 -24.95 19.65
CA ASN B 311 23.72 -24.60 19.51
C ASN B 311 23.27 -23.70 20.66
N PHE B 312 21.97 -23.69 20.93
CA PHE B 312 21.37 -22.65 21.77
C PHE B 312 21.81 -22.77 23.23
N LEU B 313 21.69 -23.96 23.81
CA LEU B 313 21.89 -24.10 25.25
C LEU B 313 23.34 -23.87 25.64
N ALA B 314 24.29 -24.11 24.75
CA ALA B 314 25.71 -24.02 25.06
C ALA B 314 26.35 -22.74 24.54
N GLN B 315 25.56 -21.71 24.24
CA GLN B 315 26.12 -20.47 23.71
C GLN B 315 26.97 -19.75 24.75
N GLU B 316 26.67 -19.93 26.04
CA GLU B 316 27.48 -19.30 27.07
C GLU B 316 28.85 -19.95 27.18
N LEU B 317 28.92 -21.26 26.97
CA LEU B 317 30.17 -21.99 27.16
C LEU B 317 31.17 -21.69 26.06
N ALA B 318 30.73 -21.12 24.94
CA ALA B 318 31.66 -20.72 23.89
C ALA B 318 32.62 -19.65 24.40
N ILE B 319 32.09 -18.64 25.10
CA ILE B 319 32.94 -17.61 25.69
C ILE B 319 33.82 -18.20 26.78
N ILE B 320 33.35 -19.25 27.46
CA ILE B 320 34.13 -19.87 28.53
C ILE B 320 35.41 -20.49 27.99
N THR B 321 35.45 -20.85 26.70
CA THR B 321 36.68 -21.37 26.11
C THR B 321 37.82 -20.36 26.12
N GLY B 322 37.55 -19.09 26.40
CA GLY B 322 38.56 -18.07 26.47
C GLY B 322 39.12 -17.62 25.13
N ALA B 323 38.75 -18.27 24.03
CA ALA B 323 39.31 -17.96 22.72
C ALA B 323 38.40 -17.07 21.87
N VAL B 324 37.14 -16.89 22.26
CA VAL B 324 36.21 -16.06 21.51
C VAL B 324 36.63 -14.61 21.67
N ASP B 325 37.20 -14.04 20.61
CA ASP B 325 37.69 -12.66 20.68
C ASP B 325 36.58 -11.63 20.49
N LEU B 326 35.51 -12.00 19.80
CA LEU B 326 34.37 -11.12 19.60
C LEU B 326 33.19 -11.97 19.14
N MET B 327 32.02 -11.68 19.68
CA MET B 327 30.78 -12.36 19.29
C MET B 327 29.81 -11.29 18.79
N VAL B 328 29.51 -11.31 17.50
CA VAL B 328 28.58 -10.37 16.90
C VAL B 328 27.20 -11.01 16.87
N VAL B 329 26.17 -10.19 17.06
CA VAL B 329 24.82 -10.69 17.37
C VAL B 329 23.80 -9.78 16.71
N ASP B 330 22.72 -10.38 16.19
CA ASP B 330 21.62 -9.59 15.65
C ASP B 330 20.33 -9.80 16.46
N VAL B 331 19.50 -10.78 16.10
CA VAL B 331 18.20 -10.96 16.76
C VAL B 331 17.98 -12.42 17.12
N GLN B 332 17.13 -12.61 18.14
CA GLN B 332 16.51 -13.90 18.50
C GLN B 332 17.45 -14.87 19.20
N CYS B 333 16.95 -15.47 20.30
CA CYS B 333 17.61 -16.60 20.99
C CYS B 333 18.97 -16.21 21.55
N ILE B 334 19.13 -14.95 21.91
CA ILE B 334 20.38 -14.42 22.46
C ILE B 334 20.20 -14.29 23.96
N MET B 335 20.91 -15.11 24.72
CA MET B 335 20.80 -15.05 26.18
C MET B 335 21.39 -13.74 26.67
N PRO B 336 20.63 -12.94 27.43
CA PRO B 336 21.18 -11.68 27.96
C PRO B 336 22.32 -11.89 28.95
N SER B 337 22.51 -13.11 29.45
CA SER B 337 23.64 -13.42 30.33
C SER B 337 24.97 -13.33 29.60
N LEU B 338 24.97 -13.38 28.26
CA LEU B 338 26.21 -13.27 27.49
C LEU B 338 26.99 -12.02 27.84
N ALA B 339 26.29 -10.93 28.20
CA ALA B 339 26.99 -9.69 28.54
C ALA B 339 27.76 -9.82 29.84
N GLU B 340 27.19 -10.50 30.83
CA GLU B 340 27.90 -10.70 32.09
C GLU B 340 29.05 -11.71 31.93
N ILE B 341 28.90 -12.66 31.01
CA ILE B 341 29.94 -13.65 30.80
C ILE B 341 31.08 -13.07 29.97
N ALA B 342 30.75 -12.31 28.92
CA ALA B 342 31.78 -11.63 28.14
C ALA B 342 32.48 -10.56 28.96
N ALA B 343 31.83 -10.01 29.99
CA ALA B 343 32.46 -9.00 30.83
C ALA B 343 33.60 -9.58 31.65
N CYS B 344 33.56 -10.89 31.92
CA CYS B 344 34.63 -11.56 32.65
C CYS B 344 35.80 -11.96 31.75
N TYR B 345 35.77 -11.60 30.48
CA TYR B 345 36.81 -11.95 29.53
C TYR B 345 37.19 -10.72 28.71
N HIS B 346 38.18 -10.90 27.84
CA HIS B 346 38.49 -9.89 26.82
C HIS B 346 37.43 -9.86 25.73
N THR B 347 36.61 -10.91 25.64
CA THR B 347 35.60 -11.01 24.59
C THR B 347 34.72 -9.76 24.55
N ARG B 348 34.45 -9.29 23.34
CA ARG B 348 33.56 -8.16 23.13
C ARG B 348 32.27 -8.67 22.48
N LEU B 349 31.16 -8.46 23.16
CA LEU B 349 29.85 -8.80 22.63
C LEU B 349 29.30 -7.59 21.87
N VAL B 350 28.84 -7.81 20.65
CA VAL B 350 28.43 -6.72 19.76
C VAL B 350 26.98 -6.95 19.36
N THR B 351 26.14 -5.95 19.60
CA THR B 351 24.77 -5.92 19.13
C THR B 351 24.67 -5.03 17.89
N THR B 352 23.79 -5.41 16.97
CA THR B 352 23.72 -4.75 15.66
C THR B 352 22.34 -4.22 15.29
N MET B 353 21.26 -4.69 15.91
CA MET B 353 19.93 -4.29 15.45
C MET B 353 19.24 -3.39 16.47
N PRO B 354 18.39 -2.45 16.01
CA PRO B 354 17.79 -1.49 16.94
C PRO B 354 16.80 -2.10 17.93
N ILE B 355 16.24 -3.29 17.64
CA ILE B 355 15.30 -3.91 18.55
C ILE B 355 15.97 -4.93 19.47
N VAL B 356 17.29 -5.07 19.40
CA VAL B 356 18.04 -5.94 20.31
C VAL B 356 19.30 -5.24 20.79
N LYS B 357 19.22 -4.63 21.97
CA LYS B 357 20.38 -4.08 22.64
C LYS B 357 20.53 -4.79 23.99
N ILE B 358 21.77 -4.95 24.43
CA ILE B 358 22.08 -5.64 25.67
C ILE B 358 23.05 -4.78 26.47
N PRO B 359 22.67 -4.30 27.65
CA PRO B 359 23.61 -3.51 28.47
C PRO B 359 24.87 -4.32 28.76
N GLY B 360 26.02 -3.68 28.59
CA GLY B 360 27.30 -4.31 28.70
C GLY B 360 27.91 -4.71 27.38
N ALA B 361 27.07 -4.95 26.36
CA ALA B 361 27.54 -5.24 25.02
C ALA B 361 27.63 -3.97 24.20
N GLU B 362 28.71 -3.85 23.42
CA GLU B 362 28.84 -2.71 22.52
C GLU B 362 27.84 -2.84 21.38
N HIS B 363 27.43 -1.70 20.85
CA HIS B 363 26.39 -1.66 19.82
C HIS B 363 26.95 -0.98 18.57
N VAL B 364 26.97 -1.71 17.47
CA VAL B 364 27.38 -1.19 16.18
C VAL B 364 26.20 -1.29 15.24
N PRO B 365 25.54 -0.16 14.95
CA PRO B 365 24.32 -0.20 14.10
C PRO B 365 24.64 -0.70 12.71
N PHE B 366 23.91 -1.73 12.28
CA PHE B 366 24.13 -2.39 11.00
C PHE B 366 22.96 -2.11 10.08
N THR B 367 23.20 -1.33 9.03
CA THR B 367 22.21 -1.06 8.00
C THR B 367 22.76 -1.47 6.65
N THR B 368 21.90 -1.42 5.63
CA THR B 368 22.31 -1.85 4.29
C THR B 368 23.35 -0.92 3.70
N GLU B 369 23.11 0.40 3.80
CA GLU B 369 24.05 1.34 3.21
C GLU B 369 25.36 1.45 3.99
N THR B 370 25.39 0.98 5.24
CA THR B 370 26.62 0.95 6.03
C THR B 370 27.06 -0.47 6.34
N ALA B 371 26.61 -1.45 5.55
CA ALA B 371 26.92 -2.85 5.82
C ALA B 371 28.43 -3.09 5.77
N ASP B 372 29.09 -2.61 4.71
CA ASP B 372 30.53 -2.82 4.60
C ASP B 372 31.29 -2.05 5.67
N GLU B 373 30.93 -0.78 5.89
CA GLU B 373 31.63 0.03 6.89
C GLU B 373 31.46 -0.55 8.29
N ALA B 374 30.24 -0.93 8.65
CA ALA B 374 30.01 -1.50 9.98
C ALA B 374 30.68 -2.86 10.12
N SER B 375 30.72 -3.65 9.05
CA SER B 375 31.40 -4.93 9.10
C SER B 375 32.91 -4.75 9.31
N GLN B 376 33.52 -3.87 8.50
CA GLN B 376 34.95 -3.58 8.66
C GLN B 376 35.26 -3.16 10.09
N GLN B 377 34.42 -2.31 10.67
CA GLN B 377 34.65 -1.86 12.05
C GLN B 377 34.58 -3.04 13.02
N ILE B 378 33.68 -3.99 12.76
CA ILE B 378 33.39 -5.03 13.75
C ILE B 378 34.51 -6.05 13.83
N VAL B 379 35.03 -6.50 12.69
CA VAL B 379 36.14 -7.44 12.76
C VAL B 379 37.40 -6.74 13.27
N ARG B 380 37.56 -5.45 12.95
CA ARG B 380 38.69 -4.71 13.50
C ARG B 380 38.62 -4.63 15.02
N MET B 381 37.42 -4.55 15.58
CA MET B 381 37.28 -4.64 17.03
C MET B 381 37.76 -5.99 17.55
N ALA B 382 37.48 -7.06 16.80
CA ALA B 382 37.94 -8.38 17.20
C ALA B 382 39.46 -8.48 17.16
N ILE B 383 40.08 -7.85 16.15
CA ILE B 383 41.54 -7.84 16.07
C ILE B 383 42.13 -7.06 17.24
N GLU B 384 41.48 -5.96 17.63
CA GLU B 384 41.89 -5.24 18.83
C GLU B 384 41.77 -6.13 20.06
N SER B 385 40.68 -6.90 20.15
CA SER B 385 40.45 -7.72 21.33
C SER B 385 41.38 -8.91 21.37
N TYR B 386 41.70 -9.49 20.21
CA TYR B 386 42.60 -10.63 20.17
C TYR B 386 43.93 -10.31 20.85
N GLN B 387 44.49 -9.14 20.58
CA GLN B 387 45.76 -8.75 21.17
C GLN B 387 45.68 -8.57 22.68
N LYS B 388 44.49 -8.62 23.26
CA LYS B 388 44.31 -8.54 24.70
C LYS B 388 43.87 -9.86 25.32
N ARG B 389 43.89 -10.94 24.54
CA ARG B 389 43.43 -12.23 25.05
C ARG B 389 44.39 -12.76 26.11
N ASN B 390 43.81 -13.28 27.19
CA ASN B 390 44.60 -13.90 28.26
C ASN B 390 44.78 -15.37 27.95
N PRO B 391 45.99 -15.84 27.68
CA PRO B 391 46.17 -17.27 27.34
C PRO B 391 46.01 -18.20 28.52
N ALA B 392 46.14 -17.71 29.76
CA ALA B 392 46.01 -18.58 30.93
C ALA B 392 44.57 -19.03 31.16
N LYS B 393 43.58 -18.33 30.59
CA LYS B 393 42.18 -18.70 30.76
C LYS B 393 41.60 -19.30 29.48
N VAL B 394 42.45 -19.74 28.55
CA VAL B 394 41.99 -20.35 27.32
C VAL B 394 41.96 -21.86 27.49
N TYR B 395 40.79 -22.45 27.25
CA TYR B 395 40.64 -23.91 27.21
C TYR B 395 39.74 -24.24 26.02
N ILE B 396 40.35 -24.67 24.92
CA ILE B 396 39.62 -25.03 23.71
C ILE B 396 39.43 -26.55 23.72
N PRO B 397 38.20 -27.05 23.76
CA PRO B 397 38.00 -28.50 23.67
C PRO B 397 38.57 -29.05 22.37
N ARG B 398 39.02 -30.29 22.42
CA ARG B 398 39.54 -30.95 21.23
C ARG B 398 38.45 -31.58 20.38
N GLU B 399 37.24 -31.74 20.93
CA GLU B 399 36.19 -32.45 20.22
C GLU B 399 35.68 -31.64 19.04
N LYS B 400 35.53 -32.31 17.89
CA LYS B 400 34.91 -31.74 16.70
C LYS B 400 34.45 -32.91 15.84
N ALA B 401 33.68 -32.60 14.80
CA ALA B 401 33.07 -33.63 13.98
C ALA B 401 33.09 -33.21 12.52
N LYS B 402 33.17 -34.20 11.64
CA LYS B 402 33.10 -33.96 10.21
C LYS B 402 31.65 -33.74 9.81
N VAL B 403 31.39 -32.68 9.04
CA VAL B 403 30.04 -32.27 8.70
C VAL B 403 29.93 -32.09 7.20
N VAL B 404 28.92 -32.73 6.60
CA VAL B 404 28.51 -32.49 5.23
C VAL B 404 27.11 -31.89 5.26
N ALA B 405 26.97 -30.69 4.72
CA ALA B 405 25.70 -29.97 4.79
C ALA B 405 25.41 -29.37 3.42
N GLY B 406 24.59 -28.31 3.39
CA GLY B 406 24.25 -27.67 2.14
C GLY B 406 23.17 -28.36 1.34
N PHE B 407 22.39 -29.24 1.97
CA PHE B 407 21.42 -30.06 1.25
C PHE B 407 20.10 -29.31 1.08
N SER B 408 20.14 -28.33 0.18
CA SER B 408 18.92 -27.67 -0.26
C SER B 408 18.12 -28.62 -1.15
N VAL B 409 16.86 -28.25 -1.38
CA VAL B 409 16.03 -29.01 -2.32
C VAL B 409 16.69 -29.06 -3.69
N GLU B 410 17.27 -27.93 -4.12
CA GLU B 410 18.02 -27.92 -5.37
C GLU B 410 19.24 -28.83 -5.30
N ALA B 411 19.96 -28.81 -4.17
CA ALA B 411 21.13 -29.67 -4.02
C ALA B 411 20.74 -31.14 -3.92
N ILE B 412 19.58 -31.43 -3.34
CA ILE B 412 19.17 -32.82 -3.18
C ILE B 412 18.77 -33.43 -4.52
N VAL B 413 18.09 -32.65 -5.36
CA VAL B 413 17.60 -33.21 -6.62
C VAL B 413 18.75 -33.43 -7.61
N LYS B 414 19.76 -32.55 -7.61
CA LYS B 414 20.87 -32.76 -8.54
C LYS B 414 21.81 -33.86 -8.06
N ALA B 415 21.92 -34.06 -6.75
CA ALA B 415 22.57 -35.27 -6.26
C ALA B 415 21.76 -36.50 -6.63
N LEU B 416 20.44 -36.37 -6.69
CA LEU B 416 19.58 -37.43 -7.22
C LEU B 416 19.56 -37.45 -8.74
N ALA B 417 19.86 -36.33 -9.39
CA ALA B 417 19.87 -36.29 -10.86
C ALA B 417 21.01 -37.11 -11.43
N LYS B 418 22.08 -37.34 -10.67
CA LYS B 418 23.15 -38.21 -11.14
C LYS B 418 22.66 -39.64 -11.30
N LEU B 419 21.71 -40.08 -10.45
CA LEU B 419 21.19 -41.44 -10.53
C LEU B 419 20.11 -41.58 -11.59
N ASN B 420 19.37 -40.50 -11.87
CA ASN B 420 18.31 -40.52 -12.88
C ASN B 420 18.19 -39.12 -13.44
N PRO B 421 18.90 -38.82 -14.53
CA PRO B 421 18.85 -37.45 -15.07
C PRO B 421 17.48 -37.03 -15.56
N ASP B 422 16.70 -37.94 -16.16
CA ASP B 422 15.41 -37.56 -16.71
C ASP B 422 14.37 -37.33 -15.62
N ASP B 423 14.30 -38.23 -14.63
CA ASP B 423 13.36 -38.13 -13.52
C ASP B 423 14.15 -38.18 -12.23
N PRO B 424 14.68 -37.04 -11.77
CA PRO B 424 15.59 -37.07 -10.61
C PRO B 424 14.95 -37.58 -9.33
N LEU B 425 13.64 -37.38 -9.14
CA LEU B 425 12.98 -37.82 -7.92
C LEU B 425 12.64 -39.29 -7.91
N LYS B 426 12.80 -39.99 -9.04
CA LYS B 426 12.41 -41.40 -9.09
C LYS B 426 13.19 -42.29 -8.13
N PRO B 427 14.53 -42.19 -8.03
CA PRO B 427 15.23 -43.05 -7.05
C PRO B 427 14.77 -42.86 -5.62
N LEU B 428 14.41 -41.64 -5.23
CA LEU B 428 13.93 -41.41 -3.87
C LEU B 428 12.55 -42.02 -3.66
N ILE B 429 11.68 -41.89 -4.67
CA ILE B 429 10.33 -42.42 -4.55
C ILE B 429 10.33 -43.95 -4.55
N ASP B 430 11.13 -44.55 -5.43
CA ASP B 430 11.12 -46.00 -5.56
C ASP B 430 11.68 -46.69 -4.33
N ASN B 431 12.68 -46.09 -3.67
CA ASN B 431 13.19 -46.67 -2.43
C ASN B 431 12.22 -46.48 -1.27
N ILE B 432 11.27 -45.55 -1.40
CA ILE B 432 10.24 -45.40 -0.37
C ILE B 432 9.14 -46.43 -0.56
N VAL B 433 8.73 -46.69 -1.81
CA VAL B 433 7.70 -47.67 -2.05
C VAL B 433 8.22 -49.10 -1.89
N SER B 434 9.53 -49.29 -1.94
CA SER B 434 10.11 -50.63 -1.76
C SER B 434 10.40 -50.96 -0.31
N GLY B 435 10.61 -49.95 0.54
CA GLY B 435 10.91 -50.16 1.93
C GLY B 435 12.35 -49.87 2.31
N ASN B 436 13.23 -49.59 1.35
CA ASN B 436 14.60 -49.24 1.69
C ASN B 436 14.65 -48.01 2.58
N ILE B 437 13.81 -47.02 2.30
CA ILE B 437 13.55 -45.91 3.20
C ILE B 437 12.11 -46.05 3.66
N LEU B 438 11.93 -46.41 4.94
CA LEU B 438 10.58 -46.51 5.49
C LEU B 438 9.85 -45.19 5.37
N GLY B 439 10.53 -44.10 5.71
CA GLY B 439 9.98 -42.76 5.57
C GLY B 439 11.06 -41.75 5.88
N VAL B 440 10.69 -40.47 5.78
CA VAL B 440 11.60 -39.38 6.09
C VAL B 440 10.98 -38.53 7.20
N VAL B 441 11.80 -38.20 8.19
CA VAL B 441 11.36 -37.50 9.39
C VAL B 441 12.21 -36.25 9.58
N ALA B 442 11.57 -35.13 9.87
CA ALA B 442 12.26 -33.87 10.11
C ALA B 442 12.39 -33.63 11.61
N THR B 443 13.62 -33.40 12.07
CA THR B 443 13.89 -33.03 13.45
C THR B 443 14.28 -31.56 13.48
N VAL B 444 13.49 -30.75 14.18
CA VAL B 444 13.65 -29.31 14.21
C VAL B 444 13.69 -28.86 15.66
N GLY B 445 13.77 -27.54 15.85
CA GLY B 445 13.62 -26.96 17.17
C GLY B 445 14.97 -26.61 17.80
N CYS B 446 14.86 -26.13 19.04
CA CYS B 446 15.96 -25.55 19.78
C CYS B 446 16.48 -26.54 20.83
N ASN B 447 17.19 -26.03 21.82
CA ASN B 447 17.52 -26.77 23.03
C ASN B 447 16.60 -26.33 24.16
N ASN B 448 16.51 -27.17 25.19
CA ASN B 448 15.68 -26.84 26.34
C ASN B 448 16.29 -27.47 27.58
N VAL B 449 16.64 -26.63 28.56
CA VAL B 449 17.28 -27.11 29.78
C VAL B 449 16.42 -28.14 30.50
N LYS B 450 15.11 -28.13 30.27
CA LYS B 450 14.25 -29.19 30.81
C LYS B 450 14.63 -30.57 30.26
N VAL B 451 15.41 -30.62 29.19
CA VAL B 451 15.85 -31.86 28.59
C VAL B 451 17.38 -31.90 28.63
N LYS B 452 17.92 -33.10 28.87
CA LYS B 452 19.36 -33.29 28.78
C LYS B 452 19.86 -32.80 27.42
N HIS B 453 20.86 -31.92 27.45
CA HIS B 453 21.25 -31.17 26.26
C HIS B 453 21.64 -32.10 25.12
N ASP B 454 20.92 -32.00 24.00
CA ASP B 454 21.08 -32.77 22.77
C ASP B 454 20.75 -34.25 22.94
N TRP B 455 20.41 -34.70 24.16
CA TRP B 455 20.12 -36.11 24.37
C TRP B 455 18.92 -36.57 23.56
N PHE B 456 17.84 -35.77 23.55
CA PHE B 456 16.65 -36.15 22.80
C PHE B 456 16.93 -36.13 21.30
N HIS B 457 17.59 -35.08 20.80
CA HIS B 457 17.92 -35.00 19.38
C HIS B 457 18.63 -36.25 18.90
N ILE B 458 19.72 -36.63 19.58
CA ILE B 458 20.56 -37.71 19.11
C ILE B 458 19.86 -39.06 19.27
N GLU B 459 19.26 -39.30 20.44
CA GLU B 459 18.63 -40.58 20.70
C GLU B 459 17.48 -40.85 19.73
N LEU B 460 16.72 -39.81 19.38
CA LEU B 460 15.62 -39.99 18.46
C LEU B 460 16.11 -40.37 17.07
N VAL B 461 17.22 -39.77 16.63
CA VAL B 461 17.69 -39.99 15.26
C VAL B 461 18.36 -41.35 15.11
N LYS B 462 19.09 -41.80 16.14
CA LYS B 462 19.76 -43.09 16.07
C LYS B 462 18.78 -44.22 15.79
N GLU B 463 17.65 -44.23 16.51
CA GLU B 463 16.66 -45.29 16.31
C GLU B 463 15.91 -45.13 14.99
N LEU B 464 15.77 -43.88 14.52
CA LEU B 464 15.03 -43.66 13.27
C LEU B 464 15.82 -44.18 12.07
N ILE B 465 17.07 -43.74 11.92
CA ILE B 465 17.89 -44.23 10.81
C ILE B 465 18.14 -45.73 10.95
N LYS B 466 18.23 -46.23 12.19
CA LYS B 466 18.33 -47.66 12.40
C LYS B 466 17.13 -48.40 11.82
N ASN B 467 15.95 -47.77 11.86
CA ASN B 467 14.75 -48.32 11.25
C ASN B 467 14.56 -47.85 9.81
N ASN B 468 15.64 -47.45 9.15
CA ASN B 468 15.62 -47.06 7.72
C ASN B 468 14.74 -45.84 7.47
N VAL B 469 14.75 -44.90 8.41
CA VAL B 469 14.04 -43.63 8.27
C VAL B 469 15.06 -42.54 7.98
N LEU B 470 15.00 -41.97 6.79
CA LEU B 470 15.87 -40.85 6.44
C LEU B 470 15.50 -39.64 7.30
N VAL B 471 16.53 -38.89 7.71
CA VAL B 471 16.34 -37.79 8.64
C VAL B 471 16.88 -36.51 8.00
N VAL B 472 16.02 -35.50 7.89
CA VAL B 472 16.42 -34.15 7.55
C VAL B 472 16.21 -33.27 8.77
N THR B 473 17.05 -32.25 8.92
CA THR B 473 17.04 -31.47 10.15
C THR B 473 17.44 -30.02 9.84
N THR B 474 17.13 -29.14 10.79
CA THR B 474 17.46 -27.72 10.71
C THR B 474 17.67 -27.20 12.11
N GLY B 475 18.02 -25.91 12.20
CA GLY B 475 18.06 -25.19 13.46
C GLY B 475 19.08 -25.76 14.44
N CYS B 476 18.74 -25.69 15.72
CA CYS B 476 19.60 -26.24 16.75
C CYS B 476 19.55 -27.76 16.82
N SER B 477 18.50 -28.37 16.26
CA SER B 477 18.50 -29.82 16.09
C SER B 477 19.59 -30.26 15.12
N ALA B 478 19.90 -29.44 14.12
CA ALA B 478 20.98 -29.75 13.20
C ALA B 478 22.34 -29.60 13.88
N HIS B 479 22.49 -28.60 14.74
CA HIS B 479 23.72 -28.45 15.50
C HIS B 479 24.00 -29.68 16.34
N ALA B 480 22.97 -30.23 16.99
CA ALA B 480 23.16 -31.39 17.85
C ALA B 480 23.63 -32.59 17.05
N LEU B 481 22.99 -32.87 15.91
CA LEU B 481 23.38 -34.01 15.10
C LEU B 481 24.73 -33.78 14.42
N ALA B 482 25.07 -32.52 14.11
CA ALA B 482 26.36 -32.23 13.53
C ALA B 482 27.49 -32.51 14.50
N LYS B 483 27.34 -32.08 15.76
CA LYS B 483 28.38 -32.32 16.75
C LYS B 483 28.53 -33.80 17.07
N ALA B 484 27.44 -34.56 17.01
CA ALA B 484 27.47 -35.99 17.27
C ALA B 484 28.06 -36.80 16.11
N GLY B 485 28.43 -36.16 15.01
CA GLY B 485 28.98 -36.86 13.87
C GLY B 485 27.95 -37.55 13.00
N LEU B 486 26.67 -37.23 13.14
CA LEU B 486 25.64 -37.86 12.33
C LEU B 486 25.58 -37.29 10.92
N MET B 487 26.23 -36.16 10.66
CA MET B 487 26.40 -35.65 9.30
C MET B 487 27.74 -36.07 8.70
N ASP B 488 28.52 -36.86 9.43
CA ASP B 488 29.69 -37.51 8.87
C ASP B 488 29.25 -38.65 7.96
N PRO B 489 29.90 -38.81 6.79
CA PRO B 489 29.60 -39.98 5.95
C PRO B 489 29.80 -41.31 6.66
N ALA B 490 30.63 -41.36 7.71
CA ALA B 490 30.81 -42.60 8.46
C ALA B 490 29.57 -42.98 9.27
N ALA B 491 28.72 -42.01 9.60
CA ALA B 491 27.52 -42.28 10.38
C ALA B 491 26.50 -43.13 9.63
N ALA B 492 26.65 -43.29 8.32
CA ALA B 492 25.76 -44.17 7.57
C ALA B 492 25.77 -45.59 8.13
N GLU B 493 26.90 -46.00 8.70
CA GLU B 493 27.00 -47.33 9.32
C GLU B 493 25.94 -47.51 10.41
N TRP B 494 25.57 -46.45 11.10
CA TRP B 494 24.52 -46.54 12.12
C TRP B 494 23.14 -46.62 11.50
N ALA B 495 22.96 -46.18 10.26
CA ALA B 495 21.67 -46.25 9.62
C ALA B 495 21.30 -47.69 9.29
N GLY B 496 20.00 -47.92 9.12
CA GLY B 496 19.54 -49.26 8.77
C GLY B 496 20.19 -49.75 7.49
N GLU B 497 20.27 -51.08 7.36
CA GLU B 497 20.97 -51.67 6.23
C GLU B 497 20.25 -51.37 4.92
N GLY B 498 18.92 -51.29 4.94
CA GLY B 498 18.19 -50.91 3.73
C GLY B 498 18.43 -49.45 3.36
N LEU B 499 18.44 -48.57 4.35
CA LEU B 499 18.69 -47.15 4.10
C LEU B 499 20.14 -46.88 3.74
N ARG B 500 21.06 -47.69 4.26
CA ARG B 500 22.48 -47.47 3.99
C ARG B 500 22.81 -47.64 2.51
N ALA B 501 22.07 -48.50 1.81
CA ALA B 501 22.38 -48.77 0.41
C ALA B 501 22.13 -47.54 -0.47
N VAL B 502 21.03 -46.83 -0.23
CA VAL B 502 20.72 -45.66 -1.05
C VAL B 502 21.67 -44.51 -0.74
N LEU B 503 22.14 -44.41 0.51
CA LEU B 503 23.16 -43.41 0.83
C LEU B 503 24.45 -43.68 0.08
N THR B 504 24.86 -44.95 -0.02
CA THR B 504 26.07 -45.29 -0.75
C THR B 504 25.87 -45.08 -2.25
N ALA B 505 24.69 -45.40 -2.77
CA ALA B 505 24.40 -45.26 -4.19
C ALA B 505 24.23 -43.81 -4.62
N ILE B 506 24.23 -42.87 -3.67
CA ILE B 506 24.18 -41.45 -4.00
C ILE B 506 25.55 -40.79 -3.84
N GLY B 507 26.35 -41.22 -2.88
CA GLY B 507 27.68 -40.68 -2.72
C GLY B 507 28.63 -40.98 -3.87
N THR B 508 28.80 -42.26 -4.19
CA THR B 508 29.69 -42.62 -5.28
C THR B 508 29.15 -42.19 -6.63
N ALA B 509 27.83 -42.09 -6.77
CA ALA B 509 27.25 -41.60 -8.02
C ALA B 509 27.59 -40.13 -8.26
N ASN B 510 27.79 -39.37 -7.18
CA ASN B 510 28.29 -38.00 -7.27
C ASN B 510 29.81 -37.93 -7.11
N ASP B 511 30.50 -39.05 -7.26
CA ASP B 511 31.96 -39.13 -7.12
C ASP B 511 32.42 -38.61 -5.75
N LEU B 512 31.55 -38.69 -4.75
CA LEU B 512 31.95 -38.32 -3.39
C LEU B 512 32.81 -39.39 -2.73
N GLY B 513 32.62 -40.65 -3.13
CA GLY B 513 33.29 -41.75 -2.47
C GLY B 513 32.57 -42.17 -1.22
N GLY B 514 32.61 -41.33 -0.19
CA GLY B 514 31.91 -41.60 1.04
C GLY B 514 30.41 -41.58 0.85
N PRO B 515 29.70 -42.44 1.57
CA PRO B 515 28.24 -42.48 1.45
C PRO B 515 27.60 -41.22 2.00
N LEU B 516 26.41 -40.94 1.50
CA LEU B 516 25.64 -39.78 1.97
C LEU B 516 25.33 -39.95 3.47
N PRO B 517 25.42 -38.89 4.26
CA PRO B 517 25.11 -39.01 5.68
C PRO B 517 23.64 -39.35 5.88
N PRO B 518 23.31 -40.15 6.89
CA PRO B 518 21.89 -40.45 7.17
C PRO B 518 21.10 -39.24 7.64
N VAL B 519 21.77 -38.15 7.98
CA VAL B 519 21.13 -36.91 8.40
C VAL B 519 21.45 -35.84 7.37
N LEU B 520 20.41 -35.21 6.82
CA LEU B 520 20.56 -34.20 5.78
C LEU B 520 20.31 -32.83 6.40
N HIS B 521 21.36 -32.03 6.50
CA HIS B 521 21.25 -30.66 7.04
C HIS B 521 20.62 -29.78 5.97
N MET B 522 19.38 -29.34 6.20
CA MET B 522 18.65 -28.55 5.22
C MET B 522 18.61 -27.07 5.55
N GLY B 523 19.40 -26.61 6.51
CA GLY B 523 19.62 -25.19 6.73
C GLY B 523 19.11 -24.74 8.09
N SER B 524 18.66 -23.49 8.14
CA SER B 524 18.21 -22.85 9.36
C SER B 524 16.72 -23.13 9.57
N CYS B 525 16.13 -22.51 10.58
CA CYS B 525 14.72 -22.78 10.86
C CYS B 525 13.80 -22.15 9.83
N VAL B 526 14.20 -21.02 9.24
CA VAL B 526 13.45 -20.52 8.08
C VAL B 526 13.61 -21.49 6.91
N ASP B 527 14.71 -22.24 6.87
CA ASP B 527 14.91 -23.27 5.86
C ASP B 527 14.07 -24.52 6.12
N ASN B 528 13.23 -24.52 7.15
CA ASN B 528 12.23 -25.56 7.28
C ASN B 528 11.24 -25.54 6.12
N SER B 529 11.15 -24.42 5.41
CA SER B 529 10.35 -24.36 4.20
C SER B 529 10.91 -25.27 3.12
N ARG B 530 12.23 -25.46 3.10
CA ARG B 530 12.82 -26.43 2.18
C ARG B 530 12.23 -27.81 2.40
N ILE B 531 12.20 -28.27 3.66
CA ILE B 531 11.52 -29.51 4.00
C ILE B 531 10.09 -29.49 3.50
N GLY B 532 9.42 -28.34 3.63
CA GLY B 532 8.07 -28.22 3.09
C GLY B 532 8.04 -28.30 1.58
N ASP B 533 8.98 -27.61 0.91
CA ASP B 533 9.06 -27.69 -0.54
C ASP B 533 9.35 -29.12 -0.99
N LEU B 534 10.19 -29.84 -0.25
CA LEU B 534 10.48 -31.23 -0.59
C LEU B 534 9.25 -32.11 -0.40
N VAL B 535 8.56 -31.95 0.72
CA VAL B 535 7.35 -32.74 0.97
C VAL B 535 6.31 -32.47 -0.10
N ILE B 536 6.14 -31.21 -0.50
CA ILE B 536 5.18 -30.87 -1.54
C ILE B 536 5.57 -31.53 -2.86
N ALA B 537 6.87 -31.50 -3.20
CA ALA B 537 7.32 -32.14 -4.43
C ALA B 537 7.11 -33.64 -4.39
N VAL B 538 7.44 -34.27 -3.25
CA VAL B 538 7.26 -35.72 -3.11
C VAL B 538 5.78 -36.08 -3.22
N ALA B 539 4.91 -35.30 -2.55
CA ALA B 539 3.49 -35.61 -2.56
C ALA B 539 2.89 -35.45 -3.95
N ASN B 540 3.31 -34.43 -4.69
CA ASN B 540 2.81 -34.25 -6.05
C ASN B 540 3.28 -35.37 -6.97
N TYR B 541 4.49 -35.89 -6.75
CA TYR B 541 4.98 -36.99 -7.57
C TYR B 541 4.15 -38.24 -7.36
N LEU B 542 3.62 -38.44 -6.15
CA LEU B 542 2.76 -39.58 -5.84
C LEU B 542 1.28 -39.24 -6.00
N LYS B 543 0.95 -38.05 -6.51
CA LYS B 543 -0.42 -37.61 -6.73
C LYS B 543 -1.26 -37.78 -5.46
N VAL B 544 -0.80 -37.13 -4.39
CA VAL B 544 -1.29 -37.39 -3.06
C VAL B 544 -1.00 -36.17 -2.18
N SER B 545 -1.75 -36.05 -1.07
CA SER B 545 -1.58 -34.96 -0.13
C SER B 545 -0.45 -35.24 0.86
N PRO B 546 0.26 -34.20 1.32
CA PRO B 546 1.33 -34.42 2.29
C PRO B 546 0.89 -35.15 3.55
N LYS B 547 -0.39 -35.08 3.92
CA LYS B 547 -0.89 -35.80 5.08
C LYS B 547 -0.82 -37.30 4.89
N ASP B 548 -0.68 -37.78 3.65
CA ASP B 548 -0.65 -39.21 3.36
C ASP B 548 0.77 -39.75 3.22
N LEU B 549 1.78 -38.88 3.12
CA LEU B 549 3.14 -39.34 2.97
C LEU B 549 3.63 -40.01 4.25
N PRO B 550 4.52 -41.01 4.14
CA PRO B 550 5.09 -41.62 5.34
C PRO B 550 6.13 -40.72 6.00
N ILE B 551 5.68 -39.58 6.52
CA ILE B 551 6.57 -38.57 7.07
C ILE B 551 6.08 -38.19 8.47
N ALA B 552 6.90 -37.40 9.16
CA ALA B 552 6.56 -36.85 10.47
C ALA B 552 7.62 -35.82 10.84
N ALA B 553 7.24 -34.90 11.72
CA ALA B 553 8.14 -33.90 12.24
C ALA B 553 8.33 -34.12 13.73
N SER B 554 9.34 -33.44 14.30
CA SER B 554 9.64 -33.59 15.71
C SER B 554 10.36 -32.34 16.20
N ALA B 555 9.93 -31.83 17.35
CA ALA B 555 10.60 -30.75 18.06
C ALA B 555 11.03 -31.32 19.40
N PRO B 556 12.15 -32.06 19.45
CA PRO B 556 12.51 -32.77 20.67
C PRO B 556 12.82 -31.87 21.86
N GLU B 557 13.39 -30.70 21.63
CA GLU B 557 13.88 -29.86 22.73
C GLU B 557 13.55 -28.39 22.48
N TYR B 558 12.36 -28.12 21.96
CA TYR B 558 12.00 -26.75 21.61
C TYR B 558 11.89 -25.87 22.85
N GLN B 559 11.99 -24.56 22.65
CA GLN B 559 11.86 -23.61 23.74
C GLN B 559 11.23 -22.30 23.27
N HIS B 560 11.57 -21.86 22.06
CA HIS B 560 11.13 -20.57 21.58
C HIS B 560 9.68 -20.62 21.09
N GLU B 561 9.05 -19.45 21.06
CA GLU B 561 7.73 -19.35 20.46
C GLU B 561 7.76 -19.56 18.96
N LYS B 562 8.94 -19.42 18.33
CA LYS B 562 9.07 -19.70 16.91
C LYS B 562 8.91 -21.18 16.60
N ALA B 563 9.28 -22.04 17.54
CA ALA B 563 9.07 -23.48 17.34
C ALA B 563 7.60 -23.85 17.46
N LEU B 564 6.84 -23.16 18.32
CA LEU B 564 5.41 -23.39 18.39
C LEU B 564 4.73 -23.01 17.09
N SER B 565 5.14 -21.88 16.50
CA SER B 565 4.61 -21.48 15.21
C SER B 565 4.92 -22.50 14.13
N ILE B 566 6.19 -22.91 14.04
CA ILE B 566 6.62 -23.88 13.04
C ILE B 566 5.89 -25.20 13.24
N GLY B 567 5.77 -25.64 14.49
CA GLY B 567 5.02 -26.85 14.77
C GLY B 567 3.58 -26.75 14.31
N THR B 568 2.95 -25.59 14.53
CA THR B 568 1.60 -25.38 14.04
C THR B 568 1.56 -25.35 12.51
N TRP B 569 2.62 -24.87 11.87
CA TRP B 569 2.67 -24.90 10.41
C TRP B 569 2.83 -26.32 9.89
N ALA B 570 3.67 -27.12 10.54
CA ALA B 570 3.80 -28.52 10.14
C ALA B 570 2.47 -29.25 10.28
N VAL B 571 1.82 -29.11 11.43
CA VAL B 571 0.49 -29.67 11.62
C VAL B 571 -0.45 -29.15 10.54
N ALA B 572 -0.34 -27.86 10.21
CA ALA B 572 -1.15 -27.30 9.13
C ALA B 572 -0.80 -27.92 7.78
N MET B 573 0.44 -28.38 7.61
CA MET B 573 0.84 -29.06 6.38
C MET B 573 0.41 -30.52 6.35
N GLY B 574 -0.41 -30.95 7.30
CA GLY B 574 -0.85 -32.34 7.36
C GLY B 574 0.13 -33.29 7.99
N ILE B 575 1.14 -32.78 8.69
CA ILE B 575 2.23 -33.59 9.23
C ILE B 575 2.04 -33.72 10.74
N MET B 576 2.03 -34.96 11.23
CA MET B 576 2.06 -35.17 12.68
C MET B 576 3.35 -34.61 13.25
N THR B 577 3.23 -33.75 14.24
CA THR B 577 4.37 -33.05 14.82
C THR B 577 4.56 -33.53 16.26
N HIS B 578 5.67 -34.22 16.51
CA HIS B 578 6.00 -34.67 17.85
C HIS B 578 6.63 -33.53 18.66
N LEU B 579 6.30 -33.49 19.94
CA LEU B 579 6.84 -32.48 20.86
C LEU B 579 7.52 -33.20 22.01
N GLY B 580 8.82 -32.93 22.18
CA GLY B 580 9.58 -33.55 23.24
C GLY B 580 9.51 -32.85 24.58
N VAL B 581 8.95 -31.65 24.61
CA VAL B 581 8.78 -30.86 25.83
C VAL B 581 7.29 -30.63 26.02
N VAL B 582 6.83 -30.79 27.26
CA VAL B 582 5.41 -30.61 27.58
C VAL B 582 5.01 -29.17 27.30
N PRO B 583 4.04 -28.94 26.41
CA PRO B 583 3.60 -27.58 26.11
C PRO B 583 2.65 -27.06 27.17
N PRO B 584 2.56 -25.73 27.35
CA PRO B 584 1.67 -25.14 28.37
C PRO B 584 0.21 -25.19 27.93
N VAL B 585 -0.33 -26.41 27.89
CA VAL B 585 -1.62 -26.66 27.27
C VAL B 585 -2.25 -27.89 27.90
N VAL B 586 -1.41 -28.73 28.52
CA VAL B 586 -1.87 -29.99 29.08
C VAL B 586 -2.80 -29.79 30.27
N GLY B 587 -2.82 -28.61 30.87
CA GLY B 587 -3.75 -28.33 31.95
C GLY B 587 -5.21 -28.40 31.55
N SER B 588 -5.50 -28.30 30.26
CA SER B 588 -6.86 -28.44 29.74
C SER B 588 -6.93 -29.71 28.89
N SER B 589 -7.77 -30.65 29.31
CA SER B 589 -7.92 -31.89 28.54
C SER B 589 -8.61 -31.64 27.20
N LYS B 590 -9.58 -30.72 27.18
CA LYS B 590 -10.31 -30.46 25.93
C LYS B 590 -9.41 -29.85 24.88
N VAL B 591 -8.56 -28.88 25.27
CA VAL B 591 -7.66 -28.26 24.30
C VAL B 591 -6.57 -29.23 23.88
N THR B 592 -6.00 -29.98 24.83
CA THR B 592 -4.97 -30.94 24.50
C THR B 592 -5.50 -32.02 23.56
N ARG B 593 -6.76 -32.44 23.76
CA ARG B 593 -7.36 -33.45 22.90
C ARG B 593 -7.65 -32.90 21.51
N ILE B 594 -7.96 -31.61 21.40
CA ILE B 594 -8.14 -31.02 20.09
C ILE B 594 -6.81 -31.00 19.32
N LEU B 595 -5.73 -30.66 20.00
CA LEU B 595 -4.43 -30.57 19.36
C LEU B 595 -3.84 -31.95 19.05
N THR B 596 -4.15 -32.96 19.85
CA THR B 596 -3.56 -34.28 19.67
C THR B 596 -4.44 -35.27 18.92
N GLN B 597 -5.75 -35.05 18.90
CA GLN B 597 -6.65 -36.02 18.29
C GLN B 597 -7.60 -35.37 17.27
N ASP B 598 -8.35 -34.35 17.71
CA ASP B 598 -9.38 -33.76 16.85
C ASP B 598 -8.78 -33.11 15.61
N ALA B 599 -7.52 -32.64 15.70
CA ALA B 599 -6.92 -31.91 14.59
C ALA B 599 -6.68 -32.79 13.37
N GLU B 600 -6.54 -34.11 13.56
CA GLU B 600 -6.25 -34.98 12.41
C GLU B 600 -7.42 -35.04 11.45
N ALA B 601 -8.65 -35.08 11.96
CA ALA B 601 -9.81 -35.11 11.08
C ALA B 601 -10.00 -33.78 10.36
N LEU B 602 -9.56 -32.68 10.98
CA LEU B 602 -9.80 -31.36 10.39
C LEU B 602 -8.76 -30.99 9.34
N ILE B 603 -7.48 -31.22 9.63
CA ILE B 603 -6.39 -30.73 8.79
C ILE B 603 -5.36 -31.79 8.47
N GLY B 604 -5.50 -33.00 9.00
CA GLY B 604 -4.60 -34.10 8.68
C GLY B 604 -3.44 -34.31 9.64
N GLY B 605 -2.82 -33.21 10.08
CA GLY B 605 -1.75 -33.29 11.05
C GLY B 605 -2.24 -33.20 12.48
N LYS B 606 -1.33 -33.43 13.41
CA LYS B 606 -1.65 -33.36 14.82
C LYS B 606 -0.37 -33.29 15.64
N PHE B 607 -0.48 -32.70 16.82
CA PHE B 607 0.64 -32.70 17.77
C PHE B 607 0.65 -34.00 18.56
N TYR B 608 1.86 -34.42 18.94
CA TYR B 608 2.07 -35.68 19.63
C TYR B 608 3.10 -35.44 20.73
N VAL B 609 2.66 -35.39 21.98
CA VAL B 609 3.52 -35.06 23.11
C VAL B 609 4.11 -36.35 23.66
N GLU B 610 5.44 -36.44 23.68
CA GLU B 610 6.13 -37.62 24.20
C GLU B 610 7.50 -37.19 24.67
N THR B 611 7.73 -37.24 25.99
CA THR B 611 8.99 -36.81 26.58
C THR B 611 10.09 -37.86 26.51
N ASP B 612 9.76 -39.11 26.18
CA ASP B 612 10.79 -40.13 26.10
C ASP B 612 11.24 -40.33 24.66
N PRO B 613 12.55 -40.34 24.40
CA PRO B 613 13.01 -40.47 23.00
C PRO B 613 12.69 -41.81 22.38
N TYR B 614 12.71 -42.90 23.15
CA TYR B 614 12.49 -44.22 22.58
C TYR B 614 11.01 -44.47 22.33
N LYS B 615 10.14 -44.03 23.25
CA LYS B 615 8.71 -44.13 23.01
C LYS B 615 8.28 -43.22 21.86
N ALA B 616 8.84 -42.01 21.79
CA ALA B 616 8.56 -41.13 20.67
C ALA B 616 9.02 -41.75 19.36
N ALA B 617 10.25 -42.27 19.32
CA ALA B 617 10.76 -42.94 18.12
C ALA B 617 9.83 -44.07 17.71
N ALA B 618 9.50 -44.96 18.64
CA ALA B 618 8.57 -46.04 18.35
C ALA B 618 7.22 -45.50 17.90
N GLY B 619 6.79 -44.38 18.47
CA GLY B 619 5.52 -43.79 18.06
C GLY B 619 5.60 -43.13 16.70
N ILE B 620 6.65 -42.37 16.45
CA ILE B 620 6.85 -41.77 15.13
C ILE B 620 7.01 -42.87 14.08
N ILE B 621 7.72 -43.94 14.43
CA ILE B 621 7.85 -45.08 13.52
C ILE B 621 6.50 -45.76 13.34
N GLU B 622 5.75 -45.95 14.42
CA GLU B 622 4.44 -46.58 14.33
C GLU B 622 3.44 -45.75 13.53
N HIS B 623 3.71 -44.46 13.36
CA HIS B 623 2.85 -43.59 12.57
C HIS B 623 3.13 -43.70 11.07
N ILE B 624 4.33 -44.12 10.70
CA ILE B 624 4.73 -44.12 9.30
C ILE B 624 4.23 -45.37 8.59
N LYS B 625 4.42 -46.54 9.20
CA LYS B 625 3.94 -47.78 8.59
C LYS B 625 2.42 -47.75 8.42
N ALA B 626 1.72 -47.15 9.37
CA ALA B 626 0.28 -46.94 9.21
C ALA B 626 -0.01 -46.10 7.98
N LYS B 627 0.75 -45.02 7.79
CA LYS B 627 0.63 -44.23 6.58
C LYS B 627 1.06 -45.03 5.36
N ARG B 628 2.09 -45.87 5.51
CA ARG B 628 2.50 -46.74 4.41
C ARG B 628 1.40 -47.73 4.05
N ALA B 629 0.71 -48.27 5.06
CA ALA B 629 -0.38 -49.22 4.80
C ALA B 629 -1.52 -48.54 4.06
N LEU B 630 -1.80 -47.27 4.37
CA LEU B 630 -2.84 -46.55 3.67
C LEU B 630 -2.48 -46.31 2.21
N LEU B 631 -1.19 -46.24 1.89
CA LEU B 631 -0.73 -46.20 0.52
C LEU B 631 -0.57 -47.58 -0.09
N ASN B 632 -0.65 -48.64 0.73
CA ASN B 632 -0.49 -50.03 0.30
C ASN B 632 0.88 -50.23 -0.36
N LEU B 633 1.90 -50.15 0.48
CA LEU B 633 3.27 -50.31 0.03
C LEU B 633 3.89 -51.59 0.60
N SER C 4 -2.03 6.41 -65.73
CA SER C 4 -2.18 6.53 -64.28
C SER C 4 -3.03 7.75 -63.92
N LYS C 5 -4.12 7.51 -63.19
CA LYS C 5 -5.02 8.56 -62.74
C LYS C 5 -4.95 8.77 -61.23
N LEU C 6 -3.78 8.53 -60.64
CA LEU C 6 -3.68 8.39 -59.18
C LEU C 6 -2.94 9.54 -58.52
N SER C 7 -1.66 9.74 -58.85
CA SER C 7 -0.82 10.54 -57.97
C SER C 7 0.41 11.06 -58.70
N VAL C 8 1.10 12.00 -58.04
CA VAL C 8 2.41 12.46 -58.44
C VAL C 8 3.52 11.90 -57.54
N ASP C 9 3.15 11.17 -56.49
CA ASP C 9 4.32 10.55 -55.87
C ASP C 9 4.63 9.21 -56.56
N PRO C 10 5.91 8.93 -56.80
CA PRO C 10 6.28 7.83 -57.70
C PRO C 10 6.00 6.44 -57.15
N VAL C 11 5.51 6.32 -55.92
CA VAL C 11 5.35 5.01 -55.29
C VAL C 11 3.98 4.42 -55.54
N ILE C 12 2.95 5.27 -55.54
CA ILE C 12 1.57 4.76 -55.60
C ILE C 12 1.28 3.99 -56.88
N PRO C 13 1.71 4.44 -58.08
CA PRO C 13 1.35 3.71 -59.31
C PRO C 13 1.61 2.22 -59.27
N ASN C 14 2.84 1.80 -58.97
CA ASN C 14 3.14 0.37 -58.92
C ASN C 14 2.47 -0.29 -57.71
N LEU C 15 2.43 0.42 -56.59
CA LEU C 15 1.83 -0.15 -55.39
C LEU C 15 0.33 -0.36 -55.55
N TYR C 16 -0.35 0.52 -56.30
CA TYR C 16 -1.77 0.29 -56.57
C TYR C 16 -1.96 -0.90 -57.51
N ARG C 17 -1.22 -0.92 -58.62
CA ARG C 17 -1.34 -2.05 -59.54
C ARG C 17 -0.86 -3.34 -58.89
N LYS C 18 0.01 -3.26 -57.88
CA LYS C 18 0.27 -4.41 -57.04
C LYS C 18 -0.90 -4.70 -56.11
N ALA C 19 -1.58 -3.66 -55.64
CA ALA C 19 -2.73 -3.85 -54.75
C ALA C 19 -3.93 -4.42 -55.48
N ARG C 20 -4.11 -4.08 -56.76
CA ARG C 20 -5.23 -4.65 -57.51
C ARG C 20 -4.98 -6.12 -57.82
N GLU C 21 -3.75 -6.48 -58.19
CA GLU C 21 -3.43 -7.87 -58.48
C GLU C 21 -3.77 -8.78 -57.31
N GLU C 22 -3.52 -8.32 -56.08
CA GLU C 22 -3.89 -9.09 -54.89
C GLU C 22 -5.39 -9.16 -54.68
N GLY C 23 -6.18 -8.43 -55.45
CA GLY C 23 -7.62 -8.46 -55.30
C GLY C 23 -8.12 -7.60 -54.15
N ILE C 24 -7.52 -6.43 -53.94
CA ILE C 24 -7.94 -5.51 -52.89
C ILE C 24 -8.00 -4.11 -53.47
N SER C 25 -8.92 -3.30 -52.93
CA SER C 25 -9.18 -1.99 -53.47
C SER C 25 -8.52 -0.90 -52.62
N THR C 26 -8.11 0.16 -53.30
CA THR C 26 -7.54 1.33 -52.65
C THR C 26 -8.62 2.39 -52.43
N VAL C 27 -8.19 3.54 -51.91
CA VAL C 27 -9.10 4.68 -51.80
C VAL C 27 -9.39 5.26 -53.18
N PHE C 28 -8.48 5.06 -54.13
CA PHE C 28 -8.69 5.56 -55.49
C PHE C 28 -9.77 4.76 -56.21
N ASP C 29 -9.92 3.48 -55.88
CA ASP C 29 -10.93 2.65 -56.53
C ASP C 29 -12.34 3.10 -56.17
N ARG C 30 -12.61 3.23 -54.87
CA ARG C 30 -13.98 3.50 -54.44
C ARG C 30 -14.42 4.91 -54.80
N TYR C 31 -13.49 5.86 -54.92
CA TYR C 31 -13.85 7.17 -55.46
C TYR C 31 -14.34 7.04 -56.89
N GLU C 32 -13.54 6.40 -57.75
CA GLU C 32 -13.96 6.16 -59.12
C GLU C 32 -15.24 5.33 -59.16
N ALA C 33 -15.32 4.29 -58.32
CA ALA C 33 -16.51 3.45 -58.29
C ALA C 33 -17.73 4.23 -57.83
N GLN C 34 -17.55 5.21 -56.96
CA GLN C 34 -18.66 6.00 -56.45
C GLN C 34 -18.97 7.22 -57.30
N GLN C 35 -18.08 7.60 -58.24
CA GLN C 35 -18.14 8.82 -59.03
C GLN C 35 -19.56 9.23 -59.43
N PRO C 36 -20.47 8.30 -59.77
CA PRO C 36 -21.90 8.66 -59.79
C PRO C 36 -22.42 9.00 -58.40
N GLN C 37 -21.73 9.92 -57.71
CA GLN C 37 -22.16 10.38 -56.39
C GLN C 37 -23.36 11.32 -56.54
N CYS C 38 -23.97 11.65 -55.41
CA CYS C 38 -25.10 12.56 -55.41
C CYS C 38 -24.62 14.00 -55.54
N GLY C 39 -25.37 14.79 -56.32
CA GLY C 39 -25.01 16.18 -56.51
C GLY C 39 -25.51 17.12 -55.44
N PHE C 40 -26.57 16.74 -54.71
CA PHE C 40 -27.08 17.60 -53.65
C PHE C 40 -26.08 17.74 -52.51
N GLY C 41 -25.67 16.61 -51.93
CA GLY C 41 -24.72 16.65 -50.83
C GLY C 41 -23.42 17.35 -51.21
N LEU C 42 -22.97 17.19 -52.45
CA LEU C 42 -21.79 17.91 -52.91
C LEU C 42 -22.05 19.41 -52.93
N THR C 43 -23.25 19.81 -53.34
CA THR C 43 -23.65 21.21 -53.21
C THR C 43 -23.98 21.57 -51.76
N GLY C 44 -24.33 20.58 -50.95
CA GLY C 44 -24.78 20.83 -49.59
C GLY C 44 -26.28 20.94 -49.44
N LEU C 45 -27.02 20.91 -50.54
CA LEU C 45 -28.48 21.06 -50.51
C LEU C 45 -29.13 19.72 -50.14
N CYS C 46 -28.72 19.21 -48.98
CA CYS C 46 -29.35 18.04 -48.40
C CYS C 46 -29.28 18.17 -46.88
N CYS C 47 -30.38 17.82 -46.23
CA CYS C 47 -30.48 17.91 -44.78
C CYS C 47 -31.07 16.62 -44.23
N ARG C 48 -30.49 16.14 -43.13
CA ARG C 48 -31.02 14.98 -42.43
C ARG C 48 -31.04 15.20 -40.92
N HIS C 49 -30.96 16.46 -40.48
CA HIS C 49 -30.93 16.78 -39.06
C HIS C 49 -32.23 16.48 -38.34
N CYS C 50 -33.21 15.89 -39.02
CA CYS C 50 -34.42 15.43 -38.36
C CYS C 50 -35.01 14.30 -39.20
N VAL C 51 -35.92 13.54 -38.58
CA VAL C 51 -36.45 12.34 -39.21
C VAL C 51 -37.69 12.67 -40.02
N GLN C 52 -37.77 13.89 -40.56
CA GLN C 52 -38.73 14.14 -41.63
C GLN C 52 -38.33 13.42 -42.91
N GLY C 53 -37.13 12.83 -42.94
CA GLY C 53 -36.61 12.20 -44.13
C GLY C 53 -35.59 13.08 -44.80
N PRO C 54 -34.85 12.52 -45.75
CA PRO C 54 -33.86 13.32 -46.50
C PRO C 54 -34.51 14.47 -47.24
N CYS C 55 -34.53 15.65 -46.64
CA CYS C 55 -35.07 16.84 -47.30
C CYS C 55 -34.00 17.36 -48.26
N ARG C 56 -34.25 17.21 -49.56
CA ARG C 56 -33.33 17.63 -50.60
C ARG C 56 -33.85 18.89 -51.28
N ILE C 57 -32.93 19.79 -51.64
CA ILE C 57 -33.26 21.00 -52.36
C ILE C 57 -32.61 20.91 -53.74
N ASP C 58 -33.44 20.92 -54.78
CA ASP C 58 -32.91 20.89 -56.14
C ASP C 58 -32.07 22.16 -56.37
N PRO C 59 -30.77 22.01 -56.65
CA PRO C 59 -29.92 23.21 -56.75
C PRO C 59 -30.30 24.15 -57.87
N PHE C 60 -31.07 23.69 -58.84
CA PHE C 60 -31.51 24.55 -59.93
C PHE C 60 -32.79 25.31 -59.61
N GLY C 61 -33.58 24.83 -58.65
CA GLY C 61 -34.72 25.56 -58.15
C GLY C 61 -36.07 25.09 -58.64
N GLU C 62 -36.11 24.15 -59.60
CA GLU C 62 -37.37 23.84 -60.28
C GLU C 62 -38.37 23.16 -59.35
N GLY C 63 -37.90 22.38 -58.39
CA GLY C 63 -38.78 21.68 -57.48
C GLY C 63 -38.99 22.42 -56.17
N PRO C 64 -39.12 21.68 -55.08
CA PRO C 64 -39.20 22.32 -53.76
C PRO C 64 -37.89 23.02 -53.41
N GLN C 65 -38.01 24.29 -53.02
CA GLN C 65 -36.85 25.11 -52.69
C GLN C 65 -36.76 25.44 -51.20
N ALA C 66 -37.29 24.56 -50.37
CA ALA C 66 -37.15 24.68 -48.93
C ALA C 66 -37.39 23.31 -48.33
N GLY C 67 -36.65 23.00 -47.28
CA GLY C 67 -36.86 21.75 -46.57
C GLY C 67 -38.29 21.61 -46.08
N ILE C 68 -38.63 20.38 -45.69
CA ILE C 68 -39.96 20.13 -45.14
C ILE C 68 -40.20 21.01 -43.92
N CYS C 69 -39.15 21.22 -43.11
CA CYS C 69 -39.25 22.17 -42.01
C CYS C 69 -39.47 23.59 -42.51
N GLY C 70 -39.05 23.89 -43.74
CA GLY C 70 -39.21 25.21 -44.29
C GLY C 70 -37.96 26.06 -44.22
N ALA C 71 -36.81 25.46 -44.52
CA ALA C 71 -35.52 26.14 -44.45
C ALA C 71 -34.95 26.31 -45.85
N THR C 72 -34.50 27.51 -46.17
CA THR C 72 -33.92 27.77 -47.48
C THR C 72 -32.50 27.20 -47.54
N ALA C 73 -32.02 27.05 -48.79
CA ALA C 73 -30.63 26.66 -49.00
C ALA C 73 -29.67 27.60 -48.29
N GLU C 74 -30.09 28.85 -48.10
CA GLU C 74 -29.35 29.83 -47.33
C GLU C 74 -29.14 29.39 -45.88
N VAL C 75 -30.00 28.51 -45.36
CA VAL C 75 -29.93 28.05 -43.98
C VAL C 75 -29.43 26.62 -43.89
N ILE C 76 -29.94 25.73 -44.75
CA ILE C 76 -29.66 24.30 -44.63
C ILE C 76 -28.16 24.03 -44.71
N THR C 77 -27.45 24.72 -45.60
CA THR C 77 -26.01 24.52 -45.72
C THR C 77 -25.26 25.13 -44.53
N ALA C 78 -25.67 26.32 -44.09
CA ALA C 78 -24.98 26.97 -42.98
C ALA C 78 -25.15 26.17 -41.69
N ARG C 79 -26.34 25.60 -41.46
CA ARG C 79 -26.52 24.73 -40.31
C ARG C 79 -25.68 23.46 -40.42
N ASN C 80 -25.51 22.95 -41.64
CA ASN C 80 -24.64 21.79 -41.81
C ASN C 80 -23.18 22.15 -41.58
N LEU C 81 -22.76 23.33 -42.03
CA LEU C 81 -21.39 23.77 -41.82
C LEU C 81 -21.07 23.89 -40.33
N LEU C 82 -22.00 24.44 -39.55
CA LEU C 82 -21.75 24.63 -38.12
C LEU C 82 -21.58 23.29 -37.42
N ARG C 83 -22.41 22.30 -37.77
CA ARG C 83 -22.30 20.99 -37.13
C ARG C 83 -20.97 20.32 -37.43
N GLN C 84 -20.41 20.57 -38.62
CA GLN C 84 -19.16 19.91 -39.00
C GLN C 84 -17.94 20.62 -38.43
N VAL C 85 -17.98 21.96 -38.33
CA VAL C 85 -16.89 22.67 -37.65
C VAL C 85 -16.90 22.36 -36.16
N THR C 86 -18.10 22.29 -35.57
CA THR C 86 -18.21 21.83 -34.19
C THR C 86 -17.69 20.40 -34.03
N ALA C 87 -17.87 19.57 -35.05
CA ALA C 87 -17.32 18.23 -35.02
C ALA C 87 -15.81 18.24 -35.19
N GLY C 88 -15.30 19.15 -36.01
CA GLY C 88 -13.86 19.28 -36.13
C GLY C 88 -13.23 19.88 -34.89
N ALA C 89 -13.89 20.87 -34.29
CA ALA C 89 -13.37 21.47 -33.06
C ALA C 89 -13.37 20.45 -31.92
N ALA C 90 -14.39 19.59 -31.87
CA ALA C 90 -14.44 18.57 -30.83
C ALA C 90 -13.28 17.59 -30.94
N ALA C 91 -12.73 17.41 -32.14
CA ALA C 91 -11.62 16.48 -32.32
C ALA C 91 -10.33 17.04 -31.73
N HIS C 92 -10.00 18.29 -32.06
CA HIS C 92 -8.77 18.89 -31.56
C HIS C 92 -8.86 19.17 -30.06
N VAL C 93 -10.04 19.57 -29.59
CA VAL C 93 -10.22 19.81 -28.15
C VAL C 93 -10.04 18.52 -27.37
N ASP C 94 -10.61 17.42 -27.87
CA ASP C 94 -10.41 16.14 -27.22
C ASP C 94 -8.96 15.71 -27.26
N HIS C 95 -8.25 16.07 -28.33
CA HIS C 95 -6.82 15.78 -28.42
C HIS C 95 -6.05 16.54 -27.35
N ALA C 96 -6.20 17.87 -27.34
CA ALA C 96 -5.53 18.67 -26.31
C ALA C 96 -5.96 18.24 -24.91
N TYR C 97 -7.23 17.88 -24.74
CA TYR C 97 -7.70 17.41 -23.44
C TYR C 97 -7.06 16.09 -23.05
N ASP C 98 -6.64 15.29 -24.04
CA ASP C 98 -5.94 14.04 -23.75
C ASP C 98 -4.60 14.30 -23.08
N VAL C 99 -3.80 15.21 -23.65
CA VAL C 99 -2.48 15.46 -23.09
C VAL C 99 -2.57 16.36 -21.85
N LEU C 100 -3.60 17.20 -21.75
CA LEU C 100 -3.85 17.93 -20.52
C LEU C 100 -4.04 16.97 -19.35
N GLU C 101 -4.74 15.86 -19.58
CA GLU C 101 -4.86 14.81 -18.56
C GLU C 101 -3.49 14.29 -18.15
N VAL C 102 -2.61 14.09 -19.13
CA VAL C 102 -1.26 13.61 -18.83
C VAL C 102 -0.48 14.65 -18.04
N LEU C 103 -0.59 15.93 -18.43
CA LEU C 103 0.08 16.98 -17.68
C LEU C 103 -0.39 17.03 -16.23
N GLU C 104 -1.67 16.73 -15.99
CA GLU C 104 -2.17 16.67 -14.62
C GLU C 104 -1.56 15.50 -13.87
N GLN C 105 -1.50 14.33 -14.51
CA GLN C 105 -0.89 13.16 -13.86
C GLN C 105 0.60 13.35 -13.63
N ILE C 106 1.26 14.22 -14.39
CA ILE C 106 2.63 14.59 -14.08
C ILE C 106 2.68 15.35 -12.76
N ALA C 107 1.76 16.29 -12.57
CA ALA C 107 1.70 17.03 -11.31
C ALA C 107 1.30 16.16 -10.14
N GLN C 108 0.69 15.00 -10.39
CA GLN C 108 0.31 14.07 -9.34
C GLN C 108 1.33 12.96 -9.16
N GLY C 109 2.45 13.00 -9.87
CA GLY C 109 3.57 12.13 -9.60
C GLY C 109 3.69 10.88 -10.44
N THR C 110 3.32 10.93 -11.72
CA THR C 110 3.44 9.75 -12.57
C THR C 110 4.89 9.55 -12.99
N GLU C 111 5.22 8.31 -13.31
CA GLU C 111 6.54 7.95 -13.82
C GLU C 111 6.54 7.68 -15.32
N SER C 112 5.37 7.67 -15.95
CA SER C 112 5.30 7.38 -17.38
C SER C 112 5.76 8.57 -18.22
N TYR C 113 5.42 9.78 -17.79
CA TYR C 113 5.81 10.98 -18.49
C TYR C 113 6.40 11.96 -17.49
N SER C 114 6.93 13.07 -18.00
CA SER C 114 7.56 14.06 -17.14
C SER C 114 7.72 15.35 -17.95
N ILE C 115 8.22 16.38 -17.29
CA ILE C 115 8.51 17.66 -17.93
C ILE C 115 9.88 17.55 -18.59
N LYS C 116 9.89 17.45 -19.92
CA LYS C 116 11.15 17.33 -20.65
C LYS C 116 11.68 18.66 -21.17
N ASP C 117 10.84 19.70 -21.21
CA ASP C 117 11.23 21.01 -21.72
C ASP C 117 10.88 22.04 -20.65
N GLN C 118 11.74 22.15 -19.63
CA GLN C 118 11.53 23.17 -18.59
C GLN C 118 11.53 24.57 -19.17
N GLU C 119 12.24 24.77 -20.29
CA GLU C 119 12.20 26.06 -20.97
C GLU C 119 10.79 26.39 -21.45
N LYS C 120 10.13 25.41 -22.09
CA LYS C 120 8.78 25.64 -22.59
C LYS C 120 7.79 25.80 -21.43
N LEU C 121 7.99 25.05 -20.35
CA LEU C 121 7.12 25.18 -19.19
C LEU C 121 7.20 26.58 -18.59
N LYS C 122 8.39 27.17 -18.58
CA LYS C 122 8.56 28.50 -18.02
C LYS C 122 7.81 29.56 -18.83
N GLN C 123 7.93 29.50 -20.16
CA GLN C 123 7.31 30.52 -21.00
C GLN C 123 5.79 30.38 -21.00
N VAL C 124 5.29 29.14 -21.11
CA VAL C 124 3.85 28.93 -21.09
C VAL C 124 3.26 29.36 -19.76
N ALA C 125 3.99 29.11 -18.66
CA ALA C 125 3.54 29.61 -17.36
C ALA C 125 3.53 31.13 -17.34
N PHE C 126 4.56 31.76 -17.92
CA PHE C 126 4.60 33.22 -17.98
C PHE C 126 3.45 33.76 -18.83
N THR C 127 3.11 33.06 -19.91
CA THR C 127 2.04 33.53 -20.78
C THR C 127 0.69 33.47 -20.08
N LEU C 128 0.42 32.38 -19.37
CA LEU C 128 -0.85 32.20 -18.66
C LEU C 128 -0.95 33.06 -17.40
N GLY C 129 0.07 33.84 -17.07
CA GLY C 129 0.04 34.68 -15.89
C GLY C 129 0.57 34.04 -14.63
N ILE C 130 1.07 32.81 -14.70
CA ILE C 130 1.63 32.15 -13.51
C ILE C 130 2.91 32.86 -13.10
N ASP C 131 3.08 33.04 -11.79
CA ASP C 131 4.30 33.63 -11.22
C ASP C 131 5.20 32.48 -10.79
N THR C 132 6.18 32.16 -11.63
CA THR C 132 7.09 31.05 -11.35
C THR C 132 8.06 31.35 -10.23
N ALA C 133 8.08 32.56 -9.71
CA ALA C 133 9.05 32.93 -8.67
C ALA C 133 8.75 32.18 -7.38
N ASN C 134 9.80 31.56 -6.81
CA ASN C 134 9.73 30.93 -5.49
C ASN C 134 8.79 29.73 -5.50
N LYS C 135 8.76 28.99 -6.60
CA LYS C 135 7.89 27.83 -6.73
C LYS C 135 8.64 26.66 -7.37
N THR C 136 8.35 25.45 -6.91
CA THR C 136 8.92 24.26 -7.51
C THR C 136 8.24 23.96 -8.84
N GLU C 137 8.86 23.05 -9.61
CA GLU C 137 8.29 22.69 -10.90
C GLU C 137 6.93 22.02 -10.74
N GLN C 138 6.77 21.22 -9.70
CA GLN C 138 5.49 20.55 -9.47
C GLN C 138 4.38 21.55 -9.15
N GLU C 139 4.72 22.65 -8.48
CA GLU C 139 3.71 23.67 -8.20
C GLU C 139 3.35 24.46 -9.45
N ILE C 140 4.30 24.61 -10.38
CA ILE C 140 4.01 25.34 -11.61
C ILE C 140 3.12 24.51 -12.53
N VAL C 141 3.38 23.20 -12.61
CA VAL C 141 2.53 22.32 -13.39
C VAL C 141 1.15 22.21 -12.75
N GLU C 142 1.10 22.11 -11.42
CA GLU C 142 -0.18 22.01 -10.73
C GLU C 142 -1.01 23.26 -10.93
N GLU C 143 -0.38 24.44 -10.85
CA GLU C 143 -1.08 25.69 -11.09
C GLU C 143 -1.49 25.84 -12.55
N MET C 144 -0.71 25.27 -13.47
CA MET C 144 -1.03 25.37 -14.89
C MET C 144 -2.26 24.55 -15.25
N CYS C 145 -2.43 23.39 -14.61
CA CYS C 145 -3.61 22.57 -14.88
C CYS C 145 -4.88 23.23 -14.33
N GLN C 146 -4.78 23.89 -13.17
CA GLN C 146 -5.94 24.57 -12.60
C GLN C 146 -6.44 25.67 -13.53
N ILE C 147 -5.53 26.38 -14.18
CA ILE C 147 -5.95 27.44 -15.10
C ILE C 147 -6.62 26.85 -16.33
N ILE C 148 -6.04 25.78 -16.90
CA ILE C 148 -6.57 25.23 -18.14
C ILE C 148 -7.91 24.54 -17.90
N TYR C 149 -8.04 23.82 -16.78
CA TYR C 149 -9.31 23.16 -16.49
C TYR C 149 -10.42 24.15 -16.20
N ARG C 150 -10.08 25.36 -15.74
CA ARG C 150 -11.11 26.37 -15.52
C ARG C 150 -11.75 26.81 -16.82
N ASP C 151 -11.02 26.72 -17.94
CA ASP C 151 -11.62 27.01 -19.24
C ASP C 151 -12.69 25.98 -19.58
N PHE C 152 -12.42 24.70 -19.32
CA PHE C 152 -13.42 23.66 -19.55
C PHE C 152 -14.52 23.66 -18.51
N ALA C 153 -14.40 24.46 -17.45
CA ALA C 153 -15.40 24.52 -16.40
C ALA C 153 -16.11 25.86 -16.32
N ASN C 154 -15.66 26.86 -17.06
CA ASN C 154 -16.21 28.20 -16.96
C ASN C 154 -17.69 28.23 -17.33
N SER C 155 -18.50 28.84 -16.47
CA SER C 155 -19.93 28.98 -16.70
C SER C 155 -20.36 30.41 -16.99
N GLY C 156 -19.48 31.39 -16.78
CA GLY C 156 -19.82 32.77 -17.02
C GLY C 156 -19.59 33.18 -18.47
N ALA C 157 -19.46 34.49 -18.67
CA ALA C 157 -19.27 35.06 -19.99
C ALA C 157 -17.82 35.46 -20.25
N THR C 158 -16.92 35.15 -19.34
CA THR C 158 -15.51 35.50 -19.52
C THR C 158 -14.91 34.62 -20.62
N PRO C 159 -14.14 35.20 -21.56
CA PRO C 159 -13.52 34.38 -22.59
C PRO C 159 -12.55 33.36 -22.00
N MET C 160 -12.23 32.36 -22.81
CA MET C 160 -11.26 31.35 -22.39
C MET C 160 -9.93 32.00 -22.05
N THR C 161 -9.31 31.52 -20.97
CA THR C 161 -7.96 31.99 -20.65
C THR C 161 -6.98 31.68 -21.78
N TYR C 162 -7.04 30.46 -22.33
CA TYR C 162 -6.09 30.07 -23.35
C TYR C 162 -6.29 30.79 -24.67
N LEU C 163 -7.41 31.51 -24.83
CA LEU C 163 -7.56 32.39 -25.98
C LEU C 163 -7.03 33.78 -25.68
N LYS C 164 -7.39 34.35 -24.53
CA LYS C 164 -6.95 35.70 -24.20
C LYS C 164 -5.44 35.76 -24.02
N ALA C 165 -4.85 34.75 -23.39
CA ALA C 165 -3.41 34.75 -23.14
C ALA C 165 -2.59 34.58 -24.40
N ASN C 166 -3.16 33.96 -25.44
CA ASN C 166 -2.41 33.66 -26.66
C ASN C 166 -3.00 34.36 -27.89
N SER C 167 -3.70 35.47 -27.69
CA SER C 167 -4.20 36.22 -28.83
C SER C 167 -3.73 37.67 -28.76
N PRO C 168 -3.46 38.29 -29.91
CA PRO C 168 -3.15 39.73 -29.91
C PRO C 168 -4.36 40.55 -29.50
N ARG C 169 -4.08 41.77 -29.05
CA ARG C 169 -5.14 42.62 -28.51
C ARG C 169 -6.12 43.07 -29.59
N GLU C 170 -5.61 43.40 -30.77
CA GLU C 170 -6.48 43.83 -31.86
C GLU C 170 -7.44 42.71 -32.27
N ARG C 171 -6.97 41.47 -32.26
CA ARG C 171 -7.86 40.34 -32.56
C ARG C 171 -8.89 40.13 -31.45
N LEU C 172 -8.51 40.39 -30.20
CA LEU C 172 -9.46 40.26 -29.10
C LEU C 172 -10.56 41.32 -29.20
N GLU C 173 -10.20 42.54 -29.60
CA GLU C 173 -11.20 43.59 -29.76
C GLU C 173 -12.05 43.35 -31.01
N THR C 174 -11.46 42.79 -32.07
CA THR C 174 -12.22 42.49 -33.27
C THR C 174 -13.23 41.37 -33.03
N TRP C 175 -12.82 40.34 -32.29
CA TRP C 175 -13.74 39.24 -31.98
C TRP C 175 -14.81 39.67 -30.97
N GLU C 176 -14.49 40.61 -30.10
CA GLU C 176 -15.43 41.02 -29.06
C GLU C 176 -16.61 41.77 -29.66
N LYS C 177 -16.35 42.74 -30.53
CA LYS C 177 -17.43 43.50 -31.14
C LYS C 177 -18.28 42.66 -32.07
N LEU C 178 -17.83 41.45 -32.42
CA LEU C 178 -18.65 40.50 -33.17
C LEU C 178 -19.31 39.46 -32.28
N GLY C 179 -18.92 39.38 -31.01
CA GLY C 179 -19.50 38.41 -30.11
C GLY C 179 -19.17 36.97 -30.44
N VAL C 180 -18.00 36.71 -31.02
CA VAL C 180 -17.60 35.37 -31.39
C VAL C 180 -16.61 34.76 -30.41
N LEU C 181 -16.43 35.39 -29.25
CA LEU C 181 -15.46 34.89 -28.27
C LEU C 181 -15.99 33.62 -27.61
N PRO C 182 -15.22 32.54 -27.60
CA PRO C 182 -15.62 31.36 -26.84
C PRO C 182 -15.37 31.54 -25.35
N ARG C 183 -16.24 30.93 -24.55
CA ARG C 183 -16.17 30.99 -23.10
C ARG C 183 -15.65 29.71 -22.48
N ASN C 184 -16.19 28.58 -22.91
CA ASN C 184 -15.89 27.25 -22.41
C ASN C 184 -15.89 26.32 -23.62
N PRO C 185 -14.75 25.68 -23.92
CA PRO C 185 -14.69 24.87 -25.16
C PRO C 185 -15.73 23.76 -25.20
N ASP C 186 -15.92 23.03 -24.10
CA ASP C 186 -16.95 22.00 -24.08
C ASP C 186 -18.34 22.61 -24.13
N ARG C 187 -18.52 23.81 -23.60
CA ARG C 187 -19.84 24.43 -23.63
C ARG C 187 -20.19 24.98 -25.00
N GLU C 188 -19.21 25.58 -25.69
CA GLU C 188 -19.48 26.10 -27.02
C GLU C 188 -19.76 24.97 -28.01
N ILE C 189 -19.14 23.81 -27.82
CA ILE C 189 -19.45 22.65 -28.65
C ILE C 189 -20.87 22.17 -28.39
N ARG C 190 -21.26 22.09 -27.12
CA ARG C 190 -22.62 21.68 -26.79
C ARG C 190 -23.65 22.69 -27.28
N GLU C 191 -23.32 23.98 -27.18
CA GLU C 191 -24.28 25.02 -27.58
C GLU C 191 -24.42 25.08 -29.10
N ALA C 192 -23.31 25.01 -29.83
CA ALA C 192 -23.37 25.09 -31.29
C ALA C 192 -24.03 23.85 -31.88
N LEU C 193 -23.73 22.67 -31.32
CA LEU C 193 -24.40 21.45 -31.77
C LEU C 193 -25.90 21.54 -31.54
N HIS C 194 -26.31 22.14 -30.41
CA HIS C 194 -27.73 22.41 -30.16
C HIS C 194 -28.29 23.35 -31.22
N GLN C 195 -27.50 24.34 -31.62
CA GLN C 195 -27.92 25.31 -32.62
C GLN C 195 -28.17 24.68 -33.98
N THR C 196 -27.58 23.50 -34.25
CA THR C 196 -27.73 22.84 -35.53
C THR C 196 -28.88 21.84 -35.57
N THR C 197 -29.55 21.61 -34.45
CA THR C 197 -30.69 20.72 -34.46
C THR C 197 -31.87 21.35 -35.20
N MET C 198 -32.92 20.56 -35.42
CA MET C 198 -34.06 21.05 -36.19
C MET C 198 -34.83 22.11 -35.41
N GLY C 199 -35.21 23.18 -36.12
CA GLY C 199 -36.03 24.22 -35.54
C GLY C 199 -35.27 25.22 -34.70
N MET C 200 -34.04 25.57 -35.11
CA MET C 200 -33.21 26.46 -34.32
C MET C 200 -32.91 27.71 -35.14
N ASP C 201 -31.64 28.05 -35.32
CA ASP C 201 -31.27 29.29 -35.97
C ASP C 201 -31.62 29.26 -37.47
N ALA C 202 -32.00 30.42 -37.98
CA ALA C 202 -32.26 30.58 -39.41
C ALA C 202 -31.61 31.83 -39.99
N ASP C 203 -30.82 32.55 -39.18
CA ASP C 203 -30.04 33.67 -39.69
C ASP C 203 -28.68 33.13 -40.14
N PRO C 204 -28.39 33.09 -41.43
CA PRO C 204 -27.09 32.53 -41.88
C PRO C 204 -25.89 33.31 -41.36
N VAL C 205 -26.01 34.63 -41.20
CA VAL C 205 -24.92 35.39 -40.63
C VAL C 205 -24.73 35.05 -39.16
N ASN C 206 -25.84 34.75 -38.46
CA ASN C 206 -25.73 34.32 -37.06
C ASN C 206 -25.05 32.96 -36.96
N LEU C 207 -25.43 32.01 -37.82
CA LEU C 207 -24.80 30.70 -37.81
C LEU C 207 -23.33 30.79 -38.18
N ILE C 208 -23.00 31.67 -39.13
CA ILE C 208 -21.61 31.81 -39.56
C ILE C 208 -20.78 32.48 -38.46
N LEU C 209 -21.37 33.44 -37.74
CA LEU C 209 -20.66 34.04 -36.63
C LEU C 209 -20.41 33.03 -35.51
N LYS C 210 -21.35 32.09 -35.31
CA LYS C 210 -21.10 31.01 -34.36
C LYS C 210 -20.04 30.05 -34.89
N THR C 211 -20.04 29.83 -36.21
CA THR C 211 -19.01 29.00 -36.83
C THR C 211 -17.62 29.55 -36.55
N ILE C 212 -17.46 30.87 -36.69
CA ILE C 212 -16.19 31.51 -36.37
C ILE C 212 -15.81 31.27 -34.92
N ARG C 213 -16.79 31.27 -34.02
CA ARG C 213 -16.50 31.00 -32.62
C ARG C 213 -15.96 29.59 -32.43
N LEU C 214 -16.54 28.62 -33.12
CA LEU C 214 -16.08 27.24 -32.97
C LEU C 214 -14.72 27.01 -33.62
N GLY C 215 -14.35 27.83 -34.60
CA GLY C 215 -12.98 27.79 -35.08
C GLY C 215 -11.98 28.32 -34.08
N LEU C 216 -12.40 29.31 -33.27
CA LEU C 216 -11.53 29.79 -32.19
C LEU C 216 -11.45 28.79 -31.05
N VAL C 217 -12.51 28.00 -30.83
CA VAL C 217 -12.40 26.87 -29.91
C VAL C 217 -11.37 25.88 -30.43
N ASP C 218 -11.49 25.52 -31.72
CA ASP C 218 -10.51 24.62 -32.32
C ASP C 218 -9.11 25.22 -32.28
N GLY C 219 -9.00 26.53 -32.50
CA GLY C 219 -7.68 27.13 -32.62
C GLY C 219 -6.93 27.24 -31.31
N PHE C 220 -7.62 27.65 -30.24
CA PHE C 220 -6.95 27.93 -28.98
C PHE C 220 -7.22 26.92 -27.88
N ALA C 221 -8.29 26.14 -27.98
CA ALA C 221 -8.51 25.03 -27.06
C ALA C 221 -8.11 23.69 -27.64
N GLY C 222 -7.78 23.64 -28.93
CA GLY C 222 -7.34 22.41 -29.55
C GLY C 222 -5.92 22.52 -30.07
N LEU C 223 -5.70 23.43 -31.02
CA LEU C 223 -4.38 23.57 -31.65
C LEU C 223 -3.35 24.11 -30.66
N LYS C 224 -3.59 25.31 -30.14
CA LYS C 224 -2.61 25.96 -29.28
C LYS C 224 -2.40 25.21 -27.97
N LEU C 225 -3.44 24.57 -27.45
CA LEU C 225 -3.32 23.87 -26.18
C LEU C 225 -2.45 22.62 -26.32
N ALA C 226 -2.70 21.81 -27.35
CA ALA C 226 -1.98 20.55 -27.49
C ALA C 226 -0.52 20.80 -27.86
N THR C 227 -0.26 21.77 -28.74
CA THR C 227 1.12 22.08 -29.12
C THR C 227 1.95 22.49 -27.92
N ASP C 228 1.40 23.39 -27.08
CA ASP C 228 2.14 23.88 -25.93
C ASP C 228 2.50 22.75 -24.98
N LEU C 229 1.52 21.94 -24.60
CA LEU C 229 1.77 20.91 -23.59
C LEU C 229 2.63 19.77 -24.15
N GLN C 230 2.47 19.45 -25.44
CA GLN C 230 3.30 18.41 -26.03
C GLN C 230 4.75 18.83 -26.12
N ASP C 231 5.01 20.11 -26.38
CA ASP C 231 6.37 20.62 -26.29
C ASP C 231 6.88 20.56 -24.86
N ILE C 232 6.02 20.89 -23.88
CA ILE C 232 6.42 20.82 -22.49
C ILE C 232 6.70 19.37 -22.09
N ILE C 233 5.83 18.44 -22.47
CA ILE C 233 5.96 17.07 -22.02
C ILE C 233 7.03 16.31 -22.81
N PHE C 234 7.14 16.57 -24.12
CA PHE C 234 8.04 15.81 -24.97
C PHE C 234 9.22 16.58 -25.50
N GLY C 235 9.18 17.91 -25.48
CA GLY C 235 10.31 18.70 -25.95
C GLY C 235 10.00 19.57 -27.15
N THR C 236 10.54 20.79 -27.14
CA THR C 236 10.40 21.66 -28.29
C THR C 236 11.22 21.11 -29.46
N PRO C 237 10.64 20.99 -30.65
CA PRO C 237 11.40 20.46 -31.79
C PRO C 237 12.55 21.38 -32.17
N GLN C 238 13.62 20.75 -32.62
CA GLN C 238 14.82 21.42 -33.14
C GLN C 238 15.06 20.97 -34.57
N PRO C 239 15.86 21.71 -35.35
CA PRO C 239 16.15 21.27 -36.72
C PRO C 239 16.72 19.86 -36.74
N VAL C 240 16.10 19.00 -37.54
CA VAL C 240 16.43 17.58 -37.58
C VAL C 240 16.45 17.11 -39.02
N VAL C 241 17.28 16.11 -39.29
CA VAL C 241 17.44 15.53 -40.62
C VAL C 241 16.92 14.10 -40.59
N THR C 242 16.19 13.72 -41.63
CA THR C 242 15.57 12.41 -41.75
C THR C 242 15.07 12.26 -43.18
N GLU C 243 14.29 11.22 -43.44
CA GLU C 243 13.80 10.92 -44.78
C GLU C 243 12.29 10.74 -44.75
N ALA C 244 11.69 10.76 -45.94
CA ALA C 244 10.25 10.57 -46.09
C ALA C 244 10.01 9.64 -47.27
N ASN C 245 8.72 9.45 -47.59
CA ASN C 245 8.25 8.51 -48.59
C ASN C 245 8.60 7.08 -48.20
N LEU C 246 8.10 6.10 -48.95
CA LEU C 246 8.22 4.71 -48.54
C LEU C 246 9.60 4.12 -48.82
N GLY C 247 10.55 4.91 -49.29
CA GLY C 247 11.93 4.48 -49.30
C GLY C 247 12.56 4.39 -47.92
N VAL C 248 11.80 4.74 -46.88
CA VAL C 248 12.31 4.67 -45.51
C VAL C 248 12.07 3.31 -44.85
N LEU C 249 11.17 2.50 -45.41
CA LEU C 249 11.01 1.13 -44.94
C LEU C 249 12.23 0.30 -45.30
N LYS C 250 12.56 -0.67 -44.45
CA LYS C 250 13.78 -1.46 -44.59
C LYS C 250 13.47 -2.93 -44.41
N GLU C 251 13.87 -3.73 -45.40
CA GLU C 251 13.51 -5.15 -45.43
C GLU C 251 14.22 -5.95 -44.35
N ASP C 252 15.42 -5.51 -43.94
CA ASP C 252 16.18 -6.25 -42.93
C ASP C 252 15.72 -5.94 -41.51
N TYR C 253 15.05 -4.82 -41.31
CA TYR C 253 14.62 -4.37 -40.00
C TYR C 253 13.18 -4.77 -39.74
N VAL C 254 12.79 -4.70 -38.47
CA VAL C 254 11.38 -4.80 -38.09
C VAL C 254 10.76 -3.42 -38.28
N ASN C 255 9.72 -3.35 -39.12
CA ASN C 255 9.08 -2.09 -39.46
C ASN C 255 7.82 -1.93 -38.62
N ILE C 256 7.84 -0.96 -37.71
CA ILE C 256 6.67 -0.55 -36.94
C ILE C 256 6.21 0.80 -37.47
N ILE C 257 4.92 0.89 -37.82
CA ILE C 257 4.32 2.11 -38.36
C ILE C 257 3.43 2.72 -37.29
N VAL C 258 3.65 4.00 -37.00
CA VAL C 258 2.80 4.76 -36.10
C VAL C 258 1.86 5.60 -36.97
N HIS C 259 0.56 5.43 -36.76
CA HIS C 259 -0.45 6.15 -37.53
C HIS C 259 -1.48 6.75 -36.59
N GLY C 260 -1.99 7.92 -36.95
CA GLY C 260 -2.94 8.61 -36.10
C GLY C 260 -2.54 10.04 -35.83
N HIS C 261 -2.64 10.49 -34.58
CA HIS C 261 -2.46 11.91 -34.29
C HIS C 261 -1.82 12.21 -32.95
N VAL C 262 -2.14 11.44 -31.91
CA VAL C 262 -1.81 11.80 -30.54
C VAL C 262 -0.44 11.22 -30.20
N PRO C 263 0.55 12.03 -29.82
CA PRO C 263 1.90 11.53 -29.55
C PRO C 263 2.06 10.79 -28.23
N LEU C 264 1.04 10.79 -27.36
CA LEU C 264 1.15 10.06 -26.10
C LEU C 264 1.46 8.60 -26.33
N LEU C 265 1.03 8.05 -27.48
CA LEU C 265 1.27 6.66 -27.83
C LEU C 265 2.54 6.49 -28.67
N SER C 266 2.71 7.32 -29.69
CA SER C 266 3.83 7.14 -30.61
C SER C 266 5.16 7.41 -29.92
N GLU C 267 5.24 8.43 -29.07
CA GLU C 267 6.47 8.70 -28.33
C GLU C 267 6.84 7.53 -27.42
N LYS C 268 5.85 6.81 -26.89
CA LYS C 268 6.14 5.64 -26.10
C LYS C 268 6.55 4.45 -26.96
N ILE C 269 6.02 4.36 -28.17
CA ILE C 269 6.43 3.30 -29.08
C ILE C 269 7.87 3.51 -29.53
N VAL C 270 8.26 4.77 -29.74
CA VAL C 270 9.63 5.09 -30.09
C VAL C 270 10.57 4.74 -28.94
N GLU C 271 10.17 5.08 -27.71
CA GLU C 271 11.05 4.87 -26.56
C GLU C 271 11.36 3.38 -26.37
N TRP C 272 10.33 2.53 -26.46
CA TRP C 272 10.55 1.11 -26.26
C TRP C 272 11.00 0.40 -27.53
N SER C 273 10.94 1.05 -28.69
CA SER C 273 11.57 0.49 -29.87
C SER C 273 13.10 0.59 -29.80
N ARG C 274 13.61 1.66 -29.17
CA ARG C 274 15.04 1.82 -28.96
C ARG C 274 15.57 0.93 -27.84
N LYS C 275 14.71 0.52 -26.91
CA LYS C 275 15.12 -0.27 -25.76
C LYS C 275 14.85 -1.76 -25.93
N LEU C 276 14.32 -2.18 -27.08
CA LEU C 276 14.03 -3.60 -27.31
C LEU C 276 14.63 -4.10 -28.62
N GLU C 277 15.58 -3.36 -29.20
CA GLU C 277 16.19 -3.80 -30.45
C GLU C 277 16.90 -5.14 -30.31
N ASP C 278 17.50 -5.40 -29.14
CA ASP C 278 18.18 -6.67 -28.94
C ASP C 278 17.22 -7.85 -29.04
N GLU C 279 15.97 -7.67 -28.61
CA GLU C 279 14.99 -8.73 -28.76
C GLU C 279 14.61 -8.93 -30.23
N ALA C 280 14.68 -7.88 -31.04
CA ALA C 280 14.44 -8.04 -32.47
C ALA C 280 15.61 -8.73 -33.15
N LYS C 281 16.84 -8.34 -32.80
CA LYS C 281 18.02 -9.02 -33.33
C LYS C 281 18.01 -10.50 -32.96
N LYS C 282 17.55 -10.83 -31.75
CA LYS C 282 17.44 -12.22 -31.32
C LYS C 282 16.44 -13.00 -32.17
N ALA C 283 15.52 -12.31 -32.84
CA ALA C 283 14.54 -12.95 -33.71
C ALA C 283 14.98 -12.97 -35.17
N GLY C 284 16.12 -12.37 -35.50
CA GLY C 284 16.64 -12.42 -36.86
C GLY C 284 16.37 -11.16 -37.65
N ALA C 285 16.59 -9.99 -37.04
CA ALA C 285 16.38 -8.71 -37.70
C ALA C 285 17.56 -7.80 -37.42
N LYS C 286 17.79 -6.85 -38.34
CA LYS C 286 18.88 -5.91 -38.18
C LYS C 286 18.60 -4.87 -37.10
N GLY C 287 17.34 -4.71 -36.70
CA GLY C 287 16.97 -3.76 -35.67
C GLY C 287 15.47 -3.49 -35.71
N ILE C 288 15.11 -2.31 -35.24
CA ILE C 288 13.72 -1.84 -35.27
C ILE C 288 13.66 -0.59 -36.13
N ASN C 289 12.85 -0.62 -37.17
CA ASN C 289 12.67 0.50 -38.09
C ASN C 289 11.30 1.13 -37.82
N LEU C 290 11.30 2.40 -37.43
CA LEU C 290 10.05 3.12 -37.19
C LEU C 290 9.78 4.08 -38.34
N ALA C 291 8.51 4.22 -38.69
CA ALA C 291 8.09 5.20 -39.67
C ALA C 291 6.68 5.66 -39.33
N GLY C 292 6.39 6.92 -39.66
CA GLY C 292 5.16 7.55 -39.26
C GLY C 292 4.28 7.92 -40.43
N ILE C 293 2.97 7.85 -40.22
CA ILE C 293 1.97 8.26 -41.20
C ILE C 293 1.09 9.33 -40.57
N CYS C 294 0.64 10.27 -41.38
CA CYS C 294 -0.29 11.33 -40.97
C CYS C 294 0.41 12.20 -39.92
N CYS C 295 -0.37 12.74 -38.98
CA CYS C 295 0.16 13.78 -38.10
C CYS C 295 0.98 13.20 -36.95
N THR C 296 0.59 12.05 -36.41
CA THR C 296 1.40 11.44 -35.36
C THR C 296 2.76 11.01 -35.90
N GLY C 297 2.83 10.72 -37.21
CA GLY C 297 4.12 10.53 -37.83
C GLY C 297 4.93 11.82 -37.88
N ASN C 298 4.26 12.96 -38.04
CA ASN C 298 4.97 14.24 -37.98
C ASN C 298 5.37 14.58 -36.56
N GLU C 299 4.62 14.11 -35.56
CA GLU C 299 4.93 14.44 -34.17
C GLU C 299 6.28 13.85 -33.77
N VAL C 300 6.39 12.52 -33.80
CA VAL C 300 7.67 11.88 -33.50
C VAL C 300 8.74 12.27 -34.52
N LEU C 301 8.33 12.74 -35.70
CA LEU C 301 9.28 13.30 -36.65
C LEU C 301 9.96 14.54 -36.08
N MET C 302 9.18 15.50 -35.62
CA MET C 302 9.72 16.77 -35.14
C MET C 302 10.60 16.61 -33.91
N ARG C 303 10.40 15.55 -33.13
CA ARG C 303 11.09 15.39 -31.86
C ARG C 303 12.05 14.21 -31.83
N GLN C 304 11.72 13.10 -32.48
CA GLN C 304 12.58 11.93 -32.51
C GLN C 304 13.15 11.64 -33.88
N GLY C 305 12.89 12.50 -34.87
CA GLY C 305 13.48 12.36 -36.18
C GLY C 305 13.14 11.08 -36.92
N VAL C 306 12.04 10.43 -36.57
CA VAL C 306 11.68 9.17 -37.22
C VAL C 306 11.08 9.49 -38.59
N PRO C 307 11.37 8.68 -39.62
CA PRO C 307 10.99 9.06 -40.98
C PRO C 307 9.49 9.00 -41.23
N LEU C 308 9.06 9.75 -42.24
CA LEU C 308 7.67 9.81 -42.64
C LEU C 308 7.39 8.77 -43.71
N ALA C 309 6.53 7.80 -43.41
CA ALA C 309 6.18 6.77 -44.37
C ALA C 309 5.39 7.36 -45.53
N THR C 310 4.16 7.80 -45.26
CA THR C 310 3.32 8.41 -46.29
C THR C 310 2.26 9.25 -45.58
N ASN C 311 1.37 9.85 -46.38
CA ASN C 311 0.30 10.66 -45.81
C ASN C 311 -1.02 9.90 -45.78
N PHE C 312 -2.13 10.65 -45.79
CA PHE C 312 -3.42 10.06 -45.46
C PHE C 312 -3.94 9.15 -46.56
N LEU C 313 -3.75 9.53 -47.82
CA LEU C 313 -4.42 8.84 -48.91
C LEU C 313 -3.74 7.53 -49.31
N ALA C 314 -2.48 7.32 -48.95
CA ALA C 314 -1.75 6.12 -49.34
C ALA C 314 -1.56 5.16 -48.17
N GLN C 315 -2.30 5.33 -47.08
CA GLN C 315 -2.01 4.60 -45.85
C GLN C 315 -2.22 3.09 -46.03
N GLU C 316 -3.07 2.68 -46.98
CA GLU C 316 -3.19 1.26 -47.26
C GLU C 316 -2.04 0.76 -48.12
N LEU C 317 -1.49 1.63 -48.97
CA LEU C 317 -0.41 1.22 -49.87
C LEU C 317 0.89 0.98 -49.12
N ALA C 318 1.10 1.67 -48.00
CA ALA C 318 2.23 1.34 -47.15
C ALA C 318 2.17 -0.12 -46.70
N ILE C 319 0.98 -0.60 -46.33
CA ILE C 319 0.83 -2.01 -45.99
C ILE C 319 1.08 -2.88 -47.21
N ILE C 320 0.69 -2.41 -48.40
CA ILE C 320 0.84 -3.21 -49.61
C ILE C 320 2.31 -3.47 -49.93
N THR C 321 3.23 -2.65 -49.41
CA THR C 321 4.66 -2.95 -49.57
C THR C 321 5.02 -4.28 -48.94
N GLY C 322 4.24 -4.78 -47.99
CA GLY C 322 4.52 -6.03 -47.32
C GLY C 322 5.54 -5.94 -46.20
N ALA C 323 6.30 -4.84 -46.12
CA ALA C 323 7.31 -4.69 -45.09
C ALA C 323 6.74 -4.21 -43.76
N VAL C 324 5.57 -3.58 -43.77
CA VAL C 324 4.96 -3.07 -42.55
C VAL C 324 4.59 -4.26 -41.67
N ASP C 325 5.36 -4.45 -40.58
CA ASP C 325 5.13 -5.60 -39.71
C ASP C 325 3.98 -5.36 -38.75
N LEU C 326 3.88 -4.15 -38.20
CA LEU C 326 2.78 -3.80 -37.32
C LEU C 326 2.51 -2.31 -37.46
N MET C 327 1.23 -1.96 -37.46
CA MET C 327 0.78 -0.57 -37.50
C MET C 327 -0.06 -0.30 -36.27
N VAL C 328 0.38 0.65 -35.46
CA VAL C 328 -0.34 1.04 -34.24
C VAL C 328 -1.01 2.39 -34.50
N VAL C 329 -2.27 2.50 -34.07
CA VAL C 329 -3.08 3.69 -34.36
C VAL C 329 -3.76 4.16 -33.08
N ASP C 330 -4.01 5.47 -33.01
CA ASP C 330 -4.77 6.04 -31.91
C ASP C 330 -6.09 6.52 -32.47
N VAL C 331 -6.19 7.76 -32.96
CA VAL C 331 -7.45 8.34 -33.41
C VAL C 331 -7.25 9.14 -34.69
N GLN C 332 -8.36 9.34 -35.42
CA GLN C 332 -8.49 10.31 -36.50
C GLN C 332 -7.82 9.90 -37.80
N CYS C 333 -8.55 10.03 -38.91
CA CYS C 333 -8.03 9.85 -40.27
C CYS C 333 -7.50 8.44 -40.48
N ILE C 334 -8.16 7.46 -39.88
CA ILE C 334 -7.80 6.06 -40.00
C ILE C 334 -8.82 5.40 -40.92
N MET C 335 -8.42 5.11 -42.15
CA MET C 335 -9.31 4.41 -43.07
C MET C 335 -9.63 3.03 -42.50
N PRO C 336 -10.91 2.67 -42.36
CA PRO C 336 -11.25 1.35 -41.81
C PRO C 336 -10.84 0.20 -42.71
N SER C 337 -10.47 0.46 -43.97
CA SER C 337 -10.02 -0.60 -44.86
C SER C 337 -8.69 -1.20 -44.42
N LEU C 338 -7.94 -0.51 -43.56
CA LEU C 338 -6.65 -1.00 -43.11
C LEU C 338 -6.76 -2.38 -42.45
N ALA C 339 -7.88 -2.65 -41.78
CA ALA C 339 -8.04 -3.95 -41.12
C ALA C 339 -8.19 -5.07 -42.14
N GLU C 340 -9.01 -4.86 -43.17
CA GLU C 340 -9.22 -5.89 -44.17
C GLU C 340 -7.96 -6.13 -45.00
N ILE C 341 -7.15 -5.09 -45.19
CA ILE C 341 -5.93 -5.22 -45.96
C ILE C 341 -4.83 -5.88 -45.13
N ALA C 342 -4.74 -5.52 -43.84
CA ALA C 342 -3.81 -6.20 -42.95
C ALA C 342 -4.15 -7.66 -42.75
N ALA C 343 -5.34 -8.10 -43.16
CA ALA C 343 -5.68 -9.52 -43.11
C ALA C 343 -5.05 -10.30 -44.26
N CYS C 344 -4.94 -9.68 -45.43
CA CYS C 344 -4.30 -10.33 -46.57
C CYS C 344 -2.79 -10.46 -46.35
N TYR C 345 -2.18 -9.52 -45.66
CA TYR C 345 -0.78 -9.59 -45.28
C TYR C 345 -0.63 -10.16 -43.87
N HIS C 346 0.62 -10.39 -43.48
CA HIS C 346 0.96 -10.77 -42.12
C HIS C 346 0.85 -9.61 -41.14
N THR C 347 0.69 -8.39 -41.65
CA THR C 347 0.70 -7.19 -40.81
C THR C 347 -0.40 -7.26 -39.76
N ARG C 348 -0.03 -6.90 -38.52
CA ARG C 348 -0.97 -6.83 -37.41
C ARG C 348 -1.33 -5.38 -37.17
N LEU C 349 -2.60 -5.05 -37.33
CA LEU C 349 -3.11 -3.72 -37.02
C LEU C 349 -3.62 -3.71 -35.59
N VAL C 350 -3.17 -2.73 -34.81
CA VAL C 350 -3.53 -2.66 -33.39
C VAL C 350 -4.13 -1.30 -33.09
N THR C 351 -5.22 -1.30 -32.32
CA THR C 351 -5.88 -0.09 -31.86
C THR C 351 -5.65 0.09 -30.37
N THR C 352 -5.70 1.35 -29.92
CA THR C 352 -5.34 1.70 -28.55
C THR C 352 -6.38 2.53 -27.79
N MET C 353 -7.33 3.18 -28.47
CA MET C 353 -8.19 4.10 -27.74
C MET C 353 -9.60 3.55 -27.57
N PRO C 354 -10.25 3.81 -26.43
CA PRO C 354 -11.59 3.24 -26.20
C PRO C 354 -12.65 3.75 -27.16
N ILE C 355 -12.39 4.84 -27.88
CA ILE C 355 -13.38 5.38 -28.82
C ILE C 355 -13.04 5.05 -30.27
N VAL C 356 -12.01 4.25 -30.51
CA VAL C 356 -11.65 3.83 -31.87
C VAL C 356 -11.30 2.34 -31.85
N LYS C 357 -12.25 1.51 -32.24
CA LYS C 357 -12.03 0.07 -32.37
C LYS C 357 -12.41 -0.36 -33.77
N ILE C 358 -11.49 -1.06 -34.44
CA ILE C 358 -11.69 -1.53 -35.81
C ILE C 358 -11.79 -3.06 -35.76
N PRO C 359 -12.97 -3.64 -36.02
CA PRO C 359 -13.06 -5.10 -36.09
C PRO C 359 -12.11 -5.64 -37.16
N GLY C 360 -11.32 -6.63 -36.78
CA GLY C 360 -10.22 -7.11 -37.59
C GLY C 360 -8.86 -6.62 -37.15
N ALA C 361 -8.81 -5.68 -36.21
CA ALA C 361 -7.57 -5.19 -35.63
C ALA C 361 -7.55 -5.53 -34.15
N GLU C 362 -6.37 -5.93 -33.66
CA GLU C 362 -6.22 -6.25 -32.25
C GLU C 362 -6.25 -4.96 -31.43
N HIS C 363 -6.80 -5.04 -30.22
CA HIS C 363 -6.96 -3.87 -29.38
C HIS C 363 -6.11 -4.02 -28.13
N VAL C 364 -5.11 -3.15 -28.00
CA VAL C 364 -4.26 -3.10 -26.82
C VAL C 364 -4.57 -1.79 -26.08
N PRO C 365 -5.32 -1.84 -24.98
CA PRO C 365 -5.66 -0.60 -24.27
C PRO C 365 -4.42 0.11 -23.76
N PHE C 366 -4.32 1.40 -24.08
CA PHE C 366 -3.16 2.22 -23.78
C PHE C 366 -3.58 3.35 -22.85
N THR C 367 -3.18 3.25 -21.58
CA THR C 367 -3.42 4.28 -20.59
C THR C 367 -2.09 4.83 -20.10
N THR C 368 -2.16 5.95 -19.37
CA THR C 368 -0.94 6.54 -18.82
C THR C 368 -0.31 5.64 -17.77
N GLU C 369 -1.14 4.97 -16.96
CA GLU C 369 -0.62 4.05 -15.95
C GLU C 369 -0.06 2.77 -16.56
N THR C 370 -0.36 2.49 -17.82
CA THR C 370 0.12 1.28 -18.49
C THR C 370 0.90 1.59 -19.75
N ALA C 371 1.34 2.85 -19.92
CA ALA C 371 1.96 3.27 -21.17
C ALA C 371 3.22 2.46 -21.47
N ASP C 372 4.03 2.17 -20.45
CA ASP C 372 5.25 1.40 -20.67
C ASP C 372 4.94 -0.06 -20.95
N GLU C 373 4.04 -0.66 -20.17
CA GLU C 373 3.72 -2.07 -20.37
C GLU C 373 2.96 -2.30 -21.67
N ALA C 374 2.11 -1.35 -22.07
CA ALA C 374 1.36 -1.51 -23.31
C ALA C 374 2.25 -1.37 -24.52
N SER C 375 3.22 -0.46 -24.48
CA SER C 375 4.12 -0.26 -25.61
C SER C 375 5.01 -1.47 -25.83
N GLN C 376 5.59 -2.02 -24.75
CA GLN C 376 6.42 -3.20 -24.88
C GLN C 376 5.63 -4.37 -25.48
N GLN C 377 4.40 -4.57 -25.00
CA GLN C 377 3.55 -5.62 -25.54
C GLN C 377 3.31 -5.41 -27.04
N ILE C 378 3.16 -4.15 -27.46
CA ILE C 378 2.93 -3.87 -28.87
C ILE C 378 4.21 -4.05 -29.67
N VAL C 379 5.34 -3.58 -29.14
CA VAL C 379 6.61 -3.73 -29.85
C VAL C 379 6.96 -5.21 -29.98
N ARG C 380 6.66 -6.00 -28.95
CA ARG C 380 6.88 -7.45 -29.04
C ARG C 380 5.87 -8.14 -29.94
N MET C 381 4.74 -7.49 -30.23
CA MET C 381 3.81 -8.05 -31.21
C MET C 381 4.36 -7.97 -32.62
N ALA C 382 5.09 -6.89 -32.91
CA ALA C 382 5.68 -6.74 -34.24
C ALA C 382 6.83 -7.73 -34.45
N ILE C 383 7.57 -8.03 -33.39
CA ILE C 383 8.64 -9.02 -33.50
C ILE C 383 8.08 -10.39 -33.83
N GLU C 384 6.96 -10.76 -33.19
CA GLU C 384 6.29 -12.01 -33.55
C GLU C 384 5.79 -11.97 -34.98
N SER C 385 5.26 -10.83 -35.41
CA SER C 385 4.77 -10.69 -36.77
C SER C 385 5.91 -10.68 -37.78
N TYR C 386 7.11 -10.28 -37.37
CA TYR C 386 8.26 -10.29 -38.28
C TYR C 386 8.60 -11.72 -38.69
N GLN C 387 8.49 -12.68 -37.77
CA GLN C 387 8.82 -14.08 -38.04
C GLN C 387 7.79 -14.78 -38.92
N LYS C 388 6.79 -14.06 -39.43
CA LYS C 388 5.83 -14.62 -40.37
C LYS C 388 5.75 -13.82 -41.66
N ARG C 389 6.68 -12.89 -41.88
CA ARG C 389 6.64 -12.05 -43.08
C ARG C 389 6.95 -12.88 -44.32
N ASN C 390 6.24 -12.59 -45.41
CA ASN C 390 6.45 -13.28 -46.68
C ASN C 390 7.36 -12.43 -47.55
N PRO C 391 8.61 -12.82 -47.79
CA PRO C 391 9.51 -11.98 -48.58
C PRO C 391 9.09 -11.85 -50.04
N ALA C 392 8.32 -12.81 -50.57
CA ALA C 392 7.89 -12.71 -51.97
C ALA C 392 6.81 -11.64 -52.13
N LYS C 393 5.86 -11.57 -51.19
CA LYS C 393 4.82 -10.56 -51.22
C LYS C 393 5.33 -9.16 -50.88
N VAL C 394 6.62 -9.00 -50.64
CA VAL C 394 7.21 -7.74 -50.20
C VAL C 394 7.85 -7.05 -51.39
N TYR C 395 7.36 -5.86 -51.72
CA TYR C 395 8.02 -4.96 -52.67
C TYR C 395 8.13 -3.59 -52.02
N ILE C 396 9.36 -3.15 -51.79
CA ILE C 396 9.63 -1.84 -51.17
C ILE C 396 10.17 -0.91 -52.25
N PRO C 397 9.56 0.24 -52.47
CA PRO C 397 10.10 1.19 -53.44
C PRO C 397 11.41 1.78 -52.95
N ARG C 398 12.14 2.40 -53.88
CA ARG C 398 13.45 2.98 -53.60
C ARG C 398 13.41 4.50 -53.43
N GLU C 399 12.33 5.16 -53.83
CA GLU C 399 12.29 6.61 -53.79
C GLU C 399 12.18 7.11 -52.35
N LYS C 400 13.05 8.05 -51.99
CA LYS C 400 13.00 8.72 -50.70
C LYS C 400 13.71 10.05 -50.84
N ALA C 401 13.23 11.04 -50.09
CA ALA C 401 13.73 12.39 -50.18
C ALA C 401 14.49 12.77 -48.91
N LYS C 402 15.40 13.73 -49.06
CA LYS C 402 16.11 14.27 -47.91
C LYS C 402 15.24 15.33 -47.25
N VAL C 403 14.88 15.10 -45.99
CA VAL C 403 13.93 15.93 -45.27
C VAL C 403 14.63 16.62 -44.12
N VAL C 404 14.46 17.93 -44.02
CA VAL C 404 14.92 18.72 -42.88
C VAL C 404 13.69 19.36 -42.25
N ALA C 405 13.47 19.07 -40.96
CA ALA C 405 12.26 19.53 -40.29
C ALA C 405 12.56 20.04 -38.89
N GLY C 406 11.60 19.88 -37.98
CA GLY C 406 11.77 20.37 -36.62
C GLY C 406 11.79 21.87 -36.49
N PHE C 407 11.19 22.58 -37.45
CA PHE C 407 11.25 24.05 -37.46
C PHE C 407 10.12 24.65 -36.62
N SER C 408 10.16 24.35 -35.32
CA SER C 408 9.28 25.03 -34.39
C SER C 408 9.64 26.52 -34.35
N VAL C 409 8.70 27.32 -33.82
CA VAL C 409 8.92 28.75 -33.70
C VAL C 409 10.20 29.03 -32.91
N GLU C 410 10.41 28.27 -31.83
CA GLU C 410 11.64 28.39 -31.06
C GLU C 410 12.85 28.01 -31.91
N ALA C 411 12.70 27.00 -32.76
CA ALA C 411 13.78 26.59 -33.65
C ALA C 411 13.92 27.49 -34.86
N ILE C 412 12.89 28.26 -35.19
CA ILE C 412 13.01 29.22 -36.28
C ILE C 412 13.72 30.49 -35.82
N VAL C 413 13.39 30.95 -34.61
CA VAL C 413 14.03 32.15 -34.08
C VAL C 413 15.51 31.93 -33.84
N LYS C 414 15.85 30.83 -33.14
CA LYS C 414 17.25 30.58 -32.78
C LYS C 414 18.13 30.45 -34.01
N ALA C 415 17.56 30.05 -35.15
CA ALA C 415 18.33 30.03 -36.39
C ALA C 415 18.63 31.44 -36.87
N LEU C 416 17.77 32.41 -36.54
CA LEU C 416 17.97 33.80 -36.92
C LEU C 416 18.79 34.57 -35.89
N ALA C 417 19.01 33.99 -34.70
CA ALA C 417 19.88 34.64 -33.72
C ALA C 417 21.33 34.67 -34.22
N LYS C 418 21.70 33.74 -35.09
CA LYS C 418 23.03 33.76 -35.68
C LYS C 418 23.19 34.95 -36.64
N LEU C 419 22.15 35.23 -37.42
CA LEU C 419 22.19 36.40 -38.29
C LEU C 419 22.05 37.70 -37.50
N ASN C 420 21.38 37.65 -36.35
CA ASN C 420 21.17 38.84 -35.54
C ASN C 420 20.90 38.41 -34.10
N PRO C 421 21.90 38.50 -33.21
CA PRO C 421 21.66 38.08 -31.82
C PRO C 421 20.75 39.04 -31.07
N ASP C 422 20.85 40.34 -31.34
CA ASP C 422 20.01 41.32 -30.64
C ASP C 422 18.54 41.14 -31.01
N ASP C 423 18.25 41.06 -32.31
CA ASP C 423 16.88 41.01 -32.81
C ASP C 423 16.78 39.90 -33.84
N PRO C 424 16.48 38.67 -33.42
CA PRO C 424 16.35 37.57 -34.39
C PRO C 424 15.23 37.79 -35.40
N LEU C 425 14.24 38.62 -35.07
CA LEU C 425 13.13 38.84 -35.99
C LEU C 425 13.49 39.80 -37.12
N LYS C 426 14.46 40.69 -36.89
CA LYS C 426 14.80 41.69 -37.90
C LYS C 426 15.27 41.07 -39.22
N PRO C 427 16.20 40.11 -39.24
CA PRO C 427 16.61 39.55 -40.54
C PRO C 427 15.46 39.01 -41.37
N LEU C 428 14.49 38.34 -40.73
CA LEU C 428 13.30 37.93 -41.47
C LEU C 428 12.42 39.12 -41.82
N ILE C 429 12.31 40.07 -40.89
CA ILE C 429 11.43 41.22 -41.10
C ILE C 429 12.07 42.23 -42.06
N ASP C 430 13.32 42.60 -41.80
CA ASP C 430 14.02 43.50 -42.72
C ASP C 430 14.09 42.93 -44.13
N ASN C 431 14.13 41.60 -44.26
CA ASN C 431 14.08 40.99 -45.58
C ASN C 431 12.71 41.17 -46.21
N ILE C 432 11.65 40.98 -45.41
CA ILE C 432 10.29 41.27 -45.88
C ILE C 432 10.15 42.76 -46.19
N VAL C 433 10.74 43.61 -45.34
CA VAL C 433 10.66 45.05 -45.56
C VAL C 433 11.35 45.43 -46.85
N SER C 434 12.56 44.91 -47.07
CA SER C 434 13.33 45.23 -48.27
C SER C 434 12.74 44.58 -49.53
N GLY C 435 11.82 43.64 -49.39
CA GLY C 435 11.14 43.06 -50.54
C GLY C 435 11.78 41.81 -51.11
N ASN C 436 12.84 41.29 -50.48
CA ASN C 436 13.48 40.08 -51.01
C ASN C 436 12.53 38.88 -50.96
N ILE C 437 11.60 38.86 -50.02
CA ILE C 437 10.64 37.78 -49.88
C ILE C 437 9.23 38.37 -50.00
N LEU C 438 8.47 37.87 -50.96
CA LEU C 438 7.16 38.45 -51.28
C LEU C 438 6.14 38.24 -50.17
N GLY C 439 6.36 37.26 -49.31
CA GLY C 439 5.39 36.92 -48.29
C GLY C 439 5.55 35.46 -47.92
N VAL C 440 4.75 35.03 -46.95
CA VAL C 440 4.81 33.67 -46.43
C VAL C 440 3.41 33.05 -46.50
N VAL C 441 3.36 31.76 -46.83
CA VAL C 441 2.12 31.04 -47.06
C VAL C 441 2.18 29.73 -46.27
N ALA C 442 1.03 29.33 -45.70
CA ALA C 442 0.91 28.08 -44.96
C ALA C 442 0.08 27.11 -45.78
N THR C 443 0.71 26.04 -46.26
CA THR C 443 0.02 24.96 -46.95
C THR C 443 -0.24 23.85 -45.94
N VAL C 444 -1.51 23.67 -45.58
CA VAL C 444 -1.90 22.72 -44.56
C VAL C 444 -2.91 21.75 -45.15
N GLY C 445 -3.44 20.85 -44.34
CA GLY C 445 -4.52 19.99 -44.76
C GLY C 445 -4.04 18.61 -45.16
N CYS C 446 -4.99 17.82 -45.64
CA CYS C 446 -4.81 16.40 -45.91
C CYS C 446 -4.81 16.13 -47.41
N ASN C 447 -5.08 14.88 -47.78
CA ASN C 447 -5.33 14.51 -49.17
C ASN C 447 -6.81 14.22 -49.35
N ASN C 448 -7.34 14.63 -50.50
CA ASN C 448 -8.71 14.31 -50.86
C ASN C 448 -8.70 13.48 -52.14
N VAL C 449 -9.41 12.35 -52.10
CA VAL C 449 -9.46 11.46 -53.25
C VAL C 449 -10.14 12.11 -54.45
N LYS C 450 -10.91 13.17 -54.24
CA LYS C 450 -11.53 13.89 -55.35
C LYS C 450 -10.47 14.51 -56.26
N VAL C 451 -9.33 14.87 -55.71
CA VAL C 451 -8.21 15.41 -56.46
C VAL C 451 -7.13 14.34 -56.54
N LYS C 452 -6.39 14.35 -57.66
CA LYS C 452 -5.31 13.39 -57.85
C LYS C 452 -4.34 13.44 -56.67
N HIS C 453 -3.99 12.27 -56.14
CA HIS C 453 -3.26 12.16 -54.88
C HIS C 453 -1.99 12.99 -54.89
N ASP C 454 -1.88 13.90 -53.92
CA ASP C 454 -0.75 14.81 -53.74
C ASP C 454 -0.45 15.66 -54.97
N TRP C 455 -1.34 15.67 -55.96
CA TRP C 455 -1.12 16.45 -57.16
C TRP C 455 -1.34 17.94 -56.92
N PHE C 456 -2.34 18.28 -56.11
CA PHE C 456 -2.61 19.68 -55.81
C PHE C 456 -1.53 20.25 -54.89
N HIS C 457 -1.06 19.47 -53.93
CA HIS C 457 -0.10 19.97 -52.95
C HIS C 457 1.18 20.45 -53.61
N ILE C 458 1.81 19.60 -54.42
CA ILE C 458 3.14 19.91 -54.94
C ILE C 458 3.08 21.09 -55.91
N GLU C 459 2.24 20.99 -56.94
CA GLU C 459 2.17 22.04 -57.96
C GLU C 459 1.83 23.39 -57.35
N LEU C 460 1.10 23.39 -56.23
CA LEU C 460 0.71 24.65 -55.60
C LEU C 460 1.93 25.36 -55.02
N VAL C 461 2.80 24.62 -54.33
CA VAL C 461 3.91 25.25 -53.60
C VAL C 461 4.99 25.71 -54.56
N LYS C 462 5.29 24.90 -55.58
CA LYS C 462 6.37 25.23 -56.52
C LYS C 462 6.24 26.64 -57.06
N GLU C 463 5.11 26.94 -57.70
CA GLU C 463 4.85 28.28 -58.22
C GLU C 463 4.95 29.33 -57.12
N LEU C 464 4.72 28.93 -55.87
CA LEU C 464 4.79 29.90 -54.77
C LEU C 464 6.23 30.20 -54.38
N ILE C 465 7.13 29.21 -54.43
CA ILE C 465 8.54 29.52 -54.20
C ILE C 465 9.14 30.26 -55.39
N LYS C 466 8.85 29.77 -56.60
CA LYS C 466 9.37 30.40 -57.81
C LYS C 466 9.04 31.88 -57.87
N ASN C 467 8.03 32.33 -57.12
CA ASN C 467 7.70 33.75 -57.00
C ASN C 467 8.13 34.34 -55.66
N ASN C 468 9.19 33.79 -55.05
CA ASN C 468 9.88 34.40 -53.90
C ASN C 468 9.03 34.39 -52.62
N VAL C 469 8.34 33.29 -52.35
CA VAL C 469 7.46 33.20 -51.19
C VAL C 469 7.87 32.02 -50.32
N LEU C 470 8.25 32.32 -49.08
CA LEU C 470 8.54 31.27 -48.11
C LEU C 470 7.26 30.53 -47.73
N VAL C 471 7.36 29.21 -47.60
CA VAL C 471 6.20 28.35 -47.43
C VAL C 471 6.37 27.53 -46.17
N VAL C 472 5.59 27.82 -45.15
CA VAL C 472 5.49 26.98 -43.97
C VAL C 472 4.39 25.94 -44.23
N THR C 473 4.49 24.80 -43.57
CA THR C 473 3.55 23.71 -43.84
C THR C 473 3.42 22.81 -42.63
N THR C 474 2.28 22.11 -42.55
CA THR C 474 2.00 21.14 -41.51
C THR C 474 1.21 19.98 -42.10
N GLY C 475 0.90 19.00 -41.26
CA GLY C 475 -0.02 17.92 -41.58
C GLY C 475 0.38 17.14 -42.81
N CYS C 476 -0.64 16.57 -43.48
CA CYS C 476 -0.39 15.78 -44.68
C CYS C 476 0.07 16.64 -45.84
N SER C 477 -0.15 17.95 -45.78
CA SER C 477 0.49 18.83 -46.75
C SER C 477 2.01 18.82 -46.60
N ALA C 478 2.48 18.71 -45.35
CA ALA C 478 3.91 18.54 -45.11
C ALA C 478 4.38 17.16 -45.57
N HIS C 479 3.59 16.12 -45.28
CA HIS C 479 3.87 14.80 -45.82
C HIS C 479 3.97 14.84 -47.35
N ALA C 480 3.05 15.55 -48.00
CA ALA C 480 3.06 15.64 -49.46
C ALA C 480 4.37 16.26 -49.96
N LEU C 481 4.72 17.43 -49.44
CA LEU C 481 5.99 18.07 -49.79
C LEU C 481 7.19 17.27 -49.32
N ALA C 482 6.99 16.28 -48.46
CA ALA C 482 8.09 15.45 -47.97
C ALA C 482 8.46 14.37 -48.98
N LYS C 483 7.46 13.57 -49.39
CA LYS C 483 7.70 12.51 -50.36
C LYS C 483 8.12 13.05 -51.72
N ALA C 484 7.83 14.31 -52.00
CA ALA C 484 8.22 14.95 -53.26
C ALA C 484 9.50 15.75 -53.14
N GLY C 485 10.13 15.76 -51.96
CA GLY C 485 11.44 16.38 -51.80
C GLY C 485 11.49 17.87 -52.04
N LEU C 486 10.80 18.64 -51.19
CA LEU C 486 10.93 20.09 -51.20
C LEU C 486 11.50 20.65 -49.90
N MET C 487 11.58 19.85 -48.84
CA MET C 487 12.37 20.19 -47.68
C MET C 487 13.83 19.78 -47.84
N ASP C 488 14.24 19.51 -49.06
CA ASP C 488 15.64 19.17 -49.34
C ASP C 488 16.48 20.43 -49.29
N PRO C 489 17.61 20.43 -48.58
CA PRO C 489 18.42 21.66 -48.47
C PRO C 489 18.89 22.19 -49.81
N ALA C 490 19.06 21.32 -50.81
CA ALA C 490 19.50 21.75 -52.14
C ALA C 490 18.37 22.29 -52.99
N ALA C 491 17.11 22.15 -52.55
CA ALA C 491 15.97 22.61 -53.34
C ALA C 491 15.81 24.12 -53.32
N ALA C 492 16.65 24.85 -52.58
CA ALA C 492 16.54 26.31 -52.52
C ALA C 492 16.95 26.98 -53.82
N GLU C 493 17.47 26.24 -54.80
CA GLU C 493 17.78 26.84 -56.08
C GLU C 493 16.52 27.15 -56.87
N TRP C 494 15.46 26.36 -56.66
CA TRP C 494 14.18 26.63 -57.34
C TRP C 494 13.53 27.90 -56.81
N ALA C 495 13.82 28.27 -55.57
CA ALA C 495 13.38 29.55 -55.04
C ALA C 495 14.00 30.70 -55.83
N GLY C 496 13.46 31.89 -55.63
CA GLY C 496 13.99 33.06 -56.28
C GLY C 496 15.28 33.56 -55.65
N GLU C 497 15.86 34.57 -56.29
CA GLU C 497 17.16 35.08 -55.85
C GLU C 497 17.07 35.69 -54.46
N GLY C 498 16.03 36.50 -54.22
CA GLY C 498 15.84 37.06 -52.89
C GLY C 498 15.67 35.99 -51.84
N LEU C 499 14.80 35.02 -52.11
CA LEU C 499 14.59 33.92 -51.18
C LEU C 499 15.84 33.06 -51.05
N ARG C 500 16.62 32.91 -52.13
CA ARG C 500 17.87 32.16 -52.06
C ARG C 500 18.86 32.83 -51.13
N ALA C 501 18.89 34.17 -51.12
CA ALA C 501 19.83 34.88 -50.27
C ALA C 501 19.56 34.65 -48.79
N VAL C 502 18.28 34.57 -48.41
CA VAL C 502 17.92 34.40 -47.00
C VAL C 502 18.46 33.07 -46.48
N LEU C 503 17.98 31.97 -47.06
CA LEU C 503 18.28 30.64 -46.54
C LEU C 503 19.78 30.38 -46.50
N THR C 504 20.49 30.75 -47.58
CA THR C 504 21.94 30.64 -47.58
C THR C 504 22.56 31.47 -46.45
N ALA C 505 22.07 32.69 -46.25
CA ALA C 505 22.57 33.51 -45.16
C ALA C 505 22.26 32.89 -43.81
N ILE C 506 21.02 32.44 -43.62
CA ILE C 506 20.66 31.73 -42.39
C ILE C 506 21.43 30.43 -42.28
N GLY C 507 21.51 29.68 -43.37
CA GLY C 507 22.18 28.38 -43.34
C GLY C 507 23.66 28.50 -43.07
N THR C 508 24.35 29.37 -43.81
CA THR C 508 25.78 29.55 -43.59
C THR C 508 26.07 30.07 -42.19
N ALA C 509 25.17 30.90 -41.64
CA ALA C 509 25.33 31.35 -40.27
C ALA C 509 25.14 30.22 -39.26
N ASN C 510 24.43 29.16 -39.65
CA ASN C 510 24.20 28.01 -38.78
C ASN C 510 24.94 26.77 -39.22
N ASP C 511 25.69 26.84 -40.33
CA ASP C 511 26.60 25.77 -40.76
C ASP C 511 25.87 24.44 -40.95
N LEU C 512 24.87 24.45 -41.83
CA LEU C 512 24.11 23.26 -42.15
C LEU C 512 24.54 22.62 -43.47
N GLY C 513 25.53 23.19 -44.15
CA GLY C 513 25.98 22.64 -45.42
C GLY C 513 25.00 22.84 -46.54
N GLY C 514 24.48 24.06 -46.66
CA GLY C 514 23.50 24.36 -47.67
C GLY C 514 22.41 25.27 -47.14
N PRO C 515 21.55 25.76 -48.03
CA PRO C 515 20.49 26.68 -47.60
C PRO C 515 19.40 25.95 -46.84
N LEU C 516 18.62 26.73 -46.09
CA LEU C 516 17.41 26.19 -45.48
C LEU C 516 16.46 25.74 -46.59
N PRO C 517 15.64 24.71 -46.33
CA PRO C 517 14.69 24.28 -47.34
C PRO C 517 13.71 25.39 -47.64
N PRO C 518 13.22 25.46 -48.88
CA PRO C 518 12.22 26.49 -49.22
C PRO C 518 10.89 26.26 -48.52
N VAL C 519 10.63 25.04 -48.04
CA VAL C 519 9.42 24.71 -47.30
C VAL C 519 9.83 24.27 -45.90
N LEU C 520 9.13 24.79 -44.89
CA LEU C 520 9.45 24.51 -43.49
C LEU C 520 8.37 23.63 -42.88
N HIS C 521 8.79 22.49 -42.31
CA HIS C 521 7.88 21.56 -41.65
C HIS C 521 7.72 22.01 -40.21
N MET C 522 6.60 22.67 -39.91
CA MET C 522 6.35 23.19 -38.57
C MET C 522 5.56 22.23 -37.70
N GLY C 523 5.28 21.02 -38.18
CA GLY C 523 4.69 20.00 -37.33
C GLY C 523 3.40 19.39 -37.85
N SER C 524 2.55 18.97 -36.93
CA SER C 524 1.28 18.33 -37.27
C SER C 524 0.20 19.39 -37.50
N CYS C 525 -1.02 18.94 -37.82
CA CYS C 525 -2.14 19.85 -37.96
C CYS C 525 -2.32 20.69 -36.69
N VAL C 526 -2.22 20.04 -35.52
CA VAL C 526 -2.29 20.75 -34.26
C VAL C 526 -1.19 21.81 -34.18
N ASP C 527 -0.03 21.55 -34.79
CA ASP C 527 1.07 22.51 -34.77
C ASP C 527 0.83 23.72 -35.67
N ASN C 528 -0.33 23.84 -36.31
CA ASN C 528 -0.67 25.09 -36.99
C ASN C 528 -0.65 26.27 -36.05
N SER C 529 -0.79 26.02 -34.74
CA SER C 529 -0.65 27.08 -33.74
C SER C 529 0.71 27.76 -33.85
N ARG C 530 1.76 26.99 -34.18
CA ARG C 530 3.08 27.59 -34.36
C ARG C 530 3.06 28.65 -35.44
N ILE C 531 2.46 28.33 -36.60
CA ILE C 531 2.23 29.35 -37.62
C ILE C 531 1.46 30.52 -37.02
N GLY C 532 0.34 30.22 -36.36
CA GLY C 532 -0.40 31.22 -35.62
C GLY C 532 0.50 32.03 -34.71
N ASP C 533 1.24 31.33 -33.83
CA ASP C 533 2.23 32.01 -33.01
C ASP C 533 3.20 32.83 -33.85
N LEU C 534 3.59 32.31 -35.02
CA LEU C 534 4.58 32.99 -35.84
C LEU C 534 4.07 34.32 -36.34
N VAL C 535 2.92 34.33 -37.04
CA VAL C 535 2.44 35.57 -37.65
C VAL C 535 2.11 36.61 -36.59
N ILE C 536 1.68 36.19 -35.39
CA ILE C 536 1.42 37.15 -34.34
C ILE C 536 2.72 37.85 -33.93
N ALA C 537 3.83 37.12 -33.94
CA ALA C 537 5.11 37.69 -33.55
C ALA C 537 5.55 38.78 -34.52
N VAL C 538 5.48 38.49 -35.82
CA VAL C 538 5.88 39.49 -36.81
C VAL C 538 4.81 40.57 -36.96
N ALA C 539 3.54 40.23 -36.74
CA ALA C 539 2.50 41.27 -36.71
C ALA C 539 2.74 42.23 -35.55
N ASN C 540 3.02 41.69 -34.36
CA ASN C 540 3.32 42.54 -33.21
C ASN C 540 4.57 43.38 -33.45
N TYR C 541 5.54 42.84 -34.20
CA TYR C 541 6.77 43.58 -34.44
C TYR C 541 6.55 44.73 -35.41
N LEU C 542 5.77 44.51 -36.47
CA LEU C 542 5.46 45.59 -37.41
C LEU C 542 4.47 46.60 -36.85
N LYS C 543 4.07 46.45 -35.58
CA LYS C 543 3.06 47.31 -34.97
C LYS C 543 1.75 47.29 -35.76
N VAL C 544 1.43 46.15 -36.36
CA VAL C 544 0.21 45.97 -37.12
C VAL C 544 -0.50 44.73 -36.59
N SER C 545 -1.64 44.42 -37.19
CA SER C 545 -2.41 43.23 -36.84
C SER C 545 -2.07 42.10 -37.81
N PRO C 546 -2.36 40.85 -37.42
CA PRO C 546 -2.10 39.73 -38.34
C PRO C 546 -2.85 39.82 -39.65
N LYS C 547 -3.96 40.56 -39.72
CA LYS C 547 -4.72 40.65 -40.95
C LYS C 547 -4.07 41.55 -41.98
N ASP C 548 -3.11 42.39 -41.58
CA ASP C 548 -2.44 43.30 -42.49
C ASP C 548 -1.30 42.63 -43.26
N LEU C 549 -0.74 41.54 -42.73
CA LEU C 549 0.46 40.96 -43.30
C LEU C 549 0.15 40.26 -44.63
N PRO C 550 1.15 40.14 -45.52
CA PRO C 550 0.93 39.51 -46.83
C PRO C 550 1.01 37.99 -46.78
N ILE C 551 0.19 37.40 -45.91
CA ILE C 551 0.19 35.96 -45.70
C ILE C 551 -1.17 35.40 -46.13
N ALA C 552 -1.19 34.10 -46.39
CA ALA C 552 -2.42 33.43 -46.81
C ALA C 552 -2.26 31.93 -46.57
N ALA C 553 -3.16 31.36 -45.78
CA ALA C 553 -3.17 29.91 -45.61
C ALA C 553 -3.87 29.26 -46.80
N SER C 554 -3.72 27.94 -46.90
CA SER C 554 -4.31 27.19 -47.99
C SER C 554 -4.37 25.72 -47.61
N ALA C 555 -5.47 25.07 -47.97
CA ALA C 555 -5.67 23.64 -47.74
C ALA C 555 -5.91 22.98 -49.09
N PRO C 556 -4.85 22.59 -49.79
CA PRO C 556 -5.02 22.14 -51.19
C PRO C 556 -5.88 20.90 -51.36
N GLU C 557 -5.82 19.94 -50.45
CA GLU C 557 -6.55 18.69 -50.62
C GLU C 557 -7.20 18.25 -49.31
N TYR C 558 -7.75 19.20 -48.56
CA TYR C 558 -8.37 18.87 -47.28
C TYR C 558 -9.53 17.91 -47.47
N GLN C 559 -9.95 17.29 -46.37
CA GLN C 559 -11.10 16.38 -46.42
C GLN C 559 -11.77 16.22 -45.05
N HIS C 560 -11.00 16.32 -43.97
CA HIS C 560 -11.54 16.05 -42.65
C HIS C 560 -12.29 17.27 -42.11
N GLU C 561 -13.28 16.99 -41.25
CA GLU C 561 -14.01 18.08 -40.60
C GLU C 561 -13.08 18.96 -39.76
N LYS C 562 -11.96 18.39 -39.30
CA LYS C 562 -10.95 19.20 -38.60
C LYS C 562 -10.41 20.30 -39.50
N ALA C 563 -10.22 20.00 -40.79
CA ALA C 563 -9.67 20.99 -41.71
C ALA C 563 -10.60 22.19 -41.86
N LEU C 564 -11.92 21.94 -41.87
CA LEU C 564 -12.87 23.03 -41.87
C LEU C 564 -12.70 23.91 -40.64
N SER C 565 -12.51 23.30 -39.48
CA SER C 565 -12.23 24.06 -38.27
C SER C 565 -10.91 24.83 -38.40
N ILE C 566 -9.91 24.22 -39.05
CA ILE C 566 -8.62 24.88 -39.24
C ILE C 566 -8.78 26.12 -40.10
N GLY C 567 -9.44 25.97 -41.24
CA GLY C 567 -9.65 27.10 -42.12
C GLY C 567 -10.49 28.19 -41.49
N THR C 568 -11.54 27.80 -40.75
CA THR C 568 -12.35 28.79 -40.04
C THR C 568 -11.51 29.57 -39.04
N TRP C 569 -10.61 28.87 -38.33
CA TRP C 569 -9.74 29.56 -37.37
C TRP C 569 -8.78 30.51 -38.08
N ALA C 570 -8.13 30.05 -39.14
CA ALA C 570 -7.24 30.91 -39.89
C ALA C 570 -7.99 32.10 -40.47
N VAL C 571 -9.19 31.87 -40.99
CA VAL C 571 -10.03 32.97 -41.47
C VAL C 571 -10.42 33.89 -40.32
N ALA C 572 -10.70 33.31 -39.14
CA ALA C 572 -10.99 34.12 -37.97
C ALA C 572 -9.77 34.92 -37.52
N MET C 573 -8.57 34.39 -37.74
CA MET C 573 -7.35 35.13 -37.40
C MET C 573 -7.09 36.30 -38.35
N GLY C 574 -7.88 36.46 -39.39
CA GLY C 574 -7.67 37.54 -40.33
C GLY C 574 -6.86 37.17 -41.54
N ILE C 575 -6.84 35.90 -41.93
CA ILE C 575 -5.99 35.40 -43.01
C ILE C 575 -6.88 34.65 -43.99
N MET C 576 -6.70 34.92 -45.28
CA MET C 576 -7.46 34.20 -46.30
C MET C 576 -7.00 32.76 -46.40
N THR C 577 -7.95 31.86 -46.59
CA THR C 577 -7.70 30.43 -46.70
C THR C 577 -8.23 29.92 -48.03
N HIS C 578 -7.36 29.27 -48.80
CA HIS C 578 -7.79 28.64 -50.05
C HIS C 578 -8.29 27.23 -49.79
N LEU C 579 -9.19 26.77 -50.66
CA LEU C 579 -9.84 25.47 -50.51
C LEU C 579 -9.75 24.73 -51.84
N GLY C 580 -8.87 23.74 -51.91
CA GLY C 580 -8.70 22.99 -53.15
C GLY C 580 -9.90 22.14 -53.51
N VAL C 581 -10.58 21.60 -52.50
CA VAL C 581 -11.82 20.85 -52.72
C VAL C 581 -12.99 21.82 -52.59
N VAL C 582 -14.16 21.40 -53.08
CA VAL C 582 -15.35 22.24 -53.12
C VAL C 582 -16.13 22.03 -51.82
N PRO C 583 -16.17 23.02 -50.92
CA PRO C 583 -16.91 22.85 -49.67
C PRO C 583 -18.41 23.00 -49.90
N PRO C 584 -19.23 22.34 -49.08
CA PRO C 584 -20.69 22.48 -49.23
C PRO C 584 -21.21 23.87 -48.89
N VAL C 585 -20.60 24.89 -49.48
CA VAL C 585 -21.07 26.26 -49.39
C VAL C 585 -21.50 26.81 -50.74
N VAL C 586 -21.19 26.11 -51.83
CA VAL C 586 -21.49 26.60 -53.16
C VAL C 586 -22.98 26.71 -53.44
N GLY C 587 -23.81 25.97 -52.70
CA GLY C 587 -25.24 26.02 -52.94
C GLY C 587 -25.82 27.41 -52.75
N SER C 588 -25.49 28.04 -51.63
CA SER C 588 -25.98 29.38 -51.34
C SER C 588 -25.08 30.43 -51.99
N SER C 589 -25.71 31.42 -52.61
CA SER C 589 -24.95 32.56 -53.10
C SER C 589 -24.56 33.49 -51.97
N LYS C 590 -25.43 33.64 -50.97
CA LYS C 590 -25.15 34.55 -49.87
C LYS C 590 -24.10 33.95 -48.92
N VAL C 591 -24.30 32.70 -48.50
CA VAL C 591 -23.35 32.07 -47.57
C VAL C 591 -21.95 32.04 -48.19
N THR C 592 -21.86 31.64 -49.46
CA THR C 592 -20.58 31.74 -50.16
C THR C 592 -20.07 33.17 -50.16
N ARG C 593 -20.93 34.12 -50.55
CA ARG C 593 -20.52 35.52 -50.56
C ARG C 593 -20.18 36.01 -49.15
N ILE C 594 -20.81 35.44 -48.12
CA ILE C 594 -20.46 35.81 -46.76
C ILE C 594 -19.06 35.30 -46.43
N LEU C 595 -18.79 34.03 -46.72
CA LEU C 595 -17.47 33.47 -46.47
C LEU C 595 -16.44 34.01 -47.46
N THR C 596 -16.77 33.99 -48.76
CA THR C 596 -15.80 34.35 -49.77
C THR C 596 -15.68 35.85 -50.00
N GLN C 597 -16.65 36.64 -49.54
CA GLN C 597 -16.55 38.07 -49.84
C GLN C 597 -16.85 38.96 -48.64
N ASP C 598 -17.83 38.61 -47.80
CA ASP C 598 -18.20 39.49 -46.70
C ASP C 598 -17.22 39.43 -45.53
N ALA C 599 -16.55 38.30 -45.34
CA ALA C 599 -15.75 38.11 -44.12
C ALA C 599 -14.60 39.10 -44.03
N GLU C 600 -14.10 39.58 -45.18
CA GLU C 600 -12.99 40.53 -45.15
C GLU C 600 -13.39 41.83 -44.46
N ALA C 601 -14.64 42.25 -44.63
CA ALA C 601 -15.14 43.42 -43.90
C ALA C 601 -15.44 43.09 -42.44
N LEU C 602 -15.91 41.86 -42.18
CA LEU C 602 -16.28 41.49 -40.81
C LEU C 602 -15.05 41.15 -39.98
N ILE C 603 -14.17 40.29 -40.49
CA ILE C 603 -13.14 39.70 -39.65
C ILE C 603 -11.80 39.63 -40.39
N GLY C 604 -11.81 39.98 -41.69
CA GLY C 604 -10.58 40.02 -42.45
C GLY C 604 -10.11 38.69 -43.00
N GLY C 605 -10.96 37.66 -42.99
CA GLY C 605 -10.64 36.39 -43.60
C GLY C 605 -11.42 36.19 -44.89
N LYS C 606 -11.14 35.05 -45.54
CA LYS C 606 -11.73 34.79 -46.84
C LYS C 606 -11.49 33.35 -47.23
N PHE C 607 -12.53 32.69 -47.73
CA PHE C 607 -12.44 31.35 -48.30
C PHE C 607 -12.34 31.44 -49.81
N TYR C 608 -11.45 30.64 -50.39
CA TYR C 608 -11.25 30.58 -51.84
C TYR C 608 -11.50 29.16 -52.29
N VAL C 609 -12.57 28.96 -53.06
CA VAL C 609 -12.95 27.66 -53.57
C VAL C 609 -12.39 27.56 -54.99
N GLU C 610 -11.24 26.90 -55.13
CA GLU C 610 -10.61 26.70 -56.43
C GLU C 610 -10.12 25.26 -56.52
N THR C 611 -10.55 24.54 -57.55
CA THR C 611 -10.21 23.14 -57.71
C THR C 611 -9.01 22.91 -58.63
N ASP C 612 -8.50 23.95 -59.27
CA ASP C 612 -7.35 23.82 -60.16
C ASP C 612 -6.11 24.37 -59.48
N PRO C 613 -5.00 23.59 -59.43
CA PRO C 613 -3.81 24.07 -58.70
C PRO C 613 -3.20 25.32 -59.29
N TYR C 614 -3.03 25.36 -60.61
CA TYR C 614 -2.43 26.53 -61.25
C TYR C 614 -3.37 27.73 -61.15
N LYS C 615 -4.68 27.50 -61.26
CA LYS C 615 -5.64 28.57 -61.00
C LYS C 615 -5.59 29.01 -59.53
N ALA C 616 -5.44 28.05 -58.61
CA ALA C 616 -5.37 28.38 -57.20
C ALA C 616 -4.10 29.17 -56.88
N ALA C 617 -2.96 28.74 -57.42
CA ALA C 617 -1.71 29.45 -57.19
C ALA C 617 -1.79 30.88 -57.69
N ALA C 618 -2.32 31.06 -58.91
CA ALA C 618 -2.43 32.40 -59.48
C ALA C 618 -3.33 33.30 -58.63
N GLY C 619 -4.42 32.75 -58.09
CA GLY C 619 -5.30 33.55 -57.26
C GLY C 619 -4.67 33.96 -55.94
N ILE C 620 -3.99 33.02 -55.28
CA ILE C 620 -3.36 33.33 -53.99
C ILE C 620 -2.19 34.28 -54.19
N ILE C 621 -1.40 34.06 -55.24
CA ILE C 621 -0.28 34.96 -55.53
C ILE C 621 -0.79 36.38 -55.76
N GLU C 622 -1.92 36.51 -56.47
CA GLU C 622 -2.56 37.81 -56.60
C GLU C 622 -3.04 38.31 -55.24
N HIS C 623 -3.57 37.42 -54.41
CA HIS C 623 -4.01 37.81 -53.07
C HIS C 623 -2.83 38.34 -52.24
N ILE C 624 -1.72 37.62 -52.25
CA ILE C 624 -0.51 38.10 -51.57
C ILE C 624 0.00 39.38 -52.24
N LYS C 625 -0.11 39.45 -53.57
CA LYS C 625 0.25 40.66 -54.29
C LYS C 625 -0.61 41.83 -53.85
N ALA C 626 -1.91 41.58 -53.64
CA ALA C 626 -2.82 42.64 -53.22
C ALA C 626 -2.50 43.10 -51.80
N LYS C 627 -2.32 42.16 -50.87
CA LYS C 627 -1.92 42.51 -49.52
C LYS C 627 -0.60 43.27 -49.51
N ARG C 628 0.29 42.95 -50.47
CA ARG C 628 1.55 43.66 -50.56
C ARG C 628 1.35 45.13 -50.94
N ALA C 629 0.42 45.40 -51.86
CA ALA C 629 0.18 46.78 -52.28
C ALA C 629 -0.43 47.61 -51.17
N LEU C 630 -1.31 47.01 -50.36
CA LEU C 630 -1.89 47.74 -49.23
C LEU C 630 -0.82 48.15 -48.24
N LEU C 631 0.26 47.38 -48.12
CA LEU C 631 1.40 47.73 -47.30
C LEU C 631 2.39 48.63 -48.03
N ASN C 632 2.04 49.09 -49.24
CA ASN C 632 2.86 50.01 -50.02
C ASN C 632 4.23 49.42 -50.36
N LEU C 633 4.32 48.09 -50.41
CA LEU C 633 5.58 47.43 -50.72
C LEU C 633 5.61 46.93 -52.15
#